data_8XUP
#
_entry.id   8XUP
#
_cell.length_a   197.193
_cell.length_b   99.439
_cell.length_c   196.244
_cell.angle_alpha   90.000
_cell.angle_beta   104.450
_cell.angle_gamma   90.000
#
_symmetry.space_group_name_H-M   'C 1 2 1'
#
loop_
_entity.id
_entity.type
_entity.pdbx_description
1 polymer 'Lipoprotein NlpI'
2 polymer 'Murein DD-endopeptidase MepS/Murein LD-carboxypeptidase'
3 water water
#
loop_
_entity_poly.entity_id
_entity_poly.type
_entity_poly.pdbx_seq_one_letter_code
_entity_poly.pdbx_strand_id
1 'polypeptide(L)'
;MGSSHHHHHHSSGENLYFQGHMSNTSWRKSEVLAVPLQPTLQQEVILARMEQILASRALTDDERAQLLYERGVLYDSLGL
RALARNDFSQALAIRPDMPEVFNYLGIYLTQAGNFDAAYEAFDSVLELDPTYNYAHLNRGIALYYGGRDKLAQDDLLAFY
QDDPNDPFRSLWLYLAEQKLDEKQAKEVLKQHFEKSDKEQWGWNIVEFYLGNISEQTLMERLKADATDNTSLAEHLSETN
FYLGKYYLSLGDLDSATALFKLAVANNVHNFVEHRYALLELSLLGQDQDDLAESDQQ
;
A,B,C,D
2 'polypeptide(L)'
;MSANNTAKNMHPETRAVGSETSSLQASQDEFENLVRNVDVKSRIMDQYADWKGVRYRLGGSTKKGIDCSGFVQRTFREQF
GLELPRSTYEQQEMGKSVSRSNLRTGDLVLFRAGSTGRHVGIYIGNNQFVHASTSSGVIISSMNEPYWKKRYNEARRVLS
RSHHHHHH
;
E,F,G,H,I,J,K,L
#
# COMPACT_ATOMS: atom_id res chain seq x y z
N LYS A 29 7.76 32.50 42.77
CA LYS A 29 7.09 33.57 43.56
C LYS A 29 8.00 33.92 44.74
N SER A 30 8.82 34.97 44.51
CA SER A 30 10.03 35.35 45.26
C SER A 30 11.05 34.21 45.34
N GLU A 31 10.90 33.23 44.42
N GLU A 31 10.92 33.21 44.45
CA GLU A 31 11.60 31.95 44.47
CA GLU A 31 11.74 32.00 44.50
C GLU A 31 12.20 31.69 43.08
C GLU A 31 12.17 31.68 43.07
N VAL A 32 12.77 30.49 42.88
CA VAL A 32 13.57 30.20 41.70
C VAL A 32 12.78 29.32 40.73
N LEU A 33 12.56 29.89 39.54
CA LEU A 33 11.63 29.37 38.56
C LEU A 33 12.23 29.53 37.17
N ALA A 34 11.95 28.53 36.33
CA ALA A 34 12.30 28.57 34.92
C ALA A 34 11.03 28.67 34.09
N VAL A 35 11.19 29.14 32.85
CA VAL A 35 10.17 28.96 31.86
C VAL A 35 10.09 27.45 31.66
N PRO A 36 8.93 26.83 32.00
CA PRO A 36 8.69 25.44 31.64
C PRO A 36 9.12 25.15 30.21
N LEU A 37 9.94 24.10 30.08
CA LEU A 37 10.49 23.79 28.79
C LEU A 37 9.35 23.50 27.82
N GLN A 38 9.59 23.88 26.56
CA GLN A 38 8.66 23.72 25.44
C GLN A 38 9.29 22.80 24.39
N PRO A 39 8.49 22.10 23.54
CA PRO A 39 9.07 21.28 22.46
C PRO A 39 10.03 22.12 21.61
N THR A 40 11.25 21.61 21.38
CA THR A 40 12.21 22.29 20.52
C THR A 40 11.82 22.06 19.08
N LEU A 41 12.20 23.03 18.24
CA LEU A 41 12.03 22.96 16.81
C LEU A 41 12.66 21.68 16.26
N GLN A 42 13.79 21.23 16.81
CA GLN A 42 14.43 20.01 16.36
C GLN A 42 13.51 18.81 16.58
N GLN A 43 12.91 18.73 17.77
CA GLN A 43 12.03 17.61 18.11
C GLN A 43 10.89 17.54 17.10
N GLU A 44 10.32 18.70 16.78
CA GLU A 44 9.17 18.71 15.90
C GLU A 44 9.58 18.40 14.44
N VAL A 45 10.72 18.92 13.98
CA VAL A 45 11.21 18.59 12.65
C VAL A 45 11.40 17.07 12.53
N ILE A 46 12.03 16.47 13.55
CA ILE A 46 12.37 15.06 13.50
C ILE A 46 11.10 14.21 13.57
N LEU A 47 10.13 14.58 14.42
CA LEU A 47 8.86 13.85 14.46
C LEU A 47 8.10 13.95 13.14
N ALA A 48 8.06 15.17 12.56
CA ALA A 48 7.38 15.43 11.30
C ALA A 48 7.93 14.56 10.17
N ARG A 49 9.24 14.31 10.21
CA ARG A 49 9.95 13.58 9.17
C ARG A 49 9.82 12.06 9.36
N MET A 50 10.03 11.61 10.59
CA MET A 50 9.77 10.23 10.97
C MET A 50 8.41 9.78 10.45
N GLU A 51 7.39 10.64 10.61
CA GLU A 51 6.03 10.30 10.22
C GLU A 51 5.94 10.07 8.71
N GLN A 52 6.65 10.92 7.95
CA GLN A 52 6.75 10.73 6.51
C GLN A 52 7.42 9.41 6.18
N ILE A 53 8.51 9.07 6.87
CA ILE A 53 9.28 7.87 6.54
C ILE A 53 8.50 6.62 6.93
N LEU A 54 7.88 6.63 8.11
CA LEU A 54 7.10 5.50 8.62
C LEU A 54 5.87 5.28 7.76
N ALA A 55 5.36 6.34 7.14
CA ALA A 55 4.23 6.20 6.22
C ALA A 55 4.65 5.57 4.91
N SER A 56 5.95 5.54 4.59
CA SER A 56 6.41 4.86 3.37
C SER A 56 6.41 3.35 3.61
N ARG A 57 6.51 2.59 2.51
CA ARG A 57 6.57 1.13 2.55
C ARG A 57 7.92 0.66 2.02
N ALA A 58 8.93 1.55 2.12
CA ALA A 58 10.29 1.28 1.65
C ALA A 58 11.23 1.02 2.84
N LEU A 59 10.72 0.28 3.84
CA LEU A 59 11.40 0.04 5.10
C LEU A 59 11.50 -1.45 5.38
N THR A 60 12.71 -1.96 5.65
CA THR A 60 12.89 -3.26 6.29
C THR A 60 12.20 -3.26 7.64
N ASP A 61 11.93 -4.47 8.14
CA ASP A 61 11.53 -4.69 9.52
C ASP A 61 12.58 -4.03 10.43
N ASP A 62 13.86 -4.20 10.08
CA ASP A 62 14.96 -3.82 10.95
C ASP A 62 15.04 -2.29 11.03
N GLU A 63 14.95 -1.61 9.87
CA GLU A 63 15.06 -0.16 9.86
C GLU A 63 13.77 0.49 10.34
N ARG A 64 12.62 -0.20 10.18
CA ARG A 64 11.35 0.27 10.77
C ARG A 64 11.38 0.20 12.30
N ALA A 65 11.75 -0.95 12.86
CA ALA A 65 11.88 -1.11 14.31
C ALA A 65 12.77 -0.02 14.91
N GLN A 66 13.80 0.38 14.17
CA GLN A 66 14.77 1.37 14.61
C GLN A 66 14.13 2.75 14.72
N LEU A 67 13.37 3.16 13.69
CA LEU A 67 12.65 4.44 13.66
C LEU A 67 11.60 4.50 14.76
N LEU A 68 10.89 3.38 14.96
CA LEU A 68 9.91 3.26 16.04
C LEU A 68 10.59 3.40 17.40
N TYR A 69 11.69 2.69 17.62
CA TYR A 69 12.39 2.82 18.89
C TYR A 69 12.76 4.29 19.09
N GLU A 70 13.29 4.95 18.05
CA GLU A 70 13.89 6.28 18.23
C GLU A 70 12.80 7.35 18.27
N ARG A 71 11.65 7.05 17.67
CA ARG A 71 10.51 7.95 17.83
C ARG A 71 9.91 7.80 19.21
N GLY A 72 9.84 6.55 19.69
CA GLY A 72 9.45 6.29 21.06
C GLY A 72 10.25 7.15 22.05
N VAL A 73 11.58 7.22 21.85
CA VAL A 73 12.47 7.97 22.75
C VAL A 73 12.12 9.45 22.74
N LEU A 74 11.87 9.94 21.53
CA LEU A 74 11.45 11.31 21.27
C LEU A 74 10.09 11.60 21.90
N TYR A 75 9.09 10.73 21.64
CA TYR A 75 7.80 10.88 22.27
C TYR A 75 7.97 10.87 23.79
N ASP A 76 8.81 9.97 24.32
CA ASP A 76 9.03 9.94 25.76
C ASP A 76 9.66 11.24 26.28
N SER A 77 10.46 11.94 25.46
CA SER A 77 11.11 13.17 25.90
C SER A 77 10.15 14.36 25.95
N LEU A 78 9.02 14.26 25.22
CA LEU A 78 7.93 15.24 25.22
C LEU A 78 6.82 14.88 26.22
N GLY A 79 6.99 13.77 26.95
CA GLY A 79 6.02 13.37 27.95
C GLY A 79 4.80 12.65 27.36
N LEU A 80 4.87 12.22 26.10
CA LEU A 80 3.82 11.42 25.50
C LEU A 80 4.16 9.91 25.68
N ARG A 81 3.84 9.38 26.86
CA ARG A 81 4.36 8.06 27.24
C ARG A 81 3.50 6.95 26.66
N ALA A 82 2.20 7.19 26.45
CA ALA A 82 1.35 6.17 25.83
C ALA A 82 1.75 5.93 24.38
N LEU A 83 2.03 7.01 23.65
CA LEU A 83 2.49 6.92 22.27
C LEU A 83 3.86 6.26 22.21
N ALA A 84 4.79 6.64 23.11
CA ALA A 84 6.12 6.07 23.13
C ALA A 84 6.03 4.56 23.38
N ARG A 85 5.29 4.18 24.42
CA ARG A 85 5.15 2.78 24.77
C ARG A 85 4.58 2.04 23.56
N ASN A 86 3.66 2.69 22.81
CA ASN A 86 3.03 2.06 21.65
C ASN A 86 4.07 1.76 20.58
N ASP A 87 5.01 2.69 20.34
CA ASP A 87 6.05 2.50 19.33
C ASP A 87 7.04 1.43 19.74
N PHE A 88 7.48 1.50 21.00
CA PHE A 88 8.37 0.51 21.60
C PHE A 88 7.79 -0.89 21.47
N SER A 89 6.51 -1.01 21.80
CA SER A 89 5.85 -2.30 21.73
C SER A 89 5.88 -2.84 20.30
N GLN A 90 5.70 -1.96 19.31
CA GLN A 90 5.72 -2.34 17.92
C GLN A 90 7.14 -2.65 17.42
N ALA A 91 8.13 -1.94 17.95
CA ALA A 91 9.54 -2.16 17.64
C ALA A 91 9.96 -3.59 18.06
N LEU A 92 9.48 -4.01 19.25
CA LEU A 92 9.83 -5.28 19.86
C LEU A 92 9.19 -6.45 19.12
N ALA A 93 7.95 -6.25 18.64
CA ALA A 93 7.23 -7.26 17.89
C ALA A 93 7.89 -7.57 16.55
N ILE A 94 8.89 -6.75 16.15
CA ILE A 94 9.57 -6.90 14.88
C ILE A 94 11.02 -7.34 15.11
N ARG A 95 11.67 -6.71 16.09
CA ARG A 95 13.03 -7.05 16.52
C ARG A 95 12.97 -7.34 18.03
N PRO A 96 12.80 -8.63 18.42
CA PRO A 96 12.78 -9.04 19.83
C PRO A 96 14.01 -8.71 20.70
N ASP A 97 15.20 -8.75 20.10
CA ASP A 97 16.45 -8.47 20.78
C ASP A 97 16.64 -6.96 20.94
N MET A 98 15.88 -6.38 21.89
CA MET A 98 15.93 -4.96 22.12
C MET A 98 15.82 -4.70 23.61
N PRO A 99 16.98 -4.81 24.31
CA PRO A 99 17.01 -4.57 25.74
C PRO A 99 16.61 -3.13 26.04
N GLU A 100 16.86 -2.20 25.10
CA GLU A 100 16.52 -0.80 25.28
C GLU A 100 15.00 -0.60 25.28
N VAL A 101 14.27 -1.40 24.51
CA VAL A 101 12.82 -1.39 24.58
C VAL A 101 12.33 -1.86 25.95
N PHE A 102 12.83 -3.03 26.42
CA PHE A 102 12.40 -3.59 27.69
C PHE A 102 12.71 -2.67 28.87
N ASN A 103 13.75 -1.84 28.73
CA ASN A 103 14.14 -0.91 29.77
C ASN A 103 13.02 0.12 30.01
N TYR A 104 12.58 0.73 28.90
CA TYR A 104 11.50 1.70 28.88
C TYR A 104 10.17 1.09 29.31
N LEU A 105 9.92 -0.18 28.95
CA LEU A 105 8.67 -0.83 29.31
C LEU A 105 8.65 -1.01 30.83
N GLY A 106 9.84 -1.35 31.38
CA GLY A 106 10.02 -1.47 32.81
C GLY A 106 9.74 -0.16 33.53
N ILE A 107 10.38 0.91 33.04
CA ILE A 107 10.17 2.25 33.56
C ILE A 107 8.69 2.62 33.59
N TYR A 108 7.95 2.32 32.51
CA TYR A 108 6.54 2.70 32.42
C TYR A 108 5.65 1.87 33.34
N LEU A 109 6.02 0.60 33.59
CA LEU A 109 5.31 -0.24 34.54
C LEU A 109 5.57 0.25 35.96
N THR A 110 6.74 0.88 36.18
CA THR A 110 7.07 1.43 37.49
C THR A 110 6.18 2.64 37.74
N GLN A 111 6.12 3.55 36.74
CA GLN A 111 5.30 4.76 36.83
C GLN A 111 3.81 4.40 36.97
N ALA A 112 3.42 3.21 36.50
CA ALA A 112 2.03 2.77 36.60
C ALA A 112 1.76 2.09 37.96
N GLY A 113 2.81 1.84 38.75
CA GLY A 113 2.65 1.08 39.99
C GLY A 113 2.62 -0.45 39.82
N ASN A 114 2.96 -0.98 38.63
CA ASN A 114 3.08 -2.42 38.44
C ASN A 114 4.52 -2.89 38.69
N PHE A 115 4.94 -2.86 39.95
CA PHE A 115 6.33 -3.16 40.27
C PHE A 115 6.65 -4.62 39.89
N ASP A 116 5.72 -5.56 40.07
CA ASP A 116 5.99 -6.95 39.74
C ASP A 116 6.29 -7.12 38.25
N ALA A 117 5.52 -6.49 37.36
CA ALA A 117 5.73 -6.66 35.92
C ALA A 117 7.04 -5.96 35.51
N ALA A 118 7.39 -4.94 36.31
CA ALA A 118 8.54 -4.08 36.09
C ALA A 118 9.83 -4.82 36.40
N TYR A 119 9.90 -5.43 37.58
CA TYR A 119 11.03 -6.29 37.92
C TYR A 119 11.31 -7.28 36.79
N GLU A 120 10.25 -7.82 36.18
CA GLU A 120 10.34 -8.84 35.17
C GLU A 120 10.92 -8.26 33.89
N ALA A 121 10.48 -7.05 33.53
CA ALA A 121 10.96 -6.38 32.34
C ALA A 121 12.48 -6.10 32.44
N PHE A 122 12.97 -5.69 33.62
CA PHE A 122 14.39 -5.41 33.84
C PHE A 122 15.17 -6.71 33.91
N ASP A 123 14.57 -7.76 34.50
CA ASP A 123 15.13 -9.09 34.40
C ASP A 123 15.47 -9.37 32.93
N SER A 124 14.54 -9.04 32.03
CA SER A 124 14.71 -9.30 30.62
C SER A 124 15.88 -8.52 30.02
N VAL A 125 15.97 -7.21 30.35
CA VAL A 125 17.06 -6.35 29.88
C VAL A 125 18.39 -7.06 30.07
N LEU A 126 18.61 -7.62 31.28
CA LEU A 126 19.92 -8.07 31.71
C LEU A 126 20.16 -9.52 31.32
N GLU A 127 19.10 -10.20 30.89
CA GLU A 127 19.27 -11.47 30.20
C GLU A 127 19.81 -11.23 28.79
N LEU A 128 19.21 -10.25 28.12
CA LEU A 128 19.56 -9.89 26.75
C LEU A 128 20.95 -9.24 26.70
N ASP A 129 21.17 -8.23 27.55
CA ASP A 129 22.42 -7.47 27.56
C ASP A 129 22.91 -7.32 29.00
N PRO A 130 23.77 -8.23 29.51
CA PRO A 130 24.29 -8.09 30.87
C PRO A 130 25.01 -6.76 31.09
N THR A 131 25.45 -6.11 30.00
CA THR A 131 26.18 -4.86 30.09
C THR A 131 25.25 -3.64 30.12
N TYR A 132 23.93 -3.86 30.07
CA TYR A 132 22.97 -2.75 30.02
C TYR A 132 22.78 -2.17 31.40
N ASN A 133 23.86 -1.52 31.84
CA ASN A 133 24.12 -1.07 33.19
C ASN A 133 22.91 -0.36 33.83
N TYR A 134 22.17 0.41 33.04
CA TYR A 134 21.20 1.35 33.57
C TYR A 134 19.95 0.66 34.11
N ALA A 135 19.76 -0.62 33.79
CA ALA A 135 18.61 -1.36 34.28
C ALA A 135 18.79 -1.71 35.76
N HIS A 136 20.03 -1.75 36.24
CA HIS A 136 20.31 -1.93 37.67
C HIS A 136 19.71 -0.76 38.44
N LEU A 137 19.88 0.44 37.90
CA LEU A 137 19.30 1.63 38.49
C LEU A 137 17.78 1.52 38.46
N ASN A 138 17.24 1.25 37.26
CA ASN A 138 15.82 1.39 37.02
C ASN A 138 15.05 0.34 37.82
N ARG A 139 15.61 -0.86 37.97
CA ARG A 139 15.03 -1.90 38.79
C ARG A 139 15.29 -1.61 40.27
N GLY A 140 16.45 -1.03 40.59
CA GLY A 140 16.69 -0.49 41.91
C GLY A 140 15.54 0.42 42.37
N ILE A 141 15.14 1.37 41.51
CA ILE A 141 14.09 2.32 41.81
C ILE A 141 12.73 1.62 41.89
N ALA A 142 12.46 0.69 40.97
CA ALA A 142 11.20 -0.05 41.00
C ALA A 142 11.05 -0.85 42.30
N LEU A 143 12.16 -1.44 42.77
CA LEU A 143 12.16 -2.17 44.02
C LEU A 143 11.97 -1.21 45.18
N TYR A 144 12.57 -0.02 45.09
CA TYR A 144 12.48 0.98 46.14
C TYR A 144 11.01 1.31 46.34
N TYR A 145 10.34 1.65 45.25
CA TYR A 145 8.93 2.04 45.30
C TYR A 145 8.05 0.83 45.60
N GLY A 146 8.52 -0.36 45.23
CA GLY A 146 7.78 -1.58 45.53
C GLY A 146 7.97 -2.04 46.97
N GLY A 147 8.67 -1.26 47.80
CA GLY A 147 8.86 -1.59 49.21
C GLY A 147 9.88 -2.71 49.45
N ARG A 148 10.76 -2.94 48.46
CA ARG A 148 11.75 -4.00 48.51
C ARG A 148 13.12 -3.34 48.65
N ASP A 149 13.36 -2.82 49.85
CA ASP A 149 14.48 -1.95 50.12
C ASP A 149 15.80 -2.71 50.14
N LYS A 150 15.82 -3.95 50.68
CA LYS A 150 17.06 -4.68 50.74
C LYS A 150 17.51 -5.02 49.31
N LEU A 151 16.57 -5.45 48.48
CA LEU A 151 16.87 -5.86 47.11
C LEU A 151 17.26 -4.67 46.24
N ALA A 152 16.67 -3.52 46.57
CA ALA A 152 16.94 -2.28 45.87
C ALA A 152 18.38 -1.89 46.10
N GLN A 153 18.77 -1.83 47.38
CA GLN A 153 20.14 -1.58 47.80
C GLN A 153 21.11 -2.48 47.02
N ASP A 154 20.77 -3.77 46.85
CA ASP A 154 21.62 -4.66 46.09
C ASP A 154 21.89 -4.02 44.72
N ASP A 155 20.84 -3.61 44.00
CA ASP A 155 21.01 -3.07 42.64
C ASP A 155 21.63 -1.68 42.57
N LEU A 156 21.37 -0.82 43.57
CA LEU A 156 21.77 0.57 43.50
C LEU A 156 23.20 0.78 44.00
N LEU A 157 23.71 -0.20 44.76
CA LEU A 157 25.11 -0.23 45.16
C LEU A 157 25.94 -0.78 44.00
N ALA A 158 25.41 -1.78 43.29
CA ALA A 158 26.02 -2.24 42.05
C ALA A 158 26.16 -1.06 41.10
N PHE A 159 25.07 -0.32 40.91
CA PHE A 159 25.08 0.82 40.00
C PHE A 159 26.12 1.83 40.45
N TYR A 160 26.17 2.08 41.75
CA TYR A 160 27.00 3.13 42.30
C TYR A 160 28.47 2.85 42.02
N GLN A 161 28.91 1.59 42.07
CA GLN A 161 30.35 1.37 42.04
C GLN A 161 30.82 1.27 40.59
N ASP A 162 29.88 1.42 39.65
CA ASP A 162 30.21 1.51 38.23
C ASP A 162 30.61 2.95 37.89
N ASP A 163 30.00 3.96 38.54
CA ASP A 163 30.52 5.33 38.52
C ASP A 163 30.32 6.04 39.87
N PRO A 164 31.28 5.90 40.82
CA PRO A 164 31.24 6.62 42.10
C PRO A 164 31.02 8.12 42.10
N ASN A 165 31.53 8.83 41.08
CA ASN A 165 31.48 10.30 41.06
C ASN A 165 30.16 10.83 40.49
N ASP A 166 29.21 9.96 40.11
CA ASP A 166 27.84 10.34 39.79
C ASP A 166 27.06 10.51 41.10
N PRO A 167 26.64 11.75 41.44
CA PRO A 167 25.99 12.05 42.72
C PRO A 167 24.61 11.41 42.83
N PHE A 168 23.94 11.21 41.68
CA PHE A 168 22.59 10.67 41.66
C PHE A 168 22.61 9.18 41.96
N ARG A 169 23.75 8.51 41.74
CA ARG A 169 23.89 7.09 42.08
C ARG A 169 23.90 6.93 43.59
N SER A 170 24.57 7.86 44.28
CA SER A 170 24.65 7.89 45.72
C SER A 170 23.34 8.40 46.32
N LEU A 171 22.63 9.27 45.60
CA LEU A 171 21.37 9.80 46.11
C LEU A 171 20.30 8.71 46.10
N TRP A 172 20.21 7.91 45.04
CA TRP A 172 19.20 6.87 45.03
C TRP A 172 19.52 5.81 46.07
N LEU A 173 20.81 5.50 46.23
CA LEU A 173 21.26 4.53 47.22
C LEU A 173 20.91 5.02 48.63
N TYR A 174 21.08 6.32 48.89
CA TYR A 174 20.70 6.87 50.19
C TYR A 174 19.21 6.64 50.43
N LEU A 175 18.38 6.92 49.42
CA LEU A 175 16.93 6.87 49.53
C LEU A 175 16.47 5.48 49.96
N ALA A 176 17.15 4.44 49.47
CA ALA A 176 16.76 3.04 49.68
C ALA A 176 17.27 2.52 51.02
N GLU A 177 18.50 2.91 51.39
CA GLU A 177 19.09 2.61 52.69
C GLU A 177 18.37 3.39 53.80
N GLN A 178 17.61 4.44 53.44
CA GLN A 178 17.05 5.37 54.40
C GLN A 178 16.06 4.69 55.34
N LYS A 179 15.17 3.86 54.79
CA LYS A 179 14.06 3.29 55.55
C LYS A 179 14.55 2.21 56.51
N LEU A 180 15.59 1.48 56.10
CA LEU A 180 16.21 0.44 56.93
C LEU A 180 16.82 1.07 58.19
N ASP A 181 17.62 2.12 58.00
CA ASP A 181 18.12 2.96 59.07
C ASP A 181 18.62 4.29 58.50
N GLU A 182 17.95 5.38 58.89
CA GLU A 182 18.30 6.72 58.49
C GLU A 182 19.78 7.03 58.79
N LYS A 183 20.25 6.61 59.99
CA LYS A 183 21.51 7.06 60.59
C LYS A 183 22.73 6.62 59.79
N GLN A 184 22.79 5.34 59.40
CA GLN A 184 23.96 4.83 58.71
C GLN A 184 23.79 4.94 57.20
N ALA A 185 22.62 5.36 56.73
CA ALA A 185 22.47 5.79 55.34
C ALA A 185 23.18 7.11 55.09
N LYS A 186 23.13 8.03 56.07
CA LYS A 186 23.84 9.30 56.03
C LYS A 186 25.35 9.14 56.22
N GLU A 187 25.81 8.22 57.10
CA GLU A 187 27.22 8.00 57.31
C GLU A 187 27.84 7.41 56.04
N VAL A 188 27.07 6.59 55.32
CA VAL A 188 27.48 6.01 54.04
C VAL A 188 27.58 7.10 52.98
N LEU A 189 26.56 7.95 52.87
CA LEU A 189 26.53 9.02 51.87
C LEU A 189 27.69 10.00 52.11
N LYS A 190 27.89 10.41 53.36
CA LYS A 190 29.08 11.16 53.76
C LYS A 190 30.32 10.46 53.22
N GLN A 191 30.38 9.13 53.36
CA GLN A 191 31.48 8.32 52.85
C GLN A 191 31.62 8.50 51.34
N HIS A 192 30.50 8.40 50.62
CA HIS A 192 30.50 8.51 49.18
C HIS A 192 30.98 9.90 48.74
N PHE A 193 30.56 10.93 49.48
CA PHE A 193 30.88 12.30 49.17
C PHE A 193 32.38 12.54 49.27
N GLU A 194 32.95 12.19 50.44
CA GLU A 194 34.38 12.32 50.68
C GLU A 194 35.18 11.49 49.69
N LYS A 195 34.71 10.28 49.37
CA LYS A 195 35.37 9.37 48.44
C LYS A 195 35.33 9.90 47.01
N SER A 196 34.34 10.74 46.67
CA SER A 196 34.16 11.24 45.31
C SER A 196 35.09 12.43 45.04
N ASP A 197 35.11 12.86 43.77
CA ASP A 197 35.96 13.96 43.31
C ASP A 197 35.25 15.31 43.47
N LYS A 198 33.93 15.26 43.68
CA LYS A 198 33.15 16.39 44.15
C LYS A 198 33.02 17.48 43.08
N GLU A 199 33.04 17.10 41.80
CA GLU A 199 32.98 18.09 40.74
C GLU A 199 31.51 18.40 40.46
N GLN A 200 30.86 17.43 39.83
CA GLN A 200 29.47 17.52 39.41
C GLN A 200 28.59 18.24 40.44
N TRP A 201 27.64 19.02 39.93
CA TRP A 201 26.94 20.00 40.73
C TRP A 201 26.04 19.29 41.73
N GLY A 202 25.60 18.07 41.39
CA GLY A 202 24.63 17.33 42.18
C GLY A 202 25.12 17.01 43.60
N TRP A 203 26.44 17.03 43.80
CA TRP A 203 27.03 16.81 45.11
C TRP A 203 26.58 17.88 46.10
N ASN A 204 25.92 18.94 45.60
CA ASN A 204 25.39 19.97 46.47
C ASN A 204 24.11 19.48 47.12
N ILE A 205 23.27 18.80 46.33
CA ILE A 205 22.07 18.17 46.86
C ILE A 205 22.49 17.22 47.99
N VAL A 206 23.58 16.49 47.75
CA VAL A 206 24.15 15.63 48.76
C VAL A 206 24.56 16.48 49.96
N GLU A 207 25.33 17.54 49.77
CA GLU A 207 25.83 18.35 50.88
C GLU A 207 24.69 18.82 51.78
N PHE A 208 23.51 19.06 51.19
CA PHE A 208 22.37 19.61 51.92
C PHE A 208 21.81 18.53 52.83
N TYR A 209 21.57 17.36 52.21
CA TYR A 209 21.12 16.12 52.84
C TYR A 209 21.99 15.63 53.99
N LEU A 210 23.28 15.98 53.97
CA LEU A 210 24.22 15.71 55.06
C LEU A 210 24.05 16.76 56.16
N GLY A 211 23.54 17.93 55.77
CA GLY A 211 23.46 19.09 56.63
C GLY A 211 24.75 19.91 56.57
N ASN A 212 25.51 19.77 55.48
CA ASN A 212 26.69 20.59 55.28
C ASN A 212 26.31 22.03 54.95
N ILE A 213 25.28 22.18 54.09
CA ILE A 213 24.83 23.47 53.60
C ILE A 213 23.34 23.61 53.82
N SER A 214 22.92 24.87 53.92
CA SER A 214 21.53 25.26 54.07
C SER A 214 20.78 24.96 52.76
N GLU A 215 19.44 24.95 52.82
CA GLU A 215 18.59 24.88 51.64
C GLU A 215 18.67 26.21 50.89
N GLN A 216 18.74 27.30 51.65
CA GLN A 216 19.00 28.63 51.10
C GLN A 216 20.25 28.55 50.24
N THR A 217 21.34 28.02 50.82
CA THR A 217 22.64 28.02 50.15
C THR A 217 22.59 27.12 48.91
N LEU A 218 21.83 26.03 49.00
CA LEU A 218 21.71 25.13 47.87
C LEU A 218 21.04 25.86 46.69
N MET A 219 20.12 26.79 46.98
CA MET A 219 19.36 27.43 45.94
C MET A 219 20.19 28.52 45.27
N GLU A 220 21.09 29.17 45.99
CA GLU A 220 21.93 30.14 45.30
C GLU A 220 23.05 29.40 44.58
N ARG A 221 23.60 28.33 45.16
CA ARG A 221 24.58 27.53 44.44
C ARG A 221 23.99 27.10 43.11
N LEU A 222 22.69 26.78 43.15
CA LEU A 222 21.96 26.33 41.97
C LEU A 222 21.96 27.39 40.87
N LYS A 223 21.54 28.61 41.20
CA LYS A 223 21.39 29.67 40.22
C LYS A 223 22.74 30.07 39.64
N ALA A 224 23.78 30.05 40.48
CA ALA A 224 25.15 30.33 40.05
C ALA A 224 25.55 29.40 38.90
N ASP A 225 25.36 28.09 39.11
CA ASP A 225 25.78 27.06 38.17
C ASP A 225 24.93 27.11 36.91
N ALA A 226 23.64 27.41 37.07
CA ALA A 226 22.69 27.33 35.96
C ALA A 226 22.94 28.48 35.00
N THR A 227 23.11 28.13 33.72
CA THR A 227 23.46 29.09 32.69
C THR A 227 22.18 29.67 32.09
N ASP A 228 21.68 29.00 31.06
CA ASP A 228 20.47 29.41 30.37
C ASP A 228 19.28 28.81 31.11
N ASN A 229 18.11 28.84 30.47
CA ASN A 229 16.83 28.38 31.00
C ASN A 229 16.77 26.86 31.03
N THR A 230 17.33 26.21 30.00
CA THR A 230 17.25 24.76 29.90
C THR A 230 18.06 24.15 31.04
N SER A 231 19.30 24.64 31.20
CA SER A 231 20.12 24.33 32.34
C SER A 231 19.35 24.61 33.64
N LEU A 232 18.72 25.78 33.73
CA LEU A 232 17.99 26.12 34.94
C LEU A 232 16.88 25.10 35.18
N ALA A 233 16.20 24.64 34.13
CA ALA A 233 15.04 23.76 34.27
C ALA A 233 15.48 22.36 34.71
N GLU A 234 16.64 21.92 34.19
CA GLU A 234 17.23 20.66 34.59
C GLU A 234 17.60 20.71 36.06
N HIS A 235 18.29 21.78 36.46
CA HIS A 235 18.70 21.90 37.85
C HIS A 235 17.49 21.87 38.78
N LEU A 236 16.35 22.45 38.38
CA LEU A 236 15.22 22.58 39.30
C LEU A 236 14.37 21.31 39.29
N SER A 237 14.31 20.61 38.16
CA SER A 237 13.64 19.33 38.07
C SER A 237 14.28 18.36 39.07
N GLU A 238 15.59 18.11 38.90
CA GLU A 238 16.31 17.18 39.77
C GLU A 238 16.20 17.65 41.22
N THR A 239 16.48 18.94 41.49
CA THR A 239 16.65 19.40 42.85
C THR A 239 15.34 19.41 43.63
N ASN A 240 14.24 19.86 43.04
CA ASN A 240 12.98 19.95 43.76
C ASN A 240 12.40 18.56 44.04
N PHE A 241 12.82 17.54 43.30
CA PHE A 241 12.44 16.19 43.66
C PHE A 241 13.14 15.75 44.95
N TYR A 242 14.45 16.05 45.08
CA TYR A 242 15.22 15.59 46.23
C TYR A 242 14.86 16.38 47.47
N LEU A 243 14.43 17.65 47.29
CA LEU A 243 13.93 18.45 48.40
C LEU A 243 12.55 17.93 48.79
N GLY A 244 11.78 17.52 47.79
CA GLY A 244 10.48 16.93 48.04
C GLY A 244 10.59 15.68 48.90
N LYS A 245 11.54 14.81 48.55
CA LYS A 245 11.78 13.60 49.33
C LYS A 245 12.30 13.95 50.73
N TYR A 246 13.14 14.99 50.84
CA TYR A 246 13.62 15.39 52.14
C TYR A 246 12.45 15.81 53.04
N TYR A 247 11.49 16.60 52.52
CA TYR A 247 10.41 17.11 53.34
C TYR A 247 9.42 16.00 53.66
N LEU A 248 9.25 15.06 52.74
CA LEU A 248 8.37 13.92 52.93
C LEU A 248 8.90 13.03 54.06
N SER A 249 10.23 12.94 54.17
CA SER A 249 10.89 12.18 55.22
C SER A 249 10.64 12.81 56.59
N LEU A 250 10.31 14.10 56.61
CA LEU A 250 10.06 14.79 57.85
C LEU A 250 8.57 14.72 58.19
N GLY A 251 7.74 14.35 57.22
CA GLY A 251 6.31 14.26 57.43
C GLY A 251 5.57 15.53 57.05
N ASP A 252 6.28 16.45 56.37
CA ASP A 252 5.71 17.66 55.78
C ASP A 252 5.21 17.33 54.37
N LEU A 253 3.91 16.99 54.27
CA LEU A 253 3.30 16.64 52.99
C LEU A 253 3.03 17.89 52.16
N ASP A 254 2.50 18.95 52.83
CA ASP A 254 2.22 20.23 52.20
C ASP A 254 3.45 20.68 51.41
N SER A 255 4.62 20.73 52.08
CA SER A 255 5.85 21.23 51.46
C SER A 255 6.32 20.30 50.35
N ALA A 256 6.20 19.00 50.58
CA ALA A 256 6.62 18.02 49.59
C ALA A 256 5.68 18.03 48.39
N THR A 257 4.37 18.17 48.60
CA THR A 257 3.45 18.19 47.48
C THR A 257 3.85 19.34 46.54
N ALA A 258 4.19 20.48 47.14
CA ALA A 258 4.59 21.64 46.37
C ALA A 258 5.89 21.38 45.60
N LEU A 259 6.90 20.77 46.25
CA LEU A 259 8.21 20.65 45.62
C LEU A 259 8.14 19.60 44.50
N PHE A 260 7.25 18.62 44.64
CA PHE A 260 7.06 17.66 43.56
C PHE A 260 6.41 18.33 42.35
N LYS A 261 5.48 19.26 42.59
CA LYS A 261 4.77 19.95 41.53
C LYS A 261 5.71 20.88 40.77
N LEU A 262 6.52 21.66 41.50
CA LEU A 262 7.52 22.54 40.89
C LEU A 262 8.57 21.73 40.14
N ALA A 263 8.83 20.49 40.57
CA ALA A 263 9.73 19.63 39.82
C ALA A 263 9.14 19.38 38.43
N VAL A 264 7.86 18.99 38.40
CA VAL A 264 7.21 18.56 37.17
C VAL A 264 7.00 19.74 36.23
N ALA A 265 6.84 20.93 36.84
CA ALA A 265 6.55 22.16 36.13
C ALA A 265 7.73 22.62 35.27
N ASN A 266 8.90 21.98 35.39
CA ASN A 266 10.02 22.29 34.52
C ASN A 266 9.87 21.58 33.18
N ASN A 267 9.01 20.56 33.09
CA ASN A 267 8.78 19.75 31.90
C ASN A 267 10.06 19.11 31.35
N VAL A 268 10.88 18.55 32.25
CA VAL A 268 12.01 17.74 31.84
C VAL A 268 11.54 16.30 31.93
N HIS A 269 10.76 15.88 30.92
CA HIS A 269 9.85 14.76 30.96
C HIS A 269 10.54 13.41 31.17
N ASN A 270 11.82 13.34 30.76
CA ASN A 270 12.54 12.08 30.68
C ASN A 270 13.53 11.93 31.83
N PHE A 271 13.55 12.89 32.78
CA PHE A 271 14.28 12.73 34.02
C PHE A 271 13.54 11.73 34.91
N VAL A 272 14.30 10.87 35.62
CA VAL A 272 13.72 9.93 36.59
C VAL A 272 13.08 10.77 37.69
N GLU A 273 13.73 11.88 38.06
CA GLU A 273 13.20 12.78 39.07
C GLU A 273 11.82 13.31 38.63
N HIS A 274 11.64 13.58 37.34
CA HIS A 274 10.38 14.06 36.83
C HIS A 274 9.32 12.96 36.93
N ARG A 275 9.65 11.75 36.46
CA ARG A 275 8.73 10.63 36.44
C ARG A 275 8.24 10.25 37.83
N TYR A 276 9.14 10.29 38.81
CA TYR A 276 8.83 9.74 40.12
C TYR A 276 8.31 10.85 41.04
N ALA A 277 8.56 12.12 40.71
CA ALA A 277 7.80 13.23 41.26
C ALA A 277 6.31 13.07 40.95
N LEU A 278 6.01 12.60 39.74
CA LEU A 278 4.63 12.35 39.33
C LEU A 278 3.99 11.21 40.13
N LEU A 279 4.77 10.14 40.36
CA LEU A 279 4.36 8.99 41.15
C LEU A 279 4.12 9.38 42.61
N GLU A 280 5.03 10.18 43.19
CA GLU A 280 4.84 10.63 44.56
C GLU A 280 3.55 11.43 44.72
N LEU A 281 3.25 12.25 43.70
CA LEU A 281 2.09 13.13 43.76
C LEU A 281 0.82 12.28 43.67
N SER A 282 0.93 11.21 42.86
CA SER A 282 -0.11 10.21 42.73
C SER A 282 -0.35 9.50 44.07
N LEU A 283 0.73 9.19 44.79
CA LEU A 283 0.62 8.53 46.08
C LEU A 283 0.06 9.47 47.14
N LEU A 284 0.56 10.71 47.16
CA LEU A 284 0.07 11.76 48.07
C LEU A 284 -1.41 12.02 47.82
N GLY A 285 -1.78 12.11 46.53
CA GLY A 285 -3.16 12.29 46.10
C GLY A 285 -4.08 11.25 46.71
N GLN A 286 -3.77 9.96 46.51
CA GLN A 286 -4.64 8.87 46.92
C GLN A 286 -4.74 8.73 48.45
N ASP A 287 -3.72 9.17 49.20
CA ASP A 287 -3.79 9.21 50.65
C ASP A 287 -4.93 10.13 51.11
N GLN A 288 -5.21 11.17 50.30
CA GLN A 288 -5.97 12.37 50.67
C GLN A 288 -7.40 12.25 50.13
N ASP A 289 -8.32 11.65 50.90
CA ASP A 289 -9.61 11.24 50.36
C ASP A 289 -10.80 11.47 51.31
N ASP A 290 -10.68 10.98 52.56
CA ASP A 290 -11.84 10.44 53.28
C ASP A 290 -11.83 10.85 54.76
N GLU B 31 2.10 30.30 47.66
CA GLU B 31 1.69 29.91 46.28
C GLU B 31 0.88 28.59 46.27
N VAL B 32 -0.14 28.63 45.39
CA VAL B 32 -1.15 27.62 45.16
C VAL B 32 -0.85 26.96 43.81
N LEU B 33 -0.65 25.63 43.82
CA LEU B 33 -0.05 24.93 42.70
C LEU B 33 -0.91 23.74 42.30
N ALA B 34 -1.04 23.53 40.98
CA ALA B 34 -1.64 22.31 40.47
C ALA B 34 -0.52 21.37 40.04
N VAL B 35 -0.85 20.10 39.79
CA VAL B 35 0.05 19.21 39.08
C VAL B 35 0.04 19.59 37.60
N PRO B 36 1.18 20.05 37.02
CA PRO B 36 1.24 20.41 35.62
C PRO B 36 0.56 19.34 34.79
N LEU B 37 -0.40 19.78 33.99
CA LEU B 37 -1.27 18.92 33.20
C LEU B 37 -0.41 18.03 32.33
N GLN B 38 -0.85 16.77 32.22
CA GLN B 38 -0.17 15.76 31.44
C GLN B 38 -1.06 15.33 30.29
N PRO B 39 -0.50 14.91 29.13
CA PRO B 39 -1.30 14.44 28.00
C PRO B 39 -2.25 13.31 28.44
N THR B 40 -3.55 13.37 28.04
CA THR B 40 -4.53 12.40 28.48
C THR B 40 -4.47 11.12 27.65
N LEU B 41 -5.10 10.07 28.14
CA LEU B 41 -5.20 8.83 27.40
C LEU B 41 -5.93 9.12 26.09
N GLN B 42 -6.99 9.92 26.17
CA GLN B 42 -7.87 10.19 25.03
C GLN B 42 -7.09 10.86 23.90
N GLN B 43 -6.19 11.77 24.27
CA GLN B 43 -5.43 12.53 23.29
C GLN B 43 -4.44 11.62 22.55
N GLU B 44 -3.81 10.72 23.29
CA GLU B 44 -2.81 9.84 22.76
C GLU B 44 -3.49 8.75 21.93
N VAL B 45 -4.65 8.25 22.38
CA VAL B 45 -5.39 7.26 21.61
C VAL B 45 -5.75 7.84 20.25
N ILE B 46 -6.33 9.06 20.26
CA ILE B 46 -6.85 9.72 19.07
C ILE B 46 -5.70 10.05 18.12
N LEU B 47 -4.61 10.59 18.67
CA LEU B 47 -3.41 10.86 17.87
C LEU B 47 -2.92 9.59 17.20
N ALA B 48 -2.87 8.48 17.93
CA ALA B 48 -2.37 7.23 17.36
C ALA B 48 -3.26 6.84 16.18
N ARG B 49 -4.58 6.90 16.38
CA ARG B 49 -5.53 6.44 15.38
C ARG B 49 -5.43 7.32 14.13
N MET B 50 -5.34 8.64 14.38
CA MET B 50 -5.35 9.64 13.33
C MET B 50 -4.14 9.48 12.42
N GLU B 51 -3.03 8.99 12.98
CA GLU B 51 -1.85 8.68 12.18
C GLU B 51 -2.12 7.55 11.19
N GLN B 52 -2.74 6.46 11.67
CA GLN B 52 -3.10 5.35 10.82
C GLN B 52 -4.00 5.85 9.69
N ILE B 53 -4.96 6.73 10.02
CA ILE B 53 -5.95 7.09 9.01
C ILE B 53 -5.26 7.93 7.95
N LEU B 54 -4.43 8.88 8.38
CA LEU B 54 -3.78 9.79 7.46
C LEU B 54 -2.75 9.03 6.63
N ALA B 55 -2.26 7.90 7.13
CA ALA B 55 -1.27 7.10 6.41
C ALA B 55 -1.93 6.26 5.34
N SER B 56 -3.24 6.00 5.50
CA SER B 56 -4.01 5.25 4.51
C SER B 56 -4.22 6.10 3.26
N ARG B 57 -4.40 5.42 2.13
CA ARG B 57 -4.58 6.07 0.84
C ARG B 57 -6.02 5.82 0.40
N ALA B 58 -6.97 6.35 1.19
CA ALA B 58 -8.36 6.41 0.79
C ALA B 58 -9.08 7.43 1.68
N LEU B 59 -8.67 8.70 1.54
CA LEU B 59 -9.35 9.85 2.09
C LEU B 59 -9.54 10.86 0.97
N THR B 60 -10.78 11.33 0.75
CA THR B 60 -10.98 12.41 -0.21
C THR B 60 -10.21 13.61 0.30
N ASP B 61 -9.96 14.58 -0.57
CA ASP B 61 -9.23 15.77 -0.20
C ASP B 61 -9.88 16.41 1.03
N ASP B 62 -11.20 16.60 0.97
CA ASP B 62 -11.96 17.22 2.04
C ASP B 62 -11.86 16.43 3.33
N GLU B 63 -11.95 15.10 3.25
CA GLU B 63 -11.91 14.22 4.42
C GLU B 63 -10.55 14.34 5.10
N ARG B 64 -9.52 14.58 4.29
CA ARG B 64 -8.15 14.65 4.77
C ARG B 64 -7.88 16.04 5.33
N ALA B 65 -8.39 17.06 4.66
CA ALA B 65 -8.27 18.42 5.14
C ALA B 65 -8.86 18.55 6.54
N GLN B 66 -10.04 17.94 6.79
CA GLN B 66 -10.71 18.13 8.08
C GLN B 66 -9.96 17.37 9.14
N LEU B 67 -9.26 16.32 8.72
CA LEU B 67 -8.56 15.47 9.67
C LEU B 67 -7.23 16.12 10.04
N LEU B 68 -6.54 16.64 9.02
CA LEU B 68 -5.34 17.42 9.24
C LEU B 68 -5.67 18.57 10.17
N TYR B 69 -6.81 19.24 9.93
CA TYR B 69 -7.17 20.40 10.73
C TYR B 69 -7.28 19.95 12.19
N GLU B 70 -7.94 18.80 12.38
CA GLU B 70 -8.32 18.31 13.69
C GLU B 70 -7.11 17.77 14.46
N ARG B 71 -6.18 17.18 13.73
CA ARG B 71 -4.94 16.77 14.35
C ARG B 71 -4.16 18.00 14.77
N GLY B 72 -4.13 19.00 13.88
CA GLY B 72 -3.66 20.33 14.19
C GLY B 72 -4.16 20.86 15.54
N VAL B 73 -5.46 20.74 15.81
CA VAL B 73 -6.06 21.27 17.02
C VAL B 73 -5.48 20.51 18.22
N LEU B 74 -5.30 19.21 18.02
CA LEU B 74 -4.89 18.31 19.08
C LEU B 74 -3.40 18.53 19.41
N TYR B 75 -2.57 18.65 18.37
CA TYR B 75 -1.16 18.97 18.54
C TYR B 75 -1.01 20.31 19.25
N ASP B 76 -1.89 21.27 18.94
CA ASP B 76 -1.86 22.58 19.56
C ASP B 76 -2.21 22.46 21.04
N SER B 77 -3.16 21.57 21.39
CA SER B 77 -3.65 21.41 22.75
C SER B 77 -2.62 20.73 23.65
N LEU B 78 -1.58 20.14 23.00
CA LEU B 78 -0.43 19.52 23.65
C LEU B 78 0.84 20.38 23.55
N GLY B 79 0.77 21.54 22.90
CA GLY B 79 1.91 22.45 22.84
C GLY B 79 2.88 22.13 21.70
N LEU B 80 2.38 21.40 20.71
CA LEU B 80 3.20 21.00 19.57
C LEU B 80 2.80 21.86 18.37
N ARG B 81 3.28 23.11 18.40
CA ARG B 81 2.71 24.16 17.58
C ARG B 81 3.30 24.17 16.19
N ALA B 82 4.60 23.86 16.03
CA ALA B 82 5.19 23.66 14.71
C ALA B 82 4.50 22.52 13.96
N LEU B 83 4.24 21.41 14.64
CA LEU B 83 3.52 20.30 14.06
C LEU B 83 2.08 20.70 13.71
N ALA B 84 1.42 21.37 14.66
CA ALA B 84 0.08 21.86 14.49
C ALA B 84 0.03 22.74 13.24
N ARG B 85 0.95 23.72 13.18
CA ARG B 85 0.97 24.72 12.14
C ARG B 85 1.28 24.08 10.79
N ASN B 86 2.07 22.99 10.83
CA ASN B 86 2.39 22.22 9.65
C ASN B 86 1.14 21.52 9.12
N ASP B 87 0.34 20.91 10.02
CA ASP B 87 -0.90 20.24 9.63
C ASP B 87 -1.92 21.22 9.08
N PHE B 88 -2.13 22.33 9.81
CA PHE B 88 -2.99 23.42 9.37
C PHE B 88 -2.62 23.88 7.96
N SER B 89 -1.30 24.11 7.72
CA SER B 89 -0.80 24.64 6.45
C SER B 89 -1.08 23.68 5.29
N GLN B 90 -0.97 22.36 5.54
CA GLN B 90 -1.27 21.33 4.55
C GLN B 90 -2.77 21.19 4.26
N ALA B 91 -3.61 21.27 5.31
CA ALA B 91 -5.05 21.30 5.15
C ALA B 91 -5.46 22.44 4.21
N LEU B 92 -4.87 23.62 4.41
CA LEU B 92 -5.27 24.80 3.68
C LEU B 92 -4.87 24.64 2.22
N ALA B 93 -3.79 23.88 2.00
CA ALA B 93 -3.29 23.64 0.66
C ALA B 93 -4.35 22.91 -0.15
N ILE B 94 -5.13 22.06 0.53
CA ILE B 94 -6.03 21.12 -0.11
C ILE B 94 -7.40 21.78 -0.27
N ARG B 95 -7.87 22.36 0.83
CA ARG B 95 -9.16 23.01 0.93
C ARG B 95 -8.89 24.47 1.29
N PRO B 96 -8.73 25.42 0.32
CA PRO B 96 -8.36 26.81 0.62
C PRO B 96 -9.36 27.65 1.44
N ASP B 97 -10.64 27.25 1.43
CA ASP B 97 -11.70 28.02 2.08
C ASP B 97 -11.85 27.59 3.53
N MET B 98 -10.84 27.87 4.37
CA MET B 98 -10.85 27.39 5.74
C MET B 98 -10.50 28.52 6.71
N PRO B 99 -11.50 29.31 7.18
CA PRO B 99 -11.22 30.42 8.09
C PRO B 99 -10.65 29.96 9.42
N GLU B 100 -11.00 28.72 9.80
CA GLU B 100 -10.57 28.12 11.06
C GLU B 100 -9.05 27.93 11.10
N VAL B 101 -8.48 27.65 9.91
CA VAL B 101 -7.04 27.45 9.78
C VAL B 101 -6.37 28.81 9.85
N PHE B 102 -6.80 29.76 9.01
CA PHE B 102 -6.29 31.12 9.04
C PHE B 102 -6.33 31.68 10.46
N ASN B 103 -7.35 31.32 11.25
CA ASN B 103 -7.38 31.75 12.64
C ASN B 103 -6.10 31.32 13.36
N TYR B 104 -5.89 30.01 13.51
CA TYR B 104 -4.72 29.48 14.21
C TYR B 104 -3.42 30.04 13.67
N LEU B 105 -3.24 29.98 12.35
CA LEU B 105 -2.07 30.51 11.69
C LEU B 105 -1.78 31.93 12.16
N GLY B 106 -2.84 32.74 12.23
CA GLY B 106 -2.73 34.11 12.70
C GLY B 106 -2.20 34.16 14.13
N ILE B 107 -2.75 33.30 15.00
CA ILE B 107 -2.32 33.21 16.39
C ILE B 107 -0.83 32.87 16.46
N TYR B 108 -0.38 31.89 15.67
CA TYR B 108 1.02 31.46 15.72
C TYR B 108 1.95 32.59 15.28
N LEU B 109 1.48 33.43 14.35
CA LEU B 109 2.21 34.63 13.97
C LEU B 109 2.22 35.63 15.13
N THR B 110 1.08 35.84 15.80
CA THR B 110 1.08 36.67 17.00
C THR B 110 2.12 36.14 18.01
N GLN B 111 2.10 34.83 18.28
CA GLN B 111 2.97 34.22 19.27
C GLN B 111 4.44 34.45 18.92
N ALA B 112 4.74 34.57 17.62
CA ALA B 112 6.10 34.68 17.13
C ALA B 112 6.55 36.14 17.00
N GLY B 113 5.77 37.11 17.50
CA GLY B 113 6.14 38.51 17.39
C GLY B 113 5.93 39.14 16.00
N ASN B 114 5.21 38.43 15.11
CA ASN B 114 5.06 38.77 13.70
C ASN B 114 3.70 39.41 13.42
N PHE B 115 3.50 40.62 13.95
CA PHE B 115 2.16 41.14 14.15
C PHE B 115 1.55 41.59 12.83
N ASP B 116 2.37 42.11 11.90
CA ASP B 116 1.86 42.60 10.63
C ASP B 116 1.33 41.41 9.81
N ALA B 117 2.06 40.28 9.83
CA ALA B 117 1.67 39.06 9.12
C ALA B 117 0.39 38.47 9.69
N ALA B 118 0.25 38.63 11.02
CA ALA B 118 -0.88 38.17 11.80
C ALA B 118 -2.15 38.94 11.43
N TYR B 119 -2.12 40.29 11.48
CA TYR B 119 -3.28 41.09 11.11
C TYR B 119 -3.85 40.61 9.77
N GLU B 120 -2.92 40.31 8.86
CA GLU B 120 -3.22 39.87 7.50
C GLU B 120 -3.92 38.51 7.51
N ALA B 121 -3.40 37.55 8.30
CA ALA B 121 -4.04 36.26 8.47
C ALA B 121 -5.48 36.42 9.01
N PHE B 122 -5.68 37.29 10.01
CA PHE B 122 -7.01 37.45 10.60
C PHE B 122 -7.97 38.16 9.66
N ASP B 123 -7.45 39.04 8.79
CA ASP B 123 -8.25 39.64 7.72
C ASP B 123 -8.85 38.53 6.85
N SER B 124 -7.99 37.61 6.39
CA SER B 124 -8.41 36.46 5.60
C SER B 124 -9.58 35.72 6.26
N VAL B 125 -9.54 35.52 7.59
CA VAL B 125 -10.61 34.83 8.27
C VAL B 125 -11.95 35.53 7.96
N LEU B 126 -12.04 36.84 8.23
CA LEU B 126 -13.28 37.59 8.10
C LEU B 126 -13.63 37.80 6.62
N GLU B 127 -12.62 37.75 5.76
CA GLU B 127 -12.84 37.84 4.32
C GLU B 127 -13.61 36.63 3.82
N LEU B 128 -13.47 35.48 4.50
CA LEU B 128 -14.12 34.22 4.14
C LEU B 128 -15.39 34.04 4.95
N ASP B 129 -15.25 34.20 6.26
CA ASP B 129 -16.38 34.12 7.17
C ASP B 129 -16.34 35.36 8.06
N PRO B 130 -17.15 36.42 7.76
CA PRO B 130 -17.21 37.61 8.60
C PRO B 130 -17.93 37.34 9.92
N THR B 131 -18.44 36.11 10.08
CA THR B 131 -19.29 35.72 11.19
C THR B 131 -18.47 35.07 12.30
N TYR B 132 -17.13 35.03 12.10
CA TYR B 132 -16.17 34.30 12.91
C TYR B 132 -15.61 35.17 14.04
N ASN B 133 -16.43 35.36 15.10
CA ASN B 133 -16.12 36.18 16.28
C ASN B 133 -14.68 36.13 16.78
N TYR B 134 -14.05 34.94 16.70
CA TYR B 134 -12.84 34.72 17.46
C TYR B 134 -11.65 35.41 16.81
N ALA B 135 -11.75 35.66 15.50
CA ALA B 135 -10.80 36.50 14.79
C ALA B 135 -10.75 37.91 15.40
N HIS B 136 -11.91 38.45 15.81
CA HIS B 136 -11.93 39.78 16.38
C HIS B 136 -11.04 39.78 17.63
N LEU B 137 -11.14 38.74 18.45
CA LEU B 137 -10.35 38.65 19.68
C LEU B 137 -8.87 38.53 19.36
N ASN B 138 -8.56 37.53 18.53
CA ASN B 138 -7.18 37.19 18.27
C ASN B 138 -6.48 38.37 17.61
N ARG B 139 -7.13 38.99 16.62
CA ARG B 139 -6.56 40.17 15.99
C ARG B 139 -6.55 41.34 17.00
N GLY B 140 -7.60 41.44 17.81
CA GLY B 140 -7.63 42.35 18.93
C GLY B 140 -6.34 42.29 19.73
N ILE B 141 -5.97 41.09 20.19
CA ILE B 141 -4.76 40.85 20.98
C ILE B 141 -3.50 41.08 20.16
N ALA B 142 -3.50 40.71 18.87
CA ALA B 142 -2.33 40.93 18.04
C ALA B 142 -1.99 42.43 17.95
N LEU B 143 -3.03 43.26 17.78
CA LEU B 143 -2.88 44.71 17.71
C LEU B 143 -2.42 45.24 19.07
N TYR B 144 -2.90 44.63 20.17
CA TYR B 144 -2.48 44.97 21.52
C TYR B 144 -0.96 44.87 21.62
N TYR B 145 -0.41 43.71 21.25
CA TYR B 145 1.01 43.45 21.30
C TYR B 145 1.75 44.21 20.20
N GLY B 146 1.02 44.62 19.16
CA GLY B 146 1.58 45.42 18.09
C GLY B 146 1.59 46.91 18.44
N GLY B 147 0.93 47.28 19.54
CA GLY B 147 0.88 48.66 20.03
C GLY B 147 -0.07 49.58 19.25
N ARG B 148 -1.02 48.98 18.49
CA ARG B 148 -1.98 49.73 17.69
C ARG B 148 -3.28 49.71 18.49
N ASP B 149 -3.29 50.54 19.53
CA ASP B 149 -4.18 50.40 20.66
C ASP B 149 -5.59 50.84 20.29
N LYS B 150 -5.72 51.78 19.33
CA LYS B 150 -7.07 52.18 18.95
C LYS B 150 -7.69 51.00 18.20
N LEU B 151 -6.96 50.45 17.22
CA LEU B 151 -7.50 49.37 16.41
C LEU B 151 -7.82 48.15 17.27
N ALA B 152 -7.11 47.98 18.39
CA ALA B 152 -7.32 46.82 19.26
C ALA B 152 -8.56 47.05 20.11
N GLN B 153 -8.78 48.28 20.55
CA GLN B 153 -10.00 48.63 21.25
C GLN B 153 -11.20 48.40 20.33
N ASP B 154 -11.04 48.63 19.01
CA ASP B 154 -12.13 48.43 18.06
C ASP B 154 -12.54 46.97 18.06
N ASP B 155 -11.54 46.09 17.83
CA ASP B 155 -11.76 44.66 17.73
C ASP B 155 -12.22 44.04 19.06
N LEU B 156 -11.64 44.45 20.18
CA LEU B 156 -11.96 43.84 21.47
C LEU B 156 -13.33 44.30 22.01
N LEU B 157 -13.79 45.49 21.63
CA LEU B 157 -15.13 46.00 21.97
C LEU B 157 -16.17 45.33 21.08
N ALA B 158 -15.79 44.99 19.84
CA ALA B 158 -16.64 44.22 18.98
C ALA B 158 -16.91 42.87 19.64
N PHE B 159 -15.84 42.21 20.11
CA PHE B 159 -15.90 40.89 20.71
C PHE B 159 -16.66 40.94 22.04
N TYR B 160 -16.39 41.95 22.88
CA TYR B 160 -17.13 42.14 24.12
C TYR B 160 -18.62 42.08 23.85
N GLN B 161 -19.06 42.69 22.76
CA GLN B 161 -20.47 43.01 22.63
C GLN B 161 -21.26 41.75 22.31
N ASP B 162 -20.60 40.69 21.81
CA ASP B 162 -21.25 39.41 21.56
C ASP B 162 -21.69 38.73 22.87
N ASP B 163 -20.76 38.61 23.83
CA ASP B 163 -21.07 38.07 25.14
C ASP B 163 -20.56 39.03 26.20
N PRO B 164 -21.37 40.05 26.58
CA PRO B 164 -21.11 40.85 27.77
C PRO B 164 -20.75 40.10 29.05
N ASN B 165 -21.10 38.80 29.14
CA ASN B 165 -21.00 38.03 30.38
C ASN B 165 -19.70 37.21 30.45
N ASP B 166 -18.97 37.12 29.32
CA ASP B 166 -17.64 36.51 29.30
C ASP B 166 -16.63 37.45 29.95
N PRO B 167 -16.24 37.24 31.23
CA PRO B 167 -15.34 38.17 31.92
C PRO B 167 -14.05 38.45 31.17
N PHE B 168 -13.55 37.45 30.42
CA PHE B 168 -12.26 37.54 29.74
C PHE B 168 -12.31 38.56 28.62
N ARG B 169 -13.50 38.83 28.08
CA ARG B 169 -13.68 39.82 27.03
C ARG B 169 -13.47 41.22 27.61
N SER B 170 -13.97 41.39 28.84
CA SER B 170 -13.87 42.62 29.60
C SER B 170 -12.44 42.82 30.10
N LEU B 171 -11.71 41.72 30.29
CA LEU B 171 -10.35 41.77 30.80
C LEU B 171 -9.42 42.22 29.67
N TRP B 172 -9.63 41.66 28.47
CA TRP B 172 -8.79 41.98 27.33
C TRP B 172 -9.06 43.42 26.88
N LEU B 173 -10.35 43.78 26.87
CA LEU B 173 -10.73 45.14 26.58
C LEU B 173 -10.02 46.11 27.53
N TYR B 174 -10.11 45.85 28.84
CA TYR B 174 -9.45 46.67 29.85
C TYR B 174 -7.96 46.79 29.56
N LEU B 175 -7.28 45.67 29.28
CA LEU B 175 -5.82 45.65 29.14
C LEU B 175 -5.40 46.55 27.99
N ALA B 176 -6.21 46.58 26.92
CA ALA B 176 -5.99 47.37 25.71
C ALA B 176 -6.21 48.85 25.97
N GLU B 177 -7.27 49.15 26.73
CA GLU B 177 -7.66 50.50 27.08
C GLU B 177 -6.73 51.05 28.16
N GLN B 178 -6.22 50.17 29.01
CA GLN B 178 -5.28 50.51 30.07
C GLN B 178 -4.05 51.25 29.54
N LYS B 179 -3.58 50.94 28.33
CA LYS B 179 -2.41 51.63 27.76
C LYS B 179 -2.64 53.13 27.63
N LEU B 180 -3.85 53.54 27.24
CA LEU B 180 -4.18 54.93 26.96
C LEU B 180 -4.61 55.70 28.21
N ASP B 181 -5.53 55.12 29.00
CA ASP B 181 -6.00 55.73 30.24
C ASP B 181 -6.45 54.61 31.18
N GLU B 182 -5.61 54.31 32.16
CA GLU B 182 -5.87 53.23 33.12
C GLU B 182 -7.04 53.57 34.06
N LYS B 183 -7.20 54.84 34.46
CA LYS B 183 -8.29 55.26 35.33
C LYS B 183 -9.64 55.19 34.62
N GLN B 184 -9.66 55.45 33.31
CA GLN B 184 -10.92 55.41 32.59
C GLN B 184 -11.26 53.99 32.20
N ALA B 185 -10.21 53.24 31.85
CA ALA B 185 -10.30 51.83 31.53
C ALA B 185 -10.92 51.09 32.71
N LYS B 186 -10.67 51.64 33.91
CA LYS B 186 -11.02 51.02 35.18
C LYS B 186 -12.49 51.30 35.54
N GLU B 187 -13.03 52.43 35.08
CA GLU B 187 -14.42 52.72 35.38
C GLU B 187 -15.29 52.05 34.32
N VAL B 188 -14.83 51.98 33.08
CA VAL B 188 -15.59 51.28 32.05
C VAL B 188 -15.57 49.77 32.30
N LEU B 189 -14.70 49.28 33.21
CA LEU B 189 -14.65 47.87 33.57
C LEU B 189 -15.61 47.59 34.73
N LYS B 190 -15.65 48.53 35.68
CA LYS B 190 -16.65 48.55 36.75
C LYS B 190 -18.04 48.39 36.12
N GLN B 191 -18.27 49.08 34.99
CA GLN B 191 -19.59 49.13 34.38
C GLN B 191 -19.83 47.80 33.66
N HIS B 192 -18.80 47.30 32.99
CA HIS B 192 -18.87 46.00 32.34
C HIS B 192 -19.23 44.91 33.36
N PHE B 193 -18.86 45.15 34.63
CA PHE B 193 -19.15 44.24 35.72
C PHE B 193 -20.63 44.30 36.12
N GLU B 194 -21.14 45.48 36.50
CA GLU B 194 -22.53 45.61 36.97
C GLU B 194 -23.53 45.22 35.88
N LYS B 195 -23.18 45.49 34.62
CA LYS B 195 -23.99 45.17 33.45
C LYS B 195 -23.76 43.71 33.02
N SER B 196 -23.76 42.77 33.98
CA SER B 196 -23.47 41.37 33.68
C SER B 196 -23.99 40.47 34.80
N ASP B 197 -24.05 39.16 34.52
CA ASP B 197 -24.67 38.19 35.41
C ASP B 197 -23.82 37.99 36.67
N LYS B 198 -22.49 38.15 36.52
CA LYS B 198 -21.51 37.96 37.60
C LYS B 198 -21.43 36.49 38.01
N GLU B 199 -21.53 35.56 37.05
CA GLU B 199 -21.55 34.14 37.36
C GLU B 199 -20.18 33.54 37.11
N GLN B 200 -19.77 33.50 35.85
CA GLN B 200 -18.53 32.83 35.45
C GLN B 200 -17.38 33.28 36.37
N TRP B 201 -16.51 32.33 36.77
CA TRP B 201 -15.58 32.53 37.89
C TRP B 201 -14.70 33.75 37.62
N GLY B 202 -14.19 33.89 36.38
CA GLY B 202 -13.26 34.94 35.99
C GLY B 202 -13.69 36.39 36.31
N TRP B 203 -14.93 36.62 36.77
CA TRP B 203 -15.38 37.91 37.27
C TRP B 203 -14.75 38.26 38.62
N ASN B 204 -14.09 37.29 39.24
CA ASN B 204 -13.38 37.50 40.50
C ASN B 204 -12.04 38.16 40.18
N ILE B 205 -11.45 37.74 39.05
CA ILE B 205 -10.24 38.39 38.54
C ILE B 205 -10.51 39.87 38.34
N VAL B 206 -11.69 40.19 37.78
CA VAL B 206 -12.11 41.53 37.43
C VAL B 206 -12.32 42.31 38.73
N GLU B 207 -12.92 41.65 39.71
CA GLU B 207 -13.17 42.28 40.98
C GLU B 207 -11.86 42.66 41.65
N PHE B 208 -10.79 41.91 41.37
CA PHE B 208 -9.51 42.22 41.97
C PHE B 208 -8.90 43.44 41.29
N TYR B 209 -8.95 43.42 39.96
CA TYR B 209 -8.51 44.55 39.17
C TYR B 209 -9.20 45.84 39.63
N LEU B 210 -10.46 45.75 40.04
CA LEU B 210 -11.24 46.90 40.47
C LEU B 210 -10.84 47.37 41.87
N GLY B 211 -10.16 46.51 42.63
CA GLY B 211 -9.78 46.82 44.00
C GLY B 211 -10.81 46.32 44.99
N ASN B 212 -11.84 45.61 44.52
CA ASN B 212 -12.93 45.13 45.35
C ASN B 212 -12.45 44.05 46.33
N ILE B 213 -11.49 43.24 45.90
CA ILE B 213 -10.92 42.17 46.71
C ILE B 213 -9.40 42.19 46.56
N SER B 214 -8.71 41.61 47.56
CA SER B 214 -7.25 41.53 47.59
C SER B 214 -6.79 40.35 46.75
N GLU B 215 -5.46 40.21 46.61
CA GLU B 215 -4.88 39.07 45.90
C GLU B 215 -5.15 37.80 46.70
N GLN B 216 -5.10 37.93 48.04
CA GLN B 216 -5.27 36.78 48.90
C GLN B 216 -6.69 36.24 48.76
N THR B 217 -7.71 37.12 48.84
CA THR B 217 -9.11 36.70 48.69
C THR B 217 -9.33 36.06 47.33
N LEU B 218 -8.71 36.60 46.27
CA LEU B 218 -8.85 36.04 44.94
C LEU B 218 -8.37 34.58 44.92
N MET B 219 -7.31 34.30 45.67
CA MET B 219 -6.71 33.00 45.65
C MET B 219 -7.53 32.03 46.51
N GLU B 220 -8.08 32.49 47.65
CA GLU B 220 -9.02 31.69 48.41
C GLU B 220 -10.18 31.23 47.53
N ARG B 221 -10.67 32.14 46.68
CA ARG B 221 -11.84 31.83 45.87
C ARG B 221 -11.45 30.86 44.76
N LEU B 222 -10.28 31.10 44.16
CA LEU B 222 -9.71 30.19 43.18
C LEU B 222 -9.73 28.74 43.68
N LYS B 223 -9.22 28.50 44.89
CA LYS B 223 -9.18 27.15 45.46
C LYS B 223 -10.58 26.62 45.73
N ALA B 224 -11.44 27.47 46.30
CA ALA B 224 -12.81 27.07 46.60
C ALA B 224 -13.55 26.65 45.33
N ASP B 225 -13.36 27.39 44.22
CA ASP B 225 -14.12 27.15 42.99
C ASP B 225 -13.60 25.92 42.24
N ALA B 226 -12.30 25.63 42.32
CA ALA B 226 -11.72 24.52 41.58
C ALA B 226 -12.18 23.19 42.18
N THR B 227 -12.31 22.17 41.33
CA THR B 227 -12.79 20.87 41.75
C THR B 227 -11.62 19.86 41.69
N ASP B 228 -11.36 19.30 40.50
CA ASP B 228 -10.24 18.39 40.29
C ASP B 228 -9.00 19.18 39.86
N ASN B 229 -7.91 18.46 39.64
CA ASN B 229 -6.65 19.12 39.33
C ASN B 229 -6.74 19.88 38.00
N THR B 230 -7.45 19.32 37.01
CA THR B 230 -7.55 19.95 35.71
C THR B 230 -8.25 21.30 35.85
N SER B 231 -9.30 21.34 36.68
CA SER B 231 -10.02 22.56 36.96
C SER B 231 -9.10 23.58 37.65
N LEU B 232 -8.27 23.11 38.61
CA LEU B 232 -7.34 23.98 39.30
C LEU B 232 -6.27 24.55 38.37
N ALA B 233 -5.71 23.73 37.48
CA ALA B 233 -4.72 24.14 36.50
C ALA B 233 -5.23 25.27 35.58
N GLU B 234 -6.46 25.09 35.08
CA GLU B 234 -7.18 26.05 34.25
C GLU B 234 -7.33 27.38 34.97
N HIS B 235 -7.66 27.33 36.27
CA HIS B 235 -7.83 28.54 37.05
C HIS B 235 -6.48 29.24 37.25
N LEU B 236 -5.41 28.47 37.43
CA LEU B 236 -4.11 29.04 37.76
C LEU B 236 -3.45 29.57 36.49
N SER B 237 -3.80 28.97 35.34
CA SER B 237 -3.24 29.37 34.05
C SER B 237 -3.79 30.75 33.67
N GLU B 238 -5.11 30.91 33.73
CA GLU B 238 -5.77 32.19 33.45
C GLU B 238 -5.40 33.22 34.53
N THR B 239 -5.49 32.82 35.79
CA THR B 239 -5.41 33.77 36.89
C THR B 239 -4.00 34.37 37.03
N ASN B 240 -2.95 33.55 36.87
CA ASN B 240 -1.59 34.02 37.06
C ASN B 240 -1.11 34.84 35.87
N PHE B 241 -1.75 34.69 34.71
CA PHE B 241 -1.51 35.61 33.61
C PHE B 241 -1.98 37.02 33.98
N TYR B 242 -3.19 37.09 34.54
CA TYR B 242 -3.83 38.37 34.77
C TYR B 242 -3.15 39.08 35.94
N LEU B 243 -2.71 38.34 36.96
CA LEU B 243 -1.90 38.92 38.02
C LEU B 243 -0.53 39.31 37.49
N GLY B 244 -0.02 38.58 36.49
CA GLY B 244 1.25 38.94 35.87
C GLY B 244 1.21 40.32 35.23
N LYS B 245 0.07 40.64 34.62
CA LYS B 245 -0.12 41.87 33.86
C LYS B 245 -0.35 43.06 34.80
N TYR B 246 -1.05 42.78 35.91
CA TYR B 246 -1.20 43.71 37.01
C TYR B 246 0.17 44.18 37.52
N TYR B 247 1.12 43.25 37.69
CA TYR B 247 2.42 43.53 38.29
C TYR B 247 3.34 44.24 37.29
N LEU B 248 3.26 43.82 36.02
CA LEU B 248 3.88 44.54 34.91
C LEU B 248 3.47 46.01 34.92
N SER B 249 2.18 46.25 35.17
CA SER B 249 1.61 47.58 35.07
C SER B 249 2.12 48.48 36.19
N LEU B 250 2.75 47.91 37.23
CA LEU B 250 3.43 48.70 38.26
C LEU B 250 4.96 48.66 38.10
N GLY B 251 5.48 48.07 37.02
CA GLY B 251 6.91 47.97 36.79
C GLY B 251 7.65 47.01 37.73
N ASP B 252 6.95 45.97 38.20
CA ASP B 252 7.56 44.93 39.02
C ASP B 252 7.78 43.72 38.11
N LEU B 253 8.98 43.67 37.52
CA LEU B 253 9.28 42.68 36.49
C LEU B 253 9.59 41.31 37.11
N ASP B 254 10.19 41.33 38.31
CA ASP B 254 10.47 40.13 39.09
C ASP B 254 9.19 39.33 39.31
N SER B 255 8.16 39.98 39.87
CA SER B 255 6.91 39.32 40.24
C SER B 255 6.15 38.86 39.01
N ALA B 256 6.15 39.71 37.98
CA ALA B 256 5.49 39.43 36.72
C ALA B 256 6.10 38.20 36.08
N THR B 257 7.44 38.20 36.01
CA THR B 257 8.18 37.09 35.44
C THR B 257 7.78 35.78 36.12
N ALA B 258 7.77 35.79 37.46
CA ALA B 258 7.46 34.58 38.21
C ALA B 258 5.99 34.18 37.98
N LEU B 259 5.09 35.17 37.93
CA LEU B 259 3.66 34.88 37.76
C LEU B 259 3.38 34.37 36.36
N PHE B 260 4.15 34.84 35.36
CA PHE B 260 4.00 34.31 34.01
C PHE B 260 4.48 32.85 33.96
N LYS B 261 5.58 32.52 34.65
CA LYS B 261 6.13 31.18 34.58
C LYS B 261 5.18 30.18 35.26
N LEU B 262 4.54 30.60 36.35
CA LEU B 262 3.59 29.77 37.08
C LEU B 262 2.25 29.65 36.36
N ALA B 263 2.04 30.50 35.35
CA ALA B 263 0.89 30.37 34.47
C ALA B 263 1.15 29.20 33.52
N VAL B 264 2.35 29.24 32.93
CA VAL B 264 2.82 28.35 31.87
C VAL B 264 3.05 26.94 32.43
N ALA B 265 3.37 26.90 33.73
CA ALA B 265 3.68 25.67 34.46
C ALA B 265 2.45 24.77 34.58
N ASN B 266 1.21 25.30 34.43
CA ASN B 266 0.01 24.48 34.51
C ASN B 266 -0.17 23.64 33.24
N ASN B 267 0.54 23.99 32.16
CA ASN B 267 0.55 23.27 30.90
C ASN B 267 -0.84 23.23 30.27
N VAL B 268 -1.59 24.34 30.34
CA VAL B 268 -2.84 24.47 29.59
C VAL B 268 -2.54 25.15 28.24
N HIS B 269 -2.00 24.37 27.29
CA HIS B 269 -1.21 24.83 26.17
C HIS B 269 -1.99 25.66 25.16
N ASN B 270 -3.32 25.52 25.19
CA ASN B 270 -4.16 26.21 24.23
C ASN B 270 -4.97 27.33 24.91
N PHE B 271 -4.55 27.79 26.08
CA PHE B 271 -5.15 29.00 26.63
C PHE B 271 -4.44 30.22 26.06
N VAL B 272 -5.25 31.22 25.68
CA VAL B 272 -4.77 32.55 25.37
C VAL B 272 -3.75 33.00 26.41
N GLU B 273 -4.13 32.83 27.69
CA GLU B 273 -3.32 33.29 28.81
C GLU B 273 -1.99 32.53 28.88
N HIS B 274 -1.96 31.29 28.38
CA HIS B 274 -0.74 30.49 28.28
C HIS B 274 0.12 31.00 27.12
N ARG B 275 -0.47 31.07 25.94
CA ARG B 275 0.23 31.51 24.74
C ARG B 275 1.00 32.81 24.98
N TYR B 276 0.30 33.79 25.59
CA TYR B 276 0.82 35.15 25.69
C TYR B 276 1.52 35.39 27.02
N ALA B 277 1.43 34.41 27.94
CA ALA B 277 2.35 34.35 29.07
C ALA B 277 3.77 34.08 28.57
N LEU B 278 3.89 33.17 27.59
CA LEU B 278 5.16 32.80 26.96
C LEU B 278 5.74 33.99 26.20
N LEU B 279 4.84 34.75 25.55
CA LEU B 279 5.20 35.94 24.79
C LEU B 279 5.75 37.01 25.74
N GLU B 280 5.03 37.25 26.85
CA GLU B 280 5.46 38.23 27.83
C GLU B 280 6.85 37.92 28.34
N LEU B 281 7.08 36.62 28.60
CA LEU B 281 8.33 36.15 29.18
C LEU B 281 9.49 36.35 28.22
N SER B 282 9.20 36.02 26.96
CA SER B 282 10.05 36.35 25.83
C SER B 282 10.39 37.85 25.74
N LEU B 283 9.39 38.73 25.95
CA LEU B 283 9.62 40.15 25.89
C LEU B 283 10.45 40.60 27.10
N LEU B 284 10.14 40.03 28.26
CA LEU B 284 10.89 40.30 29.48
C LEU B 284 12.28 39.72 29.34
N GLY B 285 12.35 38.54 28.70
CA GLY B 285 13.60 37.88 28.36
C GLY B 285 14.56 38.77 27.57
N GLN B 286 14.08 39.43 26.51
CA GLN B 286 14.91 40.31 25.71
C GLN B 286 15.21 41.60 26.47
N ASP B 287 14.25 42.14 27.21
CA ASP B 287 14.48 43.33 28.01
C ASP B 287 15.70 43.17 28.92
N GLN B 288 15.64 42.23 29.89
CA GLN B 288 16.68 42.03 30.90
C GLN B 288 18.01 41.82 30.18
N ASP B 289 17.97 40.93 29.19
CA ASP B 289 19.15 40.28 28.67
C ASP B 289 19.66 41.13 27.49
N ASP B 290 20.29 42.27 27.85
CA ASP B 290 20.79 43.28 26.91
C ASP B 290 21.91 44.10 27.59
N ARG C 28 -11.21 -33.92 -47.57
CA ARG C 28 -12.15 -35.08 -47.61
C ARG C 28 -12.03 -35.79 -46.26
N LYS C 29 -10.93 -36.54 -46.05
CA LYS C 29 -10.52 -37.05 -44.75
C LYS C 29 -8.99 -37.06 -44.64
N SER C 30 -8.33 -36.19 -45.45
CA SER C 30 -6.89 -36.17 -45.67
C SER C 30 -6.13 -36.29 -44.35
N GLU C 31 -6.60 -35.53 -43.36
CA GLU C 31 -6.06 -35.61 -42.02
C GLU C 31 -7.21 -35.95 -41.05
N VAL C 32 -6.75 -36.40 -39.86
CA VAL C 32 -7.50 -36.57 -38.64
C VAL C 32 -7.19 -35.38 -37.73
N LEU C 33 -8.26 -34.69 -37.29
CA LEU C 33 -8.20 -33.35 -36.77
C LEU C 33 -9.09 -33.24 -35.53
N ALA C 34 -8.61 -32.56 -34.49
CA ALA C 34 -9.44 -32.19 -33.35
C ALA C 34 -9.83 -30.72 -33.50
N VAL C 35 -10.71 -30.24 -32.63
CA VAL C 35 -10.90 -28.81 -32.51
C VAL C 35 -9.73 -28.31 -31.66
N PRO C 36 -8.90 -27.38 -32.16
CA PRO C 36 -7.83 -26.81 -31.35
C PRO C 36 -8.41 -26.49 -29.98
N LEU C 37 -7.72 -26.98 -28.95
CA LEU C 37 -8.13 -26.78 -27.58
C LEU C 37 -8.21 -25.29 -27.27
N GLN C 38 -9.14 -24.95 -26.38
CA GLN C 38 -9.44 -23.60 -25.98
C GLN C 38 -9.29 -23.51 -24.46
N PRO C 39 -8.98 -22.32 -23.90
CA PRO C 39 -9.01 -22.14 -22.45
C PRO C 39 -10.31 -22.64 -21.84
N THR C 40 -10.18 -23.44 -20.78
CA THR C 40 -11.34 -23.95 -20.06
C THR C 40 -11.85 -22.89 -19.09
N LEU C 41 -13.09 -23.06 -18.65
CA LEU C 41 -13.69 -22.15 -17.68
C LEU C 41 -12.94 -22.22 -16.33
N GLN C 42 -12.39 -23.37 -15.99
CA GLN C 42 -11.65 -23.52 -14.76
C GLN C 42 -10.39 -22.69 -14.79
N GLN C 43 -9.63 -22.80 -15.89
CA GLN C 43 -8.36 -22.10 -16.03
C GLN C 43 -8.60 -20.59 -15.86
N GLU C 44 -9.62 -20.05 -16.54
CA GLU C 44 -9.90 -18.63 -16.53
C GLU C 44 -10.48 -18.16 -15.18
N VAL C 45 -11.29 -18.98 -14.49
CA VAL C 45 -11.73 -18.70 -13.13
C VAL C 45 -10.51 -18.66 -12.20
N ILE C 46 -9.70 -19.71 -12.24
CA ILE C 46 -8.56 -19.75 -11.36
C ILE C 46 -7.67 -18.55 -11.61
N LEU C 47 -7.43 -18.17 -12.87
CA LEU C 47 -6.59 -17.01 -13.12
C LEU C 47 -7.14 -15.73 -12.50
N ALA C 48 -8.46 -15.55 -12.58
CA ALA C 48 -9.13 -14.32 -12.21
C ALA C 48 -9.00 -14.09 -10.72
N ARG C 49 -9.02 -15.21 -9.98
CA ARG C 49 -8.99 -15.24 -8.52
C ARG C 49 -7.56 -15.04 -8.06
N MET C 50 -6.62 -15.69 -8.75
CA MET C 50 -5.22 -15.50 -8.48
C MET C 50 -4.86 -14.01 -8.61
N GLU C 51 -5.40 -13.32 -9.60
CA GLU C 51 -5.04 -11.93 -9.80
C GLU C 51 -5.58 -11.14 -8.62
N GLN C 52 -6.77 -11.53 -8.12
CA GLN C 52 -7.38 -10.85 -7.00
C GLN C 52 -6.56 -11.06 -5.72
N ILE C 53 -6.00 -12.26 -5.51
CA ILE C 53 -5.29 -12.59 -4.29
C ILE C 53 -3.90 -11.93 -4.27
N LEU C 54 -3.25 -11.93 -5.44
CA LEU C 54 -1.92 -11.35 -5.59
C LEU C 54 -1.95 -9.85 -5.47
N ALA C 55 -3.06 -9.21 -5.85
CA ALA C 55 -3.24 -7.78 -5.67
C ALA C 55 -3.45 -7.46 -4.19
N SER C 56 -3.88 -8.43 -3.38
CA SER C 56 -3.95 -8.23 -1.93
C SER C 56 -2.53 -8.11 -1.36
N ARG C 57 -2.42 -7.31 -0.29
CA ARG C 57 -1.19 -7.09 0.44
C ARG C 57 -1.21 -7.90 1.73
N ALA C 58 -2.07 -8.93 1.77
CA ALA C 58 -2.18 -9.81 2.92
C ALA C 58 -1.64 -11.19 2.56
N LEU C 59 -0.37 -11.24 2.14
CA LEU C 59 0.24 -12.46 1.63
C LEU C 59 1.67 -12.59 2.17
N THR C 60 2.00 -13.74 2.76
CA THR C 60 3.36 -14.16 3.08
C THR C 60 4.23 -14.14 1.83
N ASP C 61 5.54 -13.97 2.02
CA ASP C 61 6.49 -14.13 0.95
C ASP C 61 6.35 -15.55 0.42
N ASP C 62 6.21 -16.51 1.34
CA ASP C 62 6.15 -17.91 0.94
C ASP C 62 4.84 -18.21 0.23
N GLU C 63 3.73 -17.61 0.68
CA GLU C 63 2.43 -17.78 0.05
C GLU C 63 2.44 -17.14 -1.33
N ARG C 64 2.94 -15.90 -1.44
CA ARG C 64 3.07 -15.22 -2.72
C ARG C 64 3.91 -16.03 -3.70
N ALA C 65 5.01 -16.62 -3.21
CA ALA C 65 5.88 -17.47 -4.02
C ALA C 65 5.13 -18.69 -4.57
N GLN C 66 4.22 -19.26 -3.77
CA GLN C 66 3.48 -20.45 -4.15
C GLN C 66 2.46 -20.09 -5.23
N LEU C 67 1.83 -18.93 -5.09
CA LEU C 67 0.75 -18.54 -5.96
C LEU C 67 1.32 -18.07 -7.30
N LEU C 68 2.47 -17.41 -7.25
CA LEU C 68 3.22 -17.07 -8.45
C LEU C 68 3.65 -18.35 -9.18
N TYR C 69 4.18 -19.33 -8.46
CA TYR C 69 4.59 -20.57 -9.10
C TYR C 69 3.39 -21.18 -9.80
N GLU C 70 2.29 -21.36 -9.04
CA GLU C 70 1.16 -22.12 -9.54
C GLU C 70 0.52 -21.37 -10.70
N ARG C 71 0.53 -20.05 -10.65
CA ARG C 71 0.05 -19.28 -11.78
C ARG C 71 0.93 -19.45 -13.00
N GLY C 72 2.26 -19.47 -12.81
CA GLY C 72 3.18 -19.76 -13.91
C GLY C 72 2.84 -21.07 -14.62
N VAL C 73 2.46 -22.09 -13.83
CA VAL C 73 2.19 -23.39 -14.39
C VAL C 73 1.02 -23.29 -15.35
N LEU C 74 0.10 -22.41 -14.97
CA LEU C 74 -1.19 -22.23 -15.61
C LEU C 74 -1.03 -21.41 -16.88
N TYR C 75 -0.29 -20.30 -16.79
CA TYR C 75 0.11 -19.54 -17.96
C TYR C 75 0.81 -20.47 -18.95
N ASP C 76 1.70 -21.33 -18.44
CA ASP C 76 2.44 -22.21 -19.34
C ASP C 76 1.49 -23.15 -20.10
N SER C 77 0.41 -23.56 -19.45
CA SER C 77 -0.53 -24.52 -20.02
C SER C 77 -1.46 -23.84 -21.02
N LEU C 78 -1.50 -22.50 -20.98
CA LEU C 78 -2.19 -21.67 -21.97
C LEU C 78 -1.23 -21.15 -23.03
N GLY C 79 0.05 -21.55 -22.93
CA GLY C 79 1.05 -21.20 -23.92
C GLY C 79 1.55 -19.77 -23.78
N LEU C 80 1.38 -19.19 -22.58
CA LEU C 80 1.81 -17.83 -22.30
C LEU C 80 3.16 -17.89 -21.57
N ARG C 81 4.24 -18.10 -22.34
CA ARG C 81 5.48 -18.60 -21.76
C ARG C 81 6.34 -17.48 -21.19
N ALA C 82 6.28 -16.28 -21.74
CA ALA C 82 7.07 -15.20 -21.16
C ALA C 82 6.46 -14.76 -19.83
N LEU C 83 5.12 -14.79 -19.78
CA LEU C 83 4.38 -14.50 -18.54
C LEU C 83 4.69 -15.57 -17.51
N ALA C 84 4.63 -16.84 -17.91
CA ALA C 84 4.98 -17.92 -17.01
C ALA C 84 6.40 -17.74 -16.46
N ARG C 85 7.36 -17.42 -17.34
CA ARG C 85 8.75 -17.31 -16.90
C ARG C 85 8.88 -16.17 -15.91
N ASN C 86 8.15 -15.10 -16.18
CA ASN C 86 8.19 -13.92 -15.32
C ASN C 86 7.70 -14.25 -13.90
N ASP C 87 6.66 -15.07 -13.78
CA ASP C 87 6.08 -15.43 -12.48
C ASP C 87 7.01 -16.39 -11.72
N PHE C 88 7.60 -17.37 -12.42
CA PHE C 88 8.58 -18.29 -11.87
C PHE C 88 9.82 -17.58 -11.34
N SER C 89 10.28 -16.56 -12.07
CA SER C 89 11.46 -15.82 -11.67
C SER C 89 11.16 -14.98 -10.44
N GLN C 90 9.97 -14.38 -10.38
CA GLN C 90 9.57 -13.61 -9.22
C GLN C 90 9.48 -14.53 -7.99
N ALA C 91 8.89 -15.72 -8.18
CA ALA C 91 8.80 -16.71 -7.14
C ALA C 91 10.19 -17.13 -6.60
N LEU C 92 11.13 -17.50 -7.49
CA LEU C 92 12.48 -17.92 -7.13
C LEU C 92 13.19 -16.81 -6.36
N ALA C 93 12.88 -15.54 -6.69
CA ALA C 93 13.47 -14.40 -6.01
C ALA C 93 13.09 -14.38 -4.52
N ILE C 94 11.93 -14.92 -4.17
CA ILE C 94 11.40 -14.93 -2.81
C ILE C 94 11.81 -16.20 -2.08
N ARG C 95 11.60 -17.36 -2.74
CA ARG C 95 11.89 -18.67 -2.18
C ARG C 95 12.89 -19.38 -3.09
N PRO C 96 14.22 -19.30 -2.83
CA PRO C 96 15.22 -20.05 -3.61
C PRO C 96 15.19 -21.58 -3.67
N ASP C 97 14.62 -22.27 -2.68
CA ASP C 97 14.56 -23.74 -2.74
C ASP C 97 13.36 -24.18 -3.59
N MET C 98 13.50 -24.00 -4.92
CA MET C 98 12.42 -24.29 -5.84
C MET C 98 12.98 -25.00 -7.07
N PRO C 99 13.36 -26.28 -6.94
CA PRO C 99 13.75 -27.04 -8.12
C PRO C 99 12.66 -27.04 -9.18
N GLU C 100 11.39 -26.88 -8.77
CA GLU C 100 10.29 -26.85 -9.72
C GLU C 100 10.44 -25.68 -10.69
N VAL C 101 10.96 -24.56 -10.16
CA VAL C 101 11.18 -23.37 -10.96
C VAL C 101 12.32 -23.62 -11.93
N PHE C 102 13.48 -24.03 -11.38
CA PHE C 102 14.67 -24.27 -12.18
C PHE C 102 14.34 -25.23 -13.32
N ASN C 103 13.36 -26.12 -13.13
CA ASN C 103 12.99 -27.10 -14.14
C ASN C 103 12.30 -26.45 -15.33
N TYR C 104 11.40 -25.48 -15.06
CA TYR C 104 10.68 -24.77 -16.11
C TYR C 104 11.60 -23.79 -16.82
N LEU C 105 12.52 -23.16 -16.05
CA LEU C 105 13.50 -22.24 -16.62
C LEU C 105 14.40 -23.00 -17.59
N GLY C 106 14.70 -24.26 -17.27
CA GLY C 106 15.53 -25.06 -18.15
C GLY C 106 14.82 -25.34 -19.45
N ILE C 107 13.55 -25.74 -19.30
CA ILE C 107 12.69 -25.97 -20.45
C ILE C 107 12.65 -24.73 -21.33
N TYR C 108 12.50 -23.51 -20.77
CA TYR C 108 12.35 -22.32 -21.58
C TYR C 108 13.66 -21.98 -22.28
N LEU C 109 14.78 -22.26 -21.61
CA LEU C 109 16.09 -22.04 -22.21
C LEU C 109 16.29 -23.01 -23.37
N THR C 110 15.84 -24.27 -23.18
CA THR C 110 15.92 -25.29 -24.21
C THR C 110 15.11 -24.89 -25.45
N GLN C 111 13.90 -24.41 -25.16
CA GLN C 111 12.89 -24.02 -26.13
C GLN C 111 13.42 -22.84 -26.96
N ALA C 112 14.25 -22.01 -26.32
CA ALA C 112 14.82 -20.79 -26.89
C ALA C 112 16.16 -21.06 -27.58
N GLY C 113 16.60 -22.32 -27.65
CA GLY C 113 17.79 -22.69 -28.40
C GLY C 113 19.07 -22.49 -27.59
N ASN C 114 18.89 -22.20 -26.30
CA ASN C 114 19.97 -21.80 -25.42
C ASN C 114 20.41 -22.98 -24.55
N PHE C 115 21.06 -23.98 -25.17
CA PHE C 115 21.15 -25.32 -24.60
C PHE C 115 22.14 -25.34 -23.44
N ASP C 116 23.20 -24.53 -23.55
CA ASP C 116 24.24 -24.43 -22.53
C ASP C 116 23.64 -23.94 -21.21
N ALA C 117 22.86 -22.86 -21.22
CA ALA C 117 22.23 -22.37 -20.01
C ALA C 117 21.21 -23.38 -19.44
N ALA C 118 20.55 -24.18 -20.29
CA ALA C 118 19.54 -25.11 -19.81
C ALA C 118 20.19 -26.22 -18.98
N TYR C 119 21.35 -26.73 -19.44
CA TYR C 119 22.08 -27.76 -18.69
C TYR C 119 22.29 -27.28 -17.27
N GLU C 120 22.71 -26.01 -17.10
CA GLU C 120 22.95 -25.42 -15.79
C GLU C 120 21.67 -25.40 -14.96
N ALA C 121 20.54 -25.04 -15.58
CA ALA C 121 19.29 -24.93 -14.85
C ALA C 121 18.89 -26.29 -14.30
N PHE C 122 19.07 -27.33 -15.14
CA PHE C 122 18.73 -28.70 -14.79
C PHE C 122 19.69 -29.23 -13.73
N ASP C 123 20.94 -28.78 -13.77
CA ASP C 123 21.93 -29.18 -12.78
C ASP C 123 21.49 -28.66 -11.41
N SER C 124 20.83 -27.51 -11.41
CA SER C 124 20.39 -26.86 -10.18
C SER C 124 19.18 -27.56 -9.57
N VAL C 125 18.25 -27.99 -10.43
CA VAL C 125 17.15 -28.84 -9.99
C VAL C 125 17.68 -30.02 -9.17
N LEU C 126 18.69 -30.74 -9.71
CA LEU C 126 19.10 -32.03 -9.16
C LEU C 126 19.99 -31.83 -7.94
N GLU C 127 20.62 -30.67 -7.89
CA GLU C 127 21.42 -30.28 -6.74
C GLU C 127 20.48 -30.02 -5.57
N LEU C 128 19.38 -29.29 -5.83
CA LEU C 128 18.40 -29.00 -4.79
C LEU C 128 17.58 -30.24 -4.44
N ASP C 129 17.14 -31.00 -5.45
CA ASP C 129 16.32 -32.19 -5.23
C ASP C 129 16.84 -33.33 -6.11
N PRO C 130 17.74 -34.17 -5.57
CA PRO C 130 18.22 -35.33 -6.31
C PRO C 130 17.07 -36.19 -6.83
N THR C 131 15.95 -36.21 -6.12
CA THR C 131 14.83 -37.08 -6.44
C THR C 131 13.87 -36.51 -7.48
N TYR C 132 14.17 -35.34 -8.08
CA TYR C 132 13.28 -34.66 -9.02
C TYR C 132 13.61 -35.11 -10.44
N ASN C 133 13.18 -36.33 -10.80
CA ASN C 133 13.82 -37.06 -11.86
C ASN C 133 13.20 -36.67 -13.21
N TYR C 134 12.32 -35.67 -13.23
CA TYR C 134 11.89 -35.10 -14.52
C TYR C 134 12.98 -34.18 -15.06
N ALA C 135 13.85 -33.66 -14.19
CA ALA C 135 15.08 -33.03 -14.63
C ALA C 135 15.87 -33.94 -15.56
N HIS C 136 15.87 -35.26 -15.34
CA HIS C 136 16.63 -36.18 -16.19
C HIS C 136 16.05 -36.23 -17.60
N LEU C 137 14.72 -36.18 -17.71
CA LEU C 137 14.07 -36.16 -19.00
C LEU C 137 14.43 -34.89 -19.76
N ASN C 138 14.31 -33.77 -19.06
CA ASN C 138 14.35 -32.45 -19.68
C ASN C 138 15.78 -32.10 -20.09
N ARG C 139 16.75 -32.38 -19.22
CA ARG C 139 18.16 -32.21 -19.52
C ARG C 139 18.54 -33.16 -20.66
N GLY C 140 18.03 -34.38 -20.59
CA GLY C 140 18.21 -35.32 -21.67
C GLY C 140 17.79 -34.75 -23.02
N ILE C 141 16.64 -34.08 -23.08
CA ILE C 141 16.13 -33.50 -24.32
C ILE C 141 16.96 -32.29 -24.72
N ALA C 142 17.36 -31.49 -23.72
CA ALA C 142 18.22 -30.35 -23.98
C ALA C 142 19.51 -30.82 -24.66
N LEU C 143 20.07 -31.91 -24.13
CA LEU C 143 21.34 -32.41 -24.62
C LEU C 143 21.14 -32.94 -26.04
N TYR C 144 20.00 -33.59 -26.28
CA TYR C 144 19.66 -34.11 -27.60
C TYR C 144 19.67 -32.96 -28.60
N TYR C 145 18.89 -31.91 -28.32
CA TYR C 145 18.80 -30.74 -29.18
C TYR C 145 20.11 -29.96 -29.24
N GLY C 146 20.99 -30.12 -28.23
CA GLY C 146 22.28 -29.43 -28.20
C GLY C 146 23.42 -30.22 -28.86
N GLY C 147 23.10 -31.38 -29.43
CA GLY C 147 24.03 -32.15 -30.23
C GLY C 147 24.84 -33.18 -29.44
N ARG C 148 24.58 -33.28 -28.13
CA ARG C 148 25.37 -34.04 -27.18
C ARG C 148 24.66 -35.35 -26.94
N ASP C 149 24.92 -36.35 -27.80
CA ASP C 149 24.06 -37.51 -27.97
C ASP C 149 24.36 -38.57 -26.90
N LYS C 150 25.63 -38.70 -26.48
CA LYS C 150 26.00 -39.74 -25.53
C LYS C 150 25.54 -39.34 -24.12
N LEU C 151 25.75 -38.07 -23.78
CA LEU C 151 25.31 -37.48 -22.52
C LEU C 151 23.79 -37.49 -22.40
N ALA C 152 23.08 -37.25 -23.51
CA ALA C 152 21.62 -37.31 -23.55
C ALA C 152 21.13 -38.72 -23.22
N GLN C 153 21.75 -39.73 -23.85
CA GLN C 153 21.36 -41.10 -23.58
C GLN C 153 21.60 -41.40 -22.10
N ASP C 154 22.71 -40.90 -21.52
CA ASP C 154 22.95 -41.17 -20.12
C ASP C 154 21.72 -40.78 -19.32
N ASP C 155 21.16 -39.58 -19.56
CA ASP C 155 20.03 -39.06 -18.82
C ASP C 155 18.72 -39.78 -19.16
N LEU C 156 18.48 -40.05 -20.44
CA LEU C 156 17.23 -40.66 -20.84
C LEU C 156 17.17 -42.15 -20.48
N LEU C 157 18.32 -42.84 -20.43
CA LEU C 157 18.42 -44.18 -19.85
C LEU C 157 18.02 -44.14 -18.37
N ALA C 158 18.52 -43.14 -17.63
CA ALA C 158 18.19 -42.96 -16.22
C ALA C 158 16.67 -42.83 -16.07
N PHE C 159 16.07 -42.00 -16.93
CA PHE C 159 14.66 -41.71 -16.82
C PHE C 159 13.85 -42.96 -17.16
N TYR C 160 14.24 -43.64 -18.25
CA TYR C 160 13.60 -44.87 -18.69
C TYR C 160 13.64 -45.91 -17.58
N GLN C 161 14.75 -45.97 -16.84
CA GLN C 161 14.94 -46.99 -15.84
C GLN C 161 13.97 -46.77 -14.67
N ASP C 162 13.43 -45.55 -14.55
CA ASP C 162 12.56 -45.23 -13.43
C ASP C 162 11.10 -45.57 -13.76
N ASP C 163 10.72 -45.65 -15.05
CA ASP C 163 9.44 -46.25 -15.43
C ASP C 163 9.52 -46.88 -16.81
N PRO C 164 9.88 -48.18 -16.93
CA PRO C 164 9.97 -48.81 -18.24
C PRO C 164 8.65 -48.99 -19.01
N ASN C 165 7.49 -48.80 -18.36
CA ASN C 165 6.20 -49.04 -18.99
C ASN C 165 5.66 -47.78 -19.64
N ASP C 166 6.37 -46.64 -19.45
CA ASP C 166 5.98 -45.35 -20.01
C ASP C 166 6.61 -45.25 -21.40
N PRO C 167 5.84 -45.45 -22.48
CA PRO C 167 6.40 -45.49 -23.84
C PRO C 167 7.13 -44.25 -24.29
N PHE C 168 6.77 -43.10 -23.72
CA PHE C 168 7.36 -41.83 -24.11
C PHE C 168 8.79 -41.74 -23.63
N ARG C 169 9.11 -42.43 -22.53
CA ARG C 169 10.48 -42.56 -22.07
C ARG C 169 11.32 -43.35 -23.09
N SER C 170 10.77 -44.48 -23.57
CA SER C 170 11.37 -45.29 -24.61
C SER C 170 11.51 -44.57 -25.95
N LEU C 171 10.55 -43.70 -26.29
CA LEU C 171 10.58 -42.97 -27.57
C LEU C 171 11.67 -41.91 -27.53
N TRP C 172 11.81 -41.20 -26.39
CA TRP C 172 12.82 -40.15 -26.28
C TRP C 172 14.20 -40.80 -26.29
N LEU C 173 14.32 -41.94 -25.63
CA LEU C 173 15.60 -42.64 -25.56
C LEU C 173 16.03 -43.06 -26.96
N TYR C 174 15.03 -43.49 -27.76
CA TYR C 174 15.21 -43.92 -29.14
C TYR C 174 15.71 -42.78 -30.01
N LEU C 175 15.03 -41.63 -29.96
CA LEU C 175 15.43 -40.44 -30.69
C LEU C 175 16.88 -40.12 -30.40
N ALA C 176 17.31 -40.25 -29.15
CA ALA C 176 18.68 -39.89 -28.79
C ALA C 176 19.69 -40.91 -29.31
N GLU C 177 19.37 -42.19 -29.14
CA GLU C 177 20.20 -43.29 -29.59
C GLU C 177 20.26 -43.31 -31.12
N GLN C 178 19.25 -42.74 -31.78
CA GLN C 178 19.06 -42.83 -33.23
C GLN C 178 20.21 -42.13 -33.95
N LYS C 179 20.75 -41.06 -33.34
CA LYS C 179 21.75 -40.22 -34.00
C LYS C 179 23.13 -40.89 -33.98
N LEU C 180 23.35 -41.81 -33.03
CA LEU C 180 24.60 -42.56 -32.88
C LEU C 180 24.59 -43.79 -33.78
N ASP C 181 23.53 -44.60 -33.69
CA ASP C 181 23.31 -45.75 -34.56
C ASP C 181 21.83 -46.11 -34.57
N GLU C 182 21.18 -45.84 -35.70
CA GLU C 182 19.75 -46.07 -35.87
C GLU C 182 19.44 -47.58 -35.79
N LYS C 183 20.21 -48.44 -36.46
CA LYS C 183 20.08 -49.90 -36.43
C LYS C 183 19.93 -50.40 -35.00
N GLN C 184 20.92 -50.04 -34.18
CA GLN C 184 21.03 -50.52 -32.82
C GLN C 184 19.93 -49.92 -31.94
N ALA C 185 19.63 -48.62 -32.13
CA ALA C 185 18.60 -47.91 -31.40
C ALA C 185 17.24 -48.58 -31.57
N LYS C 186 16.95 -49.03 -32.79
CA LYS C 186 15.69 -49.67 -33.15
C LYS C 186 15.65 -51.08 -32.59
N GLU C 187 16.79 -51.68 -32.29
CA GLU C 187 16.79 -52.98 -31.66
C GLU C 187 16.57 -52.81 -30.15
N VAL C 188 17.00 -51.68 -29.56
CA VAL C 188 16.85 -51.45 -28.13
C VAL C 188 15.40 -51.09 -27.84
N LEU C 189 14.75 -50.48 -28.83
CA LEU C 189 13.34 -50.13 -28.73
C LEU C 189 12.48 -51.38 -28.80
N LYS C 190 12.85 -52.32 -29.69
CA LYS C 190 12.12 -53.59 -29.79
C LYS C 190 12.15 -54.28 -28.43
N GLN C 191 13.25 -54.09 -27.69
CA GLN C 191 13.45 -54.76 -26.42
C GLN C 191 12.58 -54.07 -25.37
N HIS C 192 12.70 -52.75 -25.26
CA HIS C 192 11.90 -51.98 -24.30
C HIS C 192 10.40 -52.23 -24.45
N PHE C 193 9.93 -52.43 -25.69
CA PHE C 193 8.55 -52.79 -25.99
C PHE C 193 8.19 -54.20 -25.50
N GLU C 194 8.96 -55.21 -25.94
CA GLU C 194 8.71 -56.61 -25.61
C GLU C 194 8.60 -56.81 -24.09
N LYS C 195 9.43 -56.08 -23.35
CA LYS C 195 9.54 -56.31 -21.93
C LYS C 195 8.60 -55.36 -21.18
N SER C 196 7.92 -54.44 -21.88
CA SER C 196 6.88 -53.62 -21.26
C SER C 196 5.59 -54.43 -21.12
N ASP C 197 4.64 -53.93 -20.30
CA ASP C 197 3.31 -54.50 -20.17
C ASP C 197 2.44 -54.15 -21.39
N LYS C 198 2.93 -53.25 -22.25
CA LYS C 198 2.31 -52.90 -23.53
C LYS C 198 0.92 -52.31 -23.33
N GLU C 199 0.65 -51.71 -22.16
CA GLU C 199 -0.72 -51.34 -21.82
C GLU C 199 -1.04 -50.01 -22.49
N GLN C 200 -0.25 -48.99 -22.16
CA GLN C 200 -0.55 -47.62 -22.54
C GLN C 200 -0.61 -47.50 -24.05
N TRP C 201 -1.38 -46.54 -24.56
CA TRP C 201 -1.64 -46.42 -25.99
C TRP C 201 -0.35 -46.11 -26.75
N GLY C 202 0.56 -45.36 -26.09
CA GLY C 202 1.75 -44.79 -26.72
C GLY C 202 2.68 -45.86 -27.29
N TRP C 203 2.47 -47.14 -26.95
CA TRP C 203 3.31 -48.17 -27.49
C TRP C 203 2.94 -48.47 -28.94
N ASN C 204 1.77 -48.00 -29.39
CA ASN C 204 1.39 -48.05 -30.78
C ASN C 204 2.31 -47.18 -31.66
N ILE C 205 2.73 -46.02 -31.14
CA ILE C 205 3.68 -45.15 -31.82
C ILE C 205 5.03 -45.86 -31.97
N VAL C 206 5.45 -46.52 -30.88
CA VAL C 206 6.63 -47.36 -30.84
C VAL C 206 6.47 -48.46 -31.89
N GLU C 207 5.31 -49.11 -31.87
CA GLU C 207 5.01 -50.18 -32.80
C GLU C 207 5.11 -49.66 -34.25
N PHE C 208 4.88 -48.36 -34.44
CA PHE C 208 4.96 -47.82 -35.80
C PHE C 208 6.43 -47.68 -36.20
N TYR C 209 7.19 -47.06 -35.29
CA TYR C 209 8.62 -46.84 -35.42
C TYR C 209 9.38 -48.14 -35.68
N LEU C 210 8.85 -49.25 -35.16
CA LEU C 210 9.43 -50.57 -35.34
C LEU C 210 8.98 -51.20 -36.66
N GLY C 211 8.18 -50.49 -37.46
CA GLY C 211 7.49 -51.04 -38.63
C GLY C 211 6.67 -52.31 -38.37
N ASN C 212 6.12 -52.45 -37.14
CA ASN C 212 5.17 -53.51 -36.81
C ASN C 212 3.77 -53.20 -37.37
N ILE C 213 3.42 -51.92 -37.47
CA ILE C 213 2.17 -51.46 -38.05
C ILE C 213 2.47 -50.27 -38.97
N SER C 214 1.53 -50.01 -39.89
CA SER C 214 1.65 -48.87 -40.80
C SER C 214 1.05 -47.64 -40.14
N GLU C 215 1.32 -46.48 -40.75
CA GLU C 215 0.81 -45.19 -40.30
C GLU C 215 -0.72 -45.14 -40.40
N GLN C 216 -1.29 -45.73 -41.46
CA GLN C 216 -2.74 -45.75 -41.58
C GLN C 216 -3.36 -46.48 -40.39
N THR C 217 -2.71 -47.58 -39.96
CA THR C 217 -3.16 -48.34 -38.80
C THR C 217 -2.86 -47.61 -37.50
N LEU C 218 -1.78 -46.83 -37.45
CA LEU C 218 -1.54 -46.00 -36.29
C LEU C 218 -2.71 -45.04 -36.10
N MET C 219 -3.14 -44.41 -37.19
CA MET C 219 -4.20 -43.40 -37.17
C MET C 219 -5.57 -44.02 -36.91
N GLU C 220 -5.81 -45.23 -37.43
CA GLU C 220 -7.07 -45.91 -37.13
C GLU C 220 -7.15 -46.22 -35.63
N ARG C 221 -6.04 -46.69 -35.04
CA ARG C 221 -6.03 -47.02 -33.62
C ARG C 221 -6.12 -45.77 -32.76
N LEU C 222 -5.60 -44.64 -33.27
CA LEU C 222 -5.67 -43.36 -32.58
C LEU C 222 -7.13 -42.90 -32.44
N LYS C 223 -7.90 -42.94 -33.53
CA LYS C 223 -9.29 -42.52 -33.53
C LYS C 223 -10.09 -43.34 -32.52
N ALA C 224 -9.79 -44.65 -32.43
CA ALA C 224 -10.51 -45.59 -31.59
C ALA C 224 -10.22 -45.33 -30.11
N ASP C 225 -8.96 -45.01 -29.78
CA ASP C 225 -8.56 -44.81 -28.40
C ASP C 225 -9.04 -43.46 -27.87
N ALA C 226 -9.23 -42.48 -28.77
CA ALA C 226 -9.65 -41.15 -28.37
C ALA C 226 -11.14 -41.15 -28.03
N THR C 227 -11.46 -40.58 -26.86
CA THR C 227 -12.84 -40.41 -26.40
C THR C 227 -13.34 -39.02 -26.81
N ASP C 228 -13.26 -38.03 -25.92
CA ASP C 228 -13.68 -36.67 -26.24
C ASP C 228 -12.63 -35.93 -27.08
N ASN C 229 -12.91 -34.64 -27.36
CA ASN C 229 -12.08 -33.84 -28.25
C ASN C 229 -10.72 -33.64 -27.60
N THR C 230 -10.69 -33.54 -26.27
CA THR C 230 -9.45 -33.27 -25.57
C THR C 230 -8.53 -34.48 -25.66
N SER C 231 -9.04 -35.66 -25.31
CA SER C 231 -8.40 -36.92 -25.57
C SER C 231 -7.79 -36.93 -26.97
N LEU C 232 -8.55 -36.47 -27.96
CA LEU C 232 -8.15 -36.55 -29.35
C LEU C 232 -7.04 -35.55 -29.62
N ALA C 233 -7.18 -34.32 -29.11
CA ALA C 233 -6.17 -33.29 -29.31
C ALA C 233 -4.81 -33.73 -28.77
N GLU C 234 -4.84 -34.34 -27.58
CA GLU C 234 -3.67 -34.87 -26.90
C GLU C 234 -3.03 -36.05 -27.65
N HIS C 235 -3.82 -37.01 -28.15
CA HIS C 235 -3.32 -38.08 -28.99
C HIS C 235 -2.62 -37.51 -30.23
N LEU C 236 -3.21 -36.49 -30.87
CA LEU C 236 -2.65 -35.96 -32.11
C LEU C 236 -1.42 -35.09 -31.83
N SER C 237 -1.37 -34.40 -30.69
CA SER C 237 -0.20 -33.60 -30.34
C SER C 237 1.03 -34.51 -30.18
N GLU C 238 0.91 -35.56 -29.37
CA GLU C 238 2.00 -36.49 -29.18
C GLU C 238 2.33 -37.15 -30.53
N THR C 239 1.30 -37.69 -31.18
CA THR C 239 1.52 -38.55 -32.34
C THR C 239 2.13 -37.80 -33.52
N ASN C 240 1.56 -36.65 -33.88
CA ASN C 240 2.04 -35.86 -35.01
C ASN C 240 3.48 -35.39 -34.80
N PHE C 241 3.92 -35.28 -33.54
CA PHE C 241 5.32 -34.96 -33.30
C PHE C 241 6.20 -36.15 -33.70
N TYR C 242 5.91 -37.34 -33.17
CA TYR C 242 6.75 -38.52 -33.38
C TYR C 242 6.78 -38.90 -34.86
N LEU C 243 5.66 -38.61 -35.58
CA LEU C 243 5.56 -38.85 -37.01
C LEU C 243 6.41 -37.85 -37.80
N GLY C 244 6.30 -36.55 -37.47
CA GLY C 244 7.19 -35.55 -38.01
C GLY C 244 8.66 -35.97 -37.91
N LYS C 245 9.05 -36.51 -36.73
CA LYS C 245 10.42 -36.90 -36.47
C LYS C 245 10.84 -38.04 -37.41
N TYR C 246 9.95 -39.04 -37.50
CA TYR C 246 10.09 -40.09 -38.49
C TYR C 246 10.38 -39.51 -39.86
N TYR C 247 9.58 -38.54 -40.33
CA TYR C 247 9.72 -38.03 -41.68
C TYR C 247 11.03 -37.24 -41.86
N LEU C 248 11.42 -36.48 -40.83
CA LEU C 248 12.74 -35.87 -40.74
C LEU C 248 13.87 -36.88 -40.88
N SER C 249 13.76 -38.00 -40.17
CA SER C 249 14.78 -39.04 -40.23
C SER C 249 15.02 -39.56 -41.65
N LEU C 250 14.06 -39.41 -42.59
CA LEU C 250 14.23 -39.87 -43.98
C LEU C 250 14.52 -38.69 -44.90
N GLY C 251 14.60 -37.48 -44.33
CA GLY C 251 14.91 -36.28 -45.08
C GLY C 251 13.69 -35.71 -45.82
N ASP C 252 12.48 -36.11 -45.41
CA ASP C 252 11.25 -35.57 -45.99
C ASP C 252 10.85 -34.32 -45.21
N LEU C 253 11.36 -33.18 -45.67
CA LEU C 253 11.20 -31.91 -44.97
C LEU C 253 9.81 -31.32 -45.16
N ASP C 254 9.16 -31.53 -46.33
CA ASP C 254 7.79 -31.09 -46.57
C ASP C 254 6.82 -31.79 -45.59
N SER C 255 6.89 -33.13 -45.53
CA SER C 255 6.03 -33.93 -44.68
C SER C 255 6.32 -33.67 -43.20
N ALA C 256 7.58 -33.47 -42.83
CA ALA C 256 7.89 -33.25 -41.44
C ALA C 256 7.24 -31.95 -41.00
N THR C 257 7.30 -30.92 -41.88
CA THR C 257 6.87 -29.57 -41.52
C THR C 257 5.37 -29.57 -41.26
N ALA C 258 4.58 -30.17 -42.16
CA ALA C 258 3.14 -30.21 -41.98
C ALA C 258 2.76 -30.91 -40.67
N LEU C 259 3.36 -32.08 -40.37
CA LEU C 259 3.07 -32.81 -39.14
C LEU C 259 3.46 -32.02 -37.89
N PHE C 260 4.50 -31.19 -37.96
CA PHE C 260 4.86 -30.40 -36.79
C PHE C 260 3.79 -29.32 -36.53
N LYS C 261 3.31 -28.70 -37.59
CA LYS C 261 2.26 -27.71 -37.52
C LYS C 261 0.98 -28.33 -36.99
N LEU C 262 0.62 -29.51 -37.50
CA LEU C 262 -0.59 -30.20 -37.10
C LEU C 262 -0.54 -30.65 -35.63
N ALA C 263 0.66 -30.91 -35.11
CA ALA C 263 0.84 -31.19 -33.70
C ALA C 263 0.56 -29.92 -32.89
N VAL C 264 1.13 -28.81 -33.34
CA VAL C 264 1.02 -27.57 -32.58
C VAL C 264 -0.44 -27.10 -32.56
N ALA C 265 -1.16 -27.44 -33.65
CA ALA C 265 -2.48 -26.96 -33.94
C ALA C 265 -3.51 -27.49 -32.93
N ASN C 266 -3.15 -28.56 -32.21
CA ASN C 266 -4.00 -29.11 -31.17
C ASN C 266 -3.98 -28.24 -29.90
N ASN C 267 -3.07 -27.27 -29.79
CA ASN C 267 -2.95 -26.35 -28.66
C ASN C 267 -2.79 -27.06 -27.31
N VAL C 268 -2.06 -28.19 -27.26
CA VAL C 268 -1.75 -28.83 -26.00
C VAL C 268 -0.38 -28.29 -25.55
N HIS C 269 -0.41 -27.08 -24.99
CA HIS C 269 0.73 -26.19 -24.93
C HIS C 269 1.83 -26.66 -23.98
N ASN C 270 1.50 -27.53 -23.03
CA ASN C 270 2.48 -27.97 -22.04
C ASN C 270 3.08 -29.35 -22.34
N PHE C 271 2.69 -30.00 -23.45
CA PHE C 271 3.40 -31.18 -23.94
C PHE C 271 4.80 -30.82 -24.45
N VAL C 272 5.80 -31.66 -24.11
CA VAL C 272 7.13 -31.58 -24.71
C VAL C 272 7.03 -31.72 -26.23
N GLU C 273 6.12 -32.58 -26.71
CA GLU C 273 5.88 -32.76 -28.12
C GLU C 273 5.34 -31.48 -28.75
N HIS C 274 4.58 -30.68 -28.00
CA HIS C 274 4.18 -29.36 -28.47
C HIS C 274 5.38 -28.38 -28.45
N ARG C 275 6.09 -28.31 -27.32
CA ARG C 275 7.22 -27.40 -27.19
C ARG C 275 8.25 -27.60 -28.30
N TYR C 276 8.62 -28.87 -28.54
CA TYR C 276 9.75 -29.21 -29.38
C TYR C 276 9.30 -29.41 -30.82
N ALA C 277 7.99 -29.48 -31.07
CA ALA C 277 7.46 -29.37 -32.43
C ALA C 277 7.66 -27.95 -32.96
N LEU C 278 7.47 -26.96 -32.06
CA LEU C 278 7.74 -25.56 -32.33
C LEU C 278 9.23 -25.34 -32.63
N LEU C 279 10.09 -26.02 -31.88
CA LEU C 279 11.52 -25.79 -32.00
C LEU C 279 11.98 -26.33 -33.35
N GLU C 280 11.50 -27.52 -33.69
CA GLU C 280 11.79 -28.14 -34.97
C GLU C 280 11.41 -27.21 -36.12
N LEU C 281 10.25 -26.58 -35.97
CA LEU C 281 9.71 -25.71 -37.01
C LEU C 281 10.59 -24.47 -37.17
N SER C 282 11.04 -23.88 -36.05
CA SER C 282 11.97 -22.77 -36.12
C SER C 282 13.27 -23.22 -36.81
N LEU C 283 13.74 -24.44 -36.50
CA LEU C 283 14.91 -24.98 -37.16
C LEU C 283 14.66 -25.22 -38.65
N LEU C 284 13.48 -25.72 -39.02
CA LEU C 284 13.18 -25.95 -40.43
C LEU C 284 13.11 -24.62 -41.20
N GLY C 285 12.65 -23.56 -40.51
CA GLY C 285 12.53 -22.24 -41.11
C GLY C 285 13.88 -21.58 -41.41
N GLN C 286 14.87 -21.78 -40.53
CA GLN C 286 16.23 -21.31 -40.74
C GLN C 286 16.88 -22.07 -41.91
N ASP C 287 16.47 -23.33 -42.13
CA ASP C 287 16.94 -24.13 -43.25
C ASP C 287 16.29 -23.75 -44.58
N GLN C 288 15.19 -22.96 -44.56
CA GLN C 288 14.24 -22.78 -45.66
C GLN C 288 13.59 -24.12 -46.00
N GLU D 31 -0.75 -29.96 -48.71
CA GLU D 31 -1.30 -29.42 -47.43
C GLU D 31 -0.81 -27.99 -47.19
N VAL D 32 -1.75 -27.02 -47.02
CA VAL D 32 -1.38 -25.60 -46.82
C VAL D 32 -1.67 -25.18 -45.38
N LEU D 33 -0.60 -24.99 -44.60
CA LEU D 33 -0.65 -24.83 -43.16
C LEU D 33 0.34 -23.76 -42.72
N ALA D 34 -0.08 -22.91 -41.79
CA ALA D 34 0.83 -22.06 -41.06
C ALA D 34 1.18 -22.76 -39.76
N VAL D 35 2.28 -22.29 -39.15
CA VAL D 35 2.50 -22.53 -37.74
C VAL D 35 1.43 -21.75 -36.98
N PRO D 36 0.56 -22.45 -36.21
CA PRO D 36 -0.42 -21.81 -35.34
C PRO D 36 0.22 -20.68 -34.55
N LEU D 37 -0.48 -19.53 -34.51
CA LEU D 37 0.01 -18.30 -33.93
C LEU D 37 0.22 -18.53 -32.45
N GLN D 38 1.36 -18.01 -31.96
CA GLN D 38 1.72 -17.99 -30.56
C GLN D 38 1.67 -16.56 -29.98
N PRO D 39 1.34 -16.38 -28.69
CA PRO D 39 1.30 -15.04 -28.12
C PRO D 39 2.65 -14.37 -28.40
N THR D 40 2.62 -13.13 -28.86
CA THR D 40 3.85 -12.40 -29.16
C THR D 40 4.49 -11.88 -27.88
N LEU D 41 5.73 -11.40 -28.01
CA LEU D 41 6.45 -10.78 -26.89
C LEU D 41 5.73 -9.51 -26.44
N GLN D 42 5.26 -8.71 -27.40
CA GLN D 42 4.63 -7.43 -27.12
C GLN D 42 3.33 -7.59 -26.32
N GLN D 43 2.54 -8.61 -26.65
CA GLN D 43 1.30 -8.86 -25.95
C GLN D 43 1.57 -9.20 -24.50
N GLU D 44 2.59 -10.04 -24.28
CA GLU D 44 2.89 -10.50 -22.93
C GLU D 44 3.46 -9.33 -22.12
N VAL D 45 4.29 -8.49 -22.74
CA VAL D 45 4.92 -7.39 -22.03
C VAL D 45 3.83 -6.45 -21.54
N ILE D 46 2.85 -6.22 -22.40
CA ILE D 46 1.82 -5.26 -22.14
C ILE D 46 0.88 -5.81 -21.07
N LEU D 47 0.50 -7.09 -21.16
CA LEU D 47 -0.25 -7.75 -20.09
C LEU D 47 0.46 -7.64 -18.74
N ALA D 48 1.78 -7.84 -18.72
CA ALA D 48 2.51 -7.90 -17.46
C ALA D 48 2.52 -6.53 -16.82
N ARG D 49 2.63 -5.48 -17.65
CA ARG D 49 2.68 -4.11 -17.16
C ARG D 49 1.30 -3.65 -16.72
N MET D 50 0.26 -4.12 -17.42
CA MET D 50 -1.13 -3.76 -17.15
C MET D 50 -1.57 -4.31 -15.80
N GLU D 51 -1.02 -5.47 -15.44
CA GLU D 51 -1.32 -6.10 -14.16
C GLU D 51 -0.81 -5.21 -13.03
N GLN D 52 0.45 -4.78 -13.16
CA GLN D 52 1.06 -3.87 -12.20
C GLN D 52 0.18 -2.64 -11.98
N ILE D 53 -0.33 -2.03 -13.07
CA ILE D 53 -0.96 -0.73 -12.97
C ILE D 53 -2.35 -0.92 -12.36
N LEU D 54 -3.02 -1.99 -12.78
CA LEU D 54 -4.35 -2.26 -12.26
C LEU D 54 -4.25 -2.60 -10.77
N ALA D 55 -3.13 -3.18 -10.35
CA ALA D 55 -2.93 -3.49 -8.95
C ALA D 55 -2.70 -2.22 -8.13
N SER D 56 -2.29 -1.12 -8.75
CA SER D 56 -2.03 0.12 -8.02
C SER D 56 -3.34 0.89 -7.73
N ARG D 57 -3.19 1.97 -6.95
CA ARG D 57 -4.25 2.89 -6.55
C ARG D 57 -4.11 4.21 -7.29
N ALA D 58 -3.16 4.28 -8.23
CA ALA D 58 -2.96 5.46 -9.06
C ALA D 58 -4.26 5.80 -9.78
N LEU D 59 -4.87 4.77 -10.38
CA LEU D 59 -5.87 4.94 -11.40
C LEU D 59 -7.11 5.59 -10.81
N THR D 60 -7.65 6.57 -11.54
CA THR D 60 -9.00 7.06 -11.31
C THR D 60 -9.99 6.06 -11.90
N ASP D 61 -11.28 6.39 -11.88
CA ASP D 61 -12.31 5.55 -12.49
C ASP D 61 -12.14 5.50 -14.01
N ASP D 62 -12.10 6.67 -14.66
CA ASP D 62 -11.98 6.73 -16.11
C ASP D 62 -10.70 6.04 -16.58
N GLU D 63 -9.59 6.24 -15.87
CA GLU D 63 -8.31 5.63 -16.25
C GLU D 63 -8.39 4.11 -16.13
N ARG D 64 -9.11 3.64 -15.10
CA ARG D 64 -9.22 2.23 -14.77
C ARG D 64 -10.11 1.52 -15.80
N ALA D 65 -11.26 2.13 -16.10
CA ALA D 65 -12.21 1.63 -17.08
C ALA D 65 -11.55 1.49 -18.46
N GLN D 66 -10.71 2.46 -18.83
CA GLN D 66 -10.00 2.49 -20.09
C GLN D 66 -9.11 1.26 -20.21
N LEU D 67 -8.40 0.98 -19.11
CA LEU D 67 -7.34 -0.02 -19.09
C LEU D 67 -7.97 -1.41 -18.96
N LEU D 68 -9.00 -1.52 -18.13
CA LEU D 68 -9.82 -2.72 -18.16
C LEU D 68 -10.31 -2.98 -19.57
N TYR D 69 -10.82 -1.97 -20.26
CA TYR D 69 -11.29 -2.17 -21.63
C TYR D 69 -10.16 -2.70 -22.55
N GLU D 70 -8.96 -2.11 -22.52
CA GLU D 70 -7.94 -2.46 -23.51
C GLU D 70 -7.23 -3.73 -23.09
N ARG D 71 -7.30 -4.06 -21.80
CA ARG D 71 -6.84 -5.36 -21.39
C ARG D 71 -7.79 -6.46 -21.86
N GLY D 72 -9.10 -6.20 -21.76
CA GLY D 72 -10.09 -7.11 -22.31
C GLY D 72 -9.85 -7.39 -23.80
N VAL D 73 -9.42 -6.35 -24.54
CA VAL D 73 -9.21 -6.46 -25.97
C VAL D 73 -8.00 -7.38 -26.21
N LEU D 74 -6.96 -7.21 -25.40
CA LEU D 74 -5.74 -7.99 -25.49
C LEU D 74 -5.98 -9.48 -25.19
N TYR D 75 -6.66 -9.76 -24.07
CA TYR D 75 -7.09 -11.10 -23.72
C TYR D 75 -7.96 -11.73 -24.82
N ASP D 76 -8.82 -10.94 -25.46
CA ASP D 76 -9.69 -11.44 -26.51
C ASP D 76 -8.85 -11.88 -27.74
N SER D 77 -7.78 -11.13 -28.02
CA SER D 77 -6.89 -11.42 -29.13
C SER D 77 -5.96 -12.61 -28.80
N LEU D 78 -5.98 -13.02 -27.51
CA LEU D 78 -5.29 -14.20 -27.02
C LEU D 78 -6.22 -15.39 -26.80
N GLY D 79 -7.52 -15.17 -27.01
CA GLY D 79 -8.48 -16.27 -26.96
C GLY D 79 -8.95 -16.56 -25.54
N LEU D 80 -8.70 -15.61 -24.63
CA LEU D 80 -9.08 -15.71 -23.24
C LEU D 80 -10.36 -14.93 -22.98
N ARG D 81 -11.49 -15.47 -23.42
CA ARG D 81 -12.67 -14.68 -23.66
C ARG D 81 -13.45 -14.44 -22.39
N ALA D 82 -13.37 -15.38 -21.45
CA ALA D 82 -14.04 -15.17 -20.17
C ALA D 82 -13.35 -14.07 -19.35
N LEU D 83 -12.00 -14.02 -19.43
CA LEU D 83 -11.23 -12.99 -18.73
C LEU D 83 -11.48 -11.63 -19.35
N ALA D 84 -11.53 -11.61 -20.69
CA ALA D 84 -11.93 -10.41 -21.41
C ALA D 84 -13.30 -9.92 -20.95
N ARG D 85 -14.32 -10.78 -21.00
CA ARG D 85 -15.69 -10.39 -20.69
C ARG D 85 -15.79 -9.83 -19.27
N ASN D 86 -15.04 -10.44 -18.34
CA ASN D 86 -14.99 -10.03 -16.93
C ASN D 86 -14.42 -8.62 -16.82
N ASP D 87 -13.41 -8.31 -17.64
CA ASP D 87 -12.76 -7.00 -17.66
C ASP D 87 -13.72 -5.95 -18.24
N PHE D 88 -14.27 -6.28 -19.41
CA PHE D 88 -15.31 -5.48 -20.02
C PHE D 88 -16.44 -5.18 -19.04
N SER D 89 -16.87 -6.19 -18.29
CA SER D 89 -18.01 -6.04 -17.43
C SER D 89 -17.69 -5.14 -16.26
N GLN D 90 -16.45 -5.19 -15.76
CA GLN D 90 -16.04 -4.33 -14.65
C GLN D 90 -15.89 -2.88 -15.13
N ALA D 91 -15.40 -2.71 -16.36
CA ALA D 91 -15.27 -1.42 -17.02
C ALA D 91 -16.63 -0.71 -17.06
N LEU D 92 -17.65 -1.48 -17.46
CA LEU D 92 -18.96 -0.94 -17.72
C LEU D 92 -19.63 -0.56 -16.40
N ALA D 93 -19.28 -1.25 -15.31
CA ALA D 93 -19.83 -0.97 -13.99
C ALA D 93 -19.37 0.40 -13.51
N ILE D 94 -18.14 0.77 -13.92
CA ILE D 94 -17.47 2.03 -13.57
C ILE D 94 -17.93 3.17 -14.49
N ARG D 95 -17.89 2.90 -15.80
CA ARG D 95 -18.19 3.87 -16.84
C ARG D 95 -19.31 3.31 -17.71
N PRO D 96 -20.62 3.59 -17.43
CA PRO D 96 -21.74 3.03 -18.19
C PRO D 96 -21.83 3.33 -19.69
N ASP D 97 -21.36 4.53 -20.08
CA ASP D 97 -21.35 4.95 -21.48
C ASP D 97 -20.12 4.42 -22.20
N MET D 98 -20.16 3.15 -22.64
CA MET D 98 -19.03 2.56 -23.32
C MET D 98 -19.55 1.66 -24.43
N PRO D 99 -19.87 2.23 -25.61
CA PRO D 99 -20.44 1.44 -26.70
C PRO D 99 -19.54 0.27 -27.07
N GLU D 100 -18.21 0.47 -26.92
CA GLU D 100 -17.20 -0.49 -27.36
C GLU D 100 -17.25 -1.77 -26.53
N VAL D 101 -17.78 -1.64 -25.30
CA VAL D 101 -17.95 -2.76 -24.38
C VAL D 101 -19.20 -3.54 -24.79
N PHE D 102 -20.32 -2.86 -25.02
CA PHE D 102 -21.55 -3.52 -25.44
C PHE D 102 -21.31 -4.29 -26.74
N ASN D 103 -20.43 -3.79 -27.61
CA ASN D 103 -20.09 -4.53 -28.83
C ASN D 103 -19.46 -5.89 -28.51
N TYR D 104 -18.45 -5.92 -27.63
CA TYR D 104 -17.79 -7.16 -27.25
C TYR D 104 -18.75 -8.08 -26.48
N LEU D 105 -19.61 -7.47 -25.63
CA LEU D 105 -20.52 -8.27 -24.82
C LEU D 105 -21.50 -8.98 -25.73
N GLY D 106 -21.98 -8.25 -26.76
CA GLY D 106 -22.84 -8.82 -27.78
C GLY D 106 -22.19 -9.96 -28.55
N ILE D 107 -20.94 -9.78 -28.99
CA ILE D 107 -20.18 -10.80 -29.68
C ILE D 107 -20.10 -12.08 -28.84
N TYR D 108 -19.83 -11.94 -27.54
CA TYR D 108 -19.68 -13.11 -26.67
C TYR D 108 -21.02 -13.83 -26.48
N LEU D 109 -22.13 -13.06 -26.45
CA LEU D 109 -23.47 -13.62 -26.41
C LEU D 109 -23.77 -14.29 -27.74
N THR D 110 -23.33 -13.70 -28.86
CA THR D 110 -23.45 -14.36 -30.15
C THR D 110 -22.75 -15.74 -30.08
N GLN D 111 -21.46 -15.76 -29.66
CA GLN D 111 -20.66 -16.99 -29.60
C GLN D 111 -21.27 -18.01 -28.65
N ALA D 112 -22.02 -17.57 -27.64
CA ALA D 112 -22.61 -18.47 -26.66
C ALA D 112 -23.94 -19.05 -27.12
N GLY D 113 -24.48 -18.54 -28.25
CA GLY D 113 -25.75 -19.01 -28.76
C GLY D 113 -26.96 -18.28 -28.14
N ASN D 114 -26.75 -17.25 -27.30
CA ASN D 114 -27.81 -16.43 -26.72
C ASN D 114 -28.06 -15.22 -27.60
N PHE D 115 -28.73 -15.44 -28.72
CA PHE D 115 -28.86 -14.45 -29.77
C PHE D 115 -29.73 -13.29 -29.32
N ASP D 116 -30.85 -13.58 -28.65
CA ASP D 116 -31.73 -12.52 -28.20
C ASP D 116 -30.95 -11.53 -27.33
N ALA D 117 -30.14 -12.08 -26.40
CA ALA D 117 -29.34 -11.27 -25.50
C ALA D 117 -28.35 -10.42 -26.28
N ALA D 118 -27.82 -11.00 -27.37
CA ALA D 118 -26.87 -10.36 -28.25
C ALA D 118 -27.54 -9.17 -28.92
N TYR D 119 -28.71 -9.39 -29.52
CA TYR D 119 -29.42 -8.30 -30.20
C TYR D 119 -29.56 -7.10 -29.27
N GLU D 120 -29.88 -7.35 -27.99
CA GLU D 120 -30.06 -6.27 -27.03
C GLU D 120 -28.76 -5.51 -26.77
N ALA D 121 -27.70 -6.24 -26.41
CA ALA D 121 -26.39 -5.65 -26.26
C ALA D 121 -26.08 -4.72 -27.43
N PHE D 122 -26.29 -5.20 -28.66
CA PHE D 122 -25.99 -4.41 -29.86
C PHE D 122 -26.94 -3.22 -29.98
N ASP D 123 -28.21 -3.39 -29.56
CA ASP D 123 -29.16 -2.30 -29.57
C ASP D 123 -28.60 -1.16 -28.70
N SER D 124 -27.98 -1.49 -27.57
CA SER D 124 -27.34 -0.51 -26.70
C SER D 124 -26.19 0.21 -27.41
N VAL D 125 -25.30 -0.52 -28.10
CA VAL D 125 -24.19 0.11 -28.82
C VAL D 125 -24.72 1.28 -29.66
N LEU D 126 -25.66 0.97 -30.57
CA LEU D 126 -26.16 1.91 -31.56
C LEU D 126 -26.87 3.07 -30.87
N GLU D 127 -27.44 2.83 -29.69
CA GLU D 127 -28.07 3.91 -28.95
C GLU D 127 -26.99 4.90 -28.47
N LEU D 128 -26.07 4.44 -27.61
CA LEU D 128 -24.96 5.24 -27.10
C LEU D 128 -24.27 5.99 -28.24
N ASP D 129 -23.99 5.29 -29.35
CA ASP D 129 -23.25 5.80 -30.49
C ASP D 129 -23.84 5.25 -31.79
N PRO D 130 -24.77 5.97 -32.47
CA PRO D 130 -25.34 5.46 -33.72
C PRO D 130 -24.39 5.33 -34.93
N THR D 131 -23.14 5.81 -34.80
CA THR D 131 -22.18 5.81 -35.90
C THR D 131 -21.16 4.69 -35.76
N TYR D 132 -21.45 3.73 -34.87
CA TYR D 132 -20.55 2.65 -34.50
C TYR D 132 -20.84 1.44 -35.38
N ASN D 133 -20.37 1.50 -36.63
CA ASN D 133 -20.79 0.59 -37.68
C ASN D 133 -20.74 -0.87 -37.28
N TYR D 134 -19.83 -1.22 -36.36
CA TYR D 134 -19.47 -2.62 -36.17
C TYR D 134 -20.55 -3.36 -35.38
N ALA D 135 -21.40 -2.61 -34.68
CA ALA D 135 -22.62 -3.21 -34.16
C ALA D 135 -23.49 -3.68 -35.32
N HIS D 136 -23.51 -2.94 -36.43
CA HIS D 136 -24.31 -3.32 -37.59
C HIS D 136 -23.87 -4.68 -38.10
N LEU D 137 -22.56 -4.86 -38.29
CA LEU D 137 -22.02 -6.14 -38.70
C LEU D 137 -22.32 -7.20 -37.65
N ASN D 138 -21.92 -6.93 -36.41
CA ASN D 138 -21.93 -7.95 -35.38
C ASN D 138 -23.35 -8.41 -35.08
N ARG D 139 -24.30 -7.46 -35.08
CA ARG D 139 -25.72 -7.74 -34.91
C ARG D 139 -26.25 -8.51 -36.12
N GLY D 140 -25.86 -8.09 -37.34
CA GLY D 140 -26.18 -8.82 -38.55
C GLY D 140 -25.82 -10.31 -38.47
N ILE D 141 -24.61 -10.60 -38.01
CA ILE D 141 -24.15 -11.97 -37.82
C ILE D 141 -24.97 -12.68 -36.75
N ALA D 142 -25.38 -11.97 -35.70
CA ALA D 142 -26.11 -12.64 -34.63
C ALA D 142 -27.50 -13.03 -35.13
N LEU D 143 -28.12 -12.15 -35.91
CA LEU D 143 -29.38 -12.40 -36.58
C LEU D 143 -29.23 -13.55 -37.57
N TYR D 144 -28.11 -13.59 -38.31
CA TYR D 144 -27.79 -14.69 -39.21
C TYR D 144 -27.92 -16.00 -38.42
N TYR D 145 -27.22 -16.12 -37.31
CA TYR D 145 -27.15 -17.36 -36.56
C TYR D 145 -28.46 -17.58 -35.80
N GLY D 146 -29.20 -16.51 -35.50
CA GLY D 146 -30.48 -16.64 -34.82
C GLY D 146 -31.68 -16.98 -35.73
N GLY D 147 -31.45 -17.08 -37.05
CA GLY D 147 -32.46 -17.50 -38.01
C GLY D 147 -33.32 -16.36 -38.57
N ARG D 148 -32.83 -15.12 -38.47
CA ARG D 148 -33.56 -13.93 -38.88
C ARG D 148 -32.90 -13.29 -40.10
N ASP D 149 -33.23 -13.76 -41.31
CA ASP D 149 -32.42 -13.43 -42.49
C ASP D 149 -32.86 -12.10 -43.10
N LYS D 150 -34.16 -11.77 -43.03
CA LYS D 150 -34.63 -10.44 -43.36
C LYS D 150 -33.81 -9.38 -42.60
N LEU D 151 -33.79 -9.49 -41.27
CA LEU D 151 -33.21 -8.47 -40.40
C LEU D 151 -31.68 -8.49 -40.49
N ALA D 152 -31.09 -9.66 -40.75
CA ALA D 152 -29.65 -9.81 -40.91
C ALA D 152 -29.19 -9.16 -42.21
N GLN D 153 -29.98 -9.27 -43.28
CA GLN D 153 -29.67 -8.60 -44.53
C GLN D 153 -29.72 -7.08 -44.32
N ASP D 154 -30.72 -6.57 -43.60
CA ASP D 154 -30.83 -5.15 -43.34
C ASP D 154 -29.53 -4.58 -42.77
N ASP D 155 -28.99 -5.23 -41.73
CA ASP D 155 -27.78 -4.78 -41.06
C ASP D 155 -26.54 -4.97 -41.94
N LEU D 156 -26.39 -6.15 -42.53
CA LEU D 156 -25.17 -6.45 -43.26
C LEU D 156 -25.09 -5.64 -44.56
N LEU D 157 -26.24 -5.10 -45.03
CA LEU D 157 -26.33 -4.25 -46.21
C LEU D 157 -26.06 -2.79 -45.83
N ALA D 158 -26.44 -2.41 -44.61
CA ALA D 158 -26.06 -1.13 -44.05
C ALA D 158 -24.54 -1.11 -43.85
N PHE D 159 -23.98 -2.22 -43.38
CA PHE D 159 -22.55 -2.34 -43.19
C PHE D 159 -21.82 -2.29 -44.52
N TYR D 160 -22.32 -3.02 -45.51
CA TYR D 160 -21.72 -3.04 -46.85
C TYR D 160 -21.65 -1.64 -47.44
N GLN D 161 -22.60 -0.76 -47.12
CA GLN D 161 -22.71 0.50 -47.84
C GLN D 161 -21.66 1.48 -47.34
N ASP D 162 -21.08 1.21 -46.17
CA ASP D 162 -20.01 2.04 -45.63
C ASP D 162 -18.73 1.87 -46.45
N ASP D 163 -18.30 0.61 -46.65
CA ASP D 163 -17.09 0.33 -47.40
C ASP D 163 -17.33 -0.81 -48.39
N PRO D 164 -17.84 -0.49 -49.59
CA PRO D 164 -17.99 -1.48 -50.66
C PRO D 164 -16.76 -2.13 -51.29
N ASN D 165 -15.54 -1.76 -50.88
CA ASN D 165 -14.33 -2.33 -51.45
C ASN D 165 -13.77 -3.42 -50.54
N ASP D 166 -14.41 -3.56 -49.37
CA ASP D 166 -14.17 -4.59 -48.39
C ASP D 166 -14.88 -5.88 -48.79
N PRO D 167 -14.16 -6.99 -49.06
CA PRO D 167 -14.78 -8.21 -49.57
C PRO D 167 -15.56 -8.95 -48.48
N PHE D 168 -15.18 -8.73 -47.22
CA PHE D 168 -15.79 -9.44 -46.11
C PHE D 168 -17.19 -8.89 -45.88
N ARG D 169 -17.39 -7.62 -46.22
CA ARG D 169 -18.68 -6.98 -46.06
C ARG D 169 -19.71 -7.64 -47.00
N SER D 170 -19.25 -8.03 -48.21
CA SER D 170 -20.06 -8.65 -49.25
C SER D 170 -20.23 -10.15 -49.01
N LEU D 171 -19.23 -10.79 -48.38
CA LEU D 171 -19.26 -12.22 -48.12
C LEU D 171 -20.29 -12.53 -47.04
N TRP D 172 -20.32 -11.70 -45.99
CA TRP D 172 -21.30 -11.83 -44.92
C TRP D 172 -22.68 -11.48 -45.44
N LEU D 173 -22.76 -10.52 -46.37
CA LEU D 173 -24.02 -10.18 -47.01
C LEU D 173 -24.49 -11.35 -47.89
N TYR D 174 -23.57 -11.99 -48.63
CA TYR D 174 -23.89 -13.16 -49.41
C TYR D 174 -24.44 -14.26 -48.50
N LEU D 175 -23.79 -14.47 -47.36
CA LEU D 175 -24.14 -15.57 -46.50
C LEU D 175 -25.57 -15.40 -46.00
N ALA D 176 -25.92 -14.18 -45.58
CA ALA D 176 -27.28 -13.92 -45.11
C ALA D 176 -28.30 -14.07 -46.23
N GLU D 177 -27.97 -13.57 -47.44
CA GLU D 177 -28.88 -13.53 -48.56
C GLU D 177 -29.04 -14.92 -49.15
N GLN D 178 -28.07 -15.79 -48.87
CA GLN D 178 -28.02 -17.12 -49.44
C GLN D 178 -29.13 -17.97 -48.85
N LYS D 179 -29.67 -17.61 -47.68
CA LYS D 179 -30.70 -18.44 -47.06
C LYS D 179 -32.07 -18.21 -47.70
N LEU D 180 -32.37 -16.92 -48.00
CA LEU D 180 -33.68 -16.53 -48.50
C LEU D 180 -33.78 -16.73 -50.03
N ASP D 181 -32.65 -16.66 -50.77
CA ASP D 181 -32.56 -17.07 -52.17
C ASP D 181 -31.11 -16.95 -52.66
N GLU D 182 -30.48 -18.11 -52.89
CA GLU D 182 -29.07 -18.27 -53.24
C GLU D 182 -28.73 -17.68 -54.61
N LYS D 183 -29.66 -17.85 -55.58
CA LYS D 183 -29.42 -17.53 -56.97
C LYS D 183 -29.23 -16.02 -57.10
N GLN D 184 -29.99 -15.28 -56.29
CA GLN D 184 -29.96 -13.83 -56.34
C GLN D 184 -28.96 -13.29 -55.33
N ALA D 185 -28.45 -14.14 -54.44
CA ALA D 185 -27.34 -13.76 -53.59
C ALA D 185 -26.06 -13.68 -54.41
N LYS D 186 -25.95 -14.57 -55.40
CA LYS D 186 -24.80 -14.71 -56.27
C LYS D 186 -24.78 -13.59 -57.31
N GLU D 187 -25.98 -13.18 -57.76
CA GLU D 187 -26.12 -12.10 -58.70
C GLU D 187 -25.78 -10.78 -58.02
N VAL D 188 -26.25 -10.60 -56.77
CA VAL D 188 -25.94 -9.43 -55.97
C VAL D 188 -24.46 -9.40 -55.62
N LEU D 189 -23.81 -10.56 -55.55
CA LEU D 189 -22.41 -10.63 -55.18
C LEU D 189 -21.56 -10.36 -56.41
N LYS D 190 -22.00 -10.90 -57.56
CA LYS D 190 -21.34 -10.59 -58.81
C LYS D 190 -21.27 -9.06 -58.94
N GLN D 191 -22.37 -8.37 -58.71
CA GLN D 191 -22.37 -6.93 -58.91
C GLN D 191 -21.42 -6.26 -57.91
N HIS D 192 -21.40 -6.72 -56.66
CA HIS D 192 -20.57 -6.11 -55.64
C HIS D 192 -19.10 -6.14 -56.08
N PHE D 193 -18.66 -7.31 -56.55
CA PHE D 193 -17.32 -7.54 -57.07
C PHE D 193 -17.03 -6.60 -58.25
N GLU D 194 -17.92 -6.56 -59.25
CA GLU D 194 -17.68 -5.78 -60.46
C GLU D 194 -17.78 -4.27 -60.20
N LYS D 195 -18.19 -3.83 -58.99
CA LYS D 195 -18.24 -2.41 -58.68
C LYS D 195 -16.99 -2.01 -57.90
N SER D 196 -16.55 -2.87 -56.98
CA SER D 196 -15.37 -2.63 -56.18
C SER D 196 -14.13 -2.39 -57.04
N ASP D 197 -13.07 -1.89 -56.40
CA ASP D 197 -11.76 -1.68 -57.01
C ASP D 197 -10.99 -3.00 -57.18
N LYS D 198 -11.45 -4.09 -56.53
CA LYS D 198 -10.93 -5.44 -56.70
C LYS D 198 -9.49 -5.57 -56.18
N GLU D 199 -9.14 -4.87 -55.10
CA GLU D 199 -7.72 -4.76 -54.74
C GLU D 199 -7.42 -5.61 -53.53
N GLN D 200 -8.24 -5.52 -52.47
CA GLN D 200 -8.00 -6.35 -51.30
C GLN D 200 -8.06 -7.82 -51.73
N TRP D 201 -7.46 -8.71 -50.93
CA TRP D 201 -7.20 -10.06 -51.39
C TRP D 201 -8.47 -10.90 -51.25
N GLY D 202 -9.29 -10.60 -50.22
CA GLY D 202 -10.56 -11.27 -50.00
C GLY D 202 -11.40 -11.47 -51.28
N TRP D 203 -11.27 -10.59 -52.28
CA TRP D 203 -12.06 -10.69 -53.50
C TRP D 203 -11.81 -12.00 -54.25
N ASN D 204 -10.75 -12.72 -53.89
CA ASN D 204 -10.50 -14.04 -54.46
C ASN D 204 -11.49 -15.04 -53.88
N ILE D 205 -11.81 -14.91 -52.59
CA ILE D 205 -12.81 -15.76 -51.97
C ILE D 205 -14.14 -15.51 -52.66
N VAL D 206 -14.44 -14.25 -52.90
CA VAL D 206 -15.61 -13.88 -53.67
C VAL D 206 -15.49 -14.51 -55.07
N GLU D 207 -14.36 -14.34 -55.74
CA GLU D 207 -14.20 -14.95 -57.06
C GLU D 207 -14.49 -16.45 -57.00
N PHE D 208 -14.14 -17.11 -55.89
CA PHE D 208 -14.37 -18.54 -55.80
C PHE D 208 -15.86 -18.82 -55.65
N TYR D 209 -16.50 -18.07 -54.76
CA TYR D 209 -17.92 -18.17 -54.51
C TYR D 209 -18.71 -17.97 -55.80
N LEU D 210 -18.18 -17.12 -56.70
CA LEU D 210 -18.82 -16.82 -57.96
C LEU D 210 -18.51 -17.88 -59.01
N GLY D 211 -17.67 -18.88 -58.65
CA GLY D 211 -17.22 -19.92 -59.55
C GLY D 211 -16.29 -19.41 -60.65
N ASN D 212 -15.67 -18.23 -60.44
CA ASN D 212 -14.74 -17.70 -61.42
C ASN D 212 -13.47 -18.56 -61.43
N ILE D 213 -12.97 -18.89 -60.24
CA ILE D 213 -11.77 -19.69 -60.07
C ILE D 213 -12.14 -20.96 -59.29
N SER D 214 -11.23 -21.96 -59.37
CA SER D 214 -11.32 -23.22 -58.64
C SER D 214 -10.73 -23.08 -57.23
N GLU D 215 -11.05 -24.04 -56.35
CA GLU D 215 -10.56 -24.03 -54.98
C GLU D 215 -9.03 -24.04 -55.00
N GLN D 216 -8.46 -24.77 -55.97
CA GLN D 216 -7.03 -24.94 -56.05
C GLN D 216 -6.37 -23.58 -56.36
N THR D 217 -6.88 -22.87 -57.37
CA THR D 217 -6.33 -21.58 -57.76
C THR D 217 -6.42 -20.63 -56.57
N LEU D 218 -7.48 -20.76 -55.76
CA LEU D 218 -7.68 -19.89 -54.62
C LEU D 218 -6.52 -20.07 -53.65
N MET D 219 -6.12 -21.34 -53.47
CA MET D 219 -5.09 -21.68 -52.51
C MET D 219 -3.74 -21.18 -53.02
N GLU D 220 -3.47 -21.36 -54.32
CA GLU D 220 -2.22 -20.89 -54.91
C GLU D 220 -2.13 -19.37 -54.79
N ARG D 221 -3.27 -18.66 -54.95
CA ARG D 221 -3.25 -17.22 -54.82
C ARG D 221 -2.99 -16.83 -53.36
N LEU D 222 -3.52 -17.64 -52.44
CA LEU D 222 -3.35 -17.43 -51.01
C LEU D 222 -1.87 -17.52 -50.62
N LYS D 223 -1.17 -18.51 -51.19
CA LYS D 223 0.25 -18.68 -50.93
C LYS D 223 1.05 -17.53 -51.53
N ALA D 224 0.69 -17.09 -52.74
CA ALA D 224 1.33 -15.93 -53.38
C ALA D 224 1.20 -14.69 -52.49
N ASP D 225 -0.02 -14.37 -52.01
CA ASP D 225 -0.24 -13.09 -51.34
C ASP D 225 0.44 -13.08 -49.96
N ALA D 226 0.39 -14.22 -49.27
CA ALA D 226 0.97 -14.37 -47.93
C ALA D 226 2.45 -14.06 -47.98
N THR D 227 2.93 -13.36 -46.94
CA THR D 227 4.35 -13.04 -46.77
C THR D 227 4.91 -13.92 -45.64
N ASP D 228 4.94 -13.40 -44.40
CA ASP D 228 5.37 -14.16 -43.24
C ASP D 228 4.32 -15.21 -42.82
N ASN D 229 4.60 -15.91 -41.73
CA ASN D 229 3.73 -16.93 -41.19
C ASN D 229 2.43 -16.29 -40.70
N THR D 230 2.54 -15.11 -40.06
CA THR D 230 1.38 -14.43 -39.52
C THR D 230 0.43 -14.03 -40.62
N SER D 231 0.96 -13.59 -41.77
CA SER D 231 0.07 -13.24 -42.86
C SER D 231 -0.54 -14.51 -43.44
N LEU D 232 0.23 -15.61 -43.47
CA LEU D 232 -0.27 -16.88 -43.97
C LEU D 232 -1.43 -17.39 -43.11
N ALA D 233 -1.30 -17.30 -41.78
CA ALA D 233 -2.29 -17.82 -40.85
C ALA D 233 -3.58 -16.99 -40.92
N GLU D 234 -3.46 -15.68 -41.12
CA GLU D 234 -4.63 -14.85 -41.25
C GLU D 234 -5.36 -15.21 -42.55
N HIS D 235 -4.62 -15.39 -43.63
CA HIS D 235 -5.26 -15.77 -44.87
C HIS D 235 -6.02 -17.09 -44.71
N LEU D 236 -5.40 -18.05 -44.02
CA LEU D 236 -5.95 -19.38 -43.86
C LEU D 236 -7.14 -19.38 -42.90
N SER D 237 -7.13 -18.51 -41.87
CA SER D 237 -8.21 -18.39 -40.90
C SER D 237 -9.50 -17.92 -41.59
N GLU D 238 -9.37 -16.87 -42.40
CA GLU D 238 -10.50 -16.32 -43.13
C GLU D 238 -10.94 -17.29 -44.24
N THR D 239 -9.99 -17.79 -45.04
CA THR D 239 -10.33 -18.51 -46.26
C THR D 239 -10.97 -19.85 -45.89
N ASN D 240 -10.39 -20.57 -44.93
CA ASN D 240 -10.90 -21.89 -44.53
C ASN D 240 -12.31 -21.81 -43.94
N PHE D 241 -12.69 -20.65 -43.38
CA PHE D 241 -14.04 -20.44 -42.86
C PHE D 241 -15.03 -20.37 -44.02
N TYR D 242 -14.69 -19.59 -45.06
CA TYR D 242 -15.62 -19.38 -46.17
C TYR D 242 -15.69 -20.63 -47.03
N LEU D 243 -14.60 -21.41 -47.10
CA LEU D 243 -14.65 -22.71 -47.78
C LEU D 243 -15.51 -23.66 -46.97
N GLY D 244 -15.35 -23.66 -45.64
CA GLY D 244 -16.21 -24.46 -44.78
C GLY D 244 -17.70 -24.13 -44.97
N LYS D 245 -18.05 -22.85 -45.01
CA LYS D 245 -19.41 -22.42 -45.27
C LYS D 245 -19.90 -22.92 -46.62
N TYR D 246 -19.06 -22.74 -47.64
CA TYR D 246 -19.34 -23.24 -48.97
C TYR D 246 -19.69 -24.73 -48.95
N TYR D 247 -18.84 -25.57 -48.35
CA TYR D 247 -19.04 -27.01 -48.34
C TYR D 247 -20.26 -27.41 -47.53
N LEU D 248 -20.54 -26.64 -46.49
CA LEU D 248 -21.70 -26.85 -45.63
C LEU D 248 -22.98 -26.60 -46.42
N SER D 249 -22.96 -25.56 -47.26
CA SER D 249 -24.06 -25.17 -48.11
C SER D 249 -24.34 -26.27 -49.13
N LEU D 250 -23.40 -27.20 -49.31
CA LEU D 250 -23.60 -28.32 -50.22
C LEU D 250 -23.96 -29.60 -49.48
N GLY D 251 -24.12 -29.53 -48.16
CA GLY D 251 -24.53 -30.70 -47.38
C GLY D 251 -23.36 -31.59 -46.97
N ASP D 252 -22.13 -31.06 -47.15
CA ASP D 252 -20.92 -31.84 -46.95
C ASP D 252 -20.35 -31.51 -45.58
N LEU D 253 -20.88 -32.19 -44.57
CA LEU D 253 -20.60 -31.89 -43.17
C LEU D 253 -19.16 -32.28 -42.85
N ASP D 254 -18.71 -33.43 -43.39
CA ASP D 254 -17.36 -33.95 -43.18
C ASP D 254 -16.33 -32.90 -43.59
N SER D 255 -16.43 -32.43 -44.83
CA SER D 255 -15.51 -31.43 -45.35
C SER D 255 -15.59 -30.13 -44.55
N ALA D 256 -16.82 -29.65 -44.32
CA ALA D 256 -17.02 -28.41 -43.57
C ALA D 256 -16.31 -28.46 -42.23
N THR D 257 -16.46 -29.57 -41.50
CA THR D 257 -15.87 -29.74 -40.18
C THR D 257 -14.35 -29.61 -40.23
N ALA D 258 -13.73 -30.32 -41.17
CA ALA D 258 -12.29 -30.26 -41.33
C ALA D 258 -11.86 -28.81 -41.57
N LEU D 259 -12.59 -28.10 -42.46
CA LEU D 259 -12.24 -26.74 -42.79
C LEU D 259 -12.49 -25.79 -41.62
N PHE D 260 -13.49 -26.05 -40.78
CA PHE D 260 -13.64 -25.20 -39.61
C PHE D 260 -12.50 -25.47 -38.61
N LYS D 261 -12.06 -26.71 -38.48
CA LYS D 261 -10.97 -27.04 -37.58
C LYS D 261 -9.68 -26.38 -38.04
N LEU D 262 -9.41 -26.41 -39.35
CA LEU D 262 -8.24 -25.77 -39.94
C LEU D 262 -8.27 -24.23 -39.79
N ALA D 263 -9.46 -23.61 -39.87
CA ALA D 263 -9.58 -22.19 -39.64
C ALA D 263 -9.05 -21.89 -38.24
N VAL D 264 -9.69 -22.52 -37.26
CA VAL D 264 -9.43 -22.28 -35.84
C VAL D 264 -7.96 -22.56 -35.50
N ALA D 265 -7.35 -23.53 -36.18
CA ALA D 265 -6.00 -23.99 -35.86
C ALA D 265 -4.94 -22.93 -36.17
N ASN D 266 -5.29 -21.86 -36.91
CA ASN D 266 -4.37 -20.76 -37.13
C ASN D 266 -4.23 -19.89 -35.88
N ASN D 267 -5.20 -19.96 -34.96
CA ASN D 267 -5.17 -19.25 -33.68
C ASN D 267 -5.24 -17.75 -33.86
N VAL D 268 -6.05 -17.29 -34.83
CA VAL D 268 -6.24 -15.87 -35.02
C VAL D 268 -7.54 -15.51 -34.29
N HIS D 269 -7.42 -15.39 -32.95
CA HIS D 269 -8.50 -15.59 -31.99
C HIS D 269 -9.62 -14.56 -32.06
N ASN D 270 -9.33 -13.40 -32.68
CA ASN D 270 -10.26 -12.28 -32.71
C ASN D 270 -10.89 -12.04 -34.09
N PHE D 271 -10.45 -12.75 -35.13
CA PHE D 271 -11.21 -12.83 -36.38
C PHE D 271 -12.61 -13.40 -36.12
N VAL D 272 -13.63 -12.71 -36.68
CA VAL D 272 -15.00 -13.20 -36.75
C VAL D 272 -15.02 -14.57 -37.43
N GLU D 273 -14.15 -14.79 -38.42
CA GLU D 273 -14.10 -16.09 -39.09
C GLU D 273 -13.65 -17.18 -38.14
N HIS D 274 -12.91 -16.81 -37.08
CA HIS D 274 -12.45 -17.74 -36.06
C HIS D 274 -13.52 -18.00 -35.01
N ARG D 275 -14.16 -16.94 -34.48
CA ARG D 275 -15.21 -17.09 -33.48
C ARG D 275 -16.34 -17.98 -34.00
N TYR D 276 -16.68 -17.80 -35.29
CA TYR D 276 -17.87 -18.44 -35.83
C TYR D 276 -17.50 -19.77 -36.50
N ALA D 277 -16.21 -20.04 -36.75
CA ALA D 277 -15.82 -21.39 -37.10
C ALA D 277 -16.05 -22.28 -35.89
N LEU D 278 -15.82 -21.71 -34.69
CA LEU D 278 -15.98 -22.43 -33.43
C LEU D 278 -17.44 -22.76 -33.20
N LEU D 279 -18.28 -21.76 -33.47
CA LEU D 279 -19.72 -21.84 -33.29
C LEU D 279 -20.25 -22.87 -34.29
N GLU D 280 -19.76 -22.81 -35.52
CA GLU D 280 -20.20 -23.77 -36.51
C GLU D 280 -19.87 -25.19 -36.08
N LEU D 281 -18.72 -25.36 -35.43
CA LEU D 281 -18.30 -26.69 -35.03
C LEU D 281 -19.15 -27.15 -33.86
N SER D 282 -19.46 -26.20 -32.99
CA SER D 282 -20.40 -26.40 -31.89
C SER D 282 -21.74 -26.94 -32.43
N LEU D 283 -22.23 -26.32 -33.51
CA LEU D 283 -23.52 -26.67 -34.08
C LEU D 283 -23.44 -28.02 -34.77
N LEU D 284 -22.35 -28.24 -35.51
CA LEU D 284 -22.11 -29.51 -36.18
C LEU D 284 -22.01 -30.64 -35.17
N GLY D 285 -21.35 -30.37 -34.03
CA GLY D 285 -21.14 -31.34 -32.96
C GLY D 285 -22.44 -31.86 -32.34
N GLN D 286 -23.45 -30.96 -32.26
CA GLN D 286 -24.74 -31.30 -31.68
C GLN D 286 -25.70 -31.88 -32.70
N ASP D 287 -25.23 -32.26 -33.89
CA ASP D 287 -26.00 -33.11 -34.78
C ASP D 287 -25.54 -34.56 -34.59
N GLN D 288 -25.59 -35.05 -33.33
CA GLN D 288 -25.21 -36.42 -32.96
C GLN D 288 -25.77 -36.76 -31.57
N SER E 22 -2.63 8.51 35.91
CA SER E 22 -1.53 8.05 35.03
C SER E 22 -2.13 7.38 33.78
N SER E 23 -1.93 8.03 32.61
CA SER E 23 -2.19 7.50 31.28
C SER E 23 -1.72 6.04 31.16
N LEU E 24 -0.62 5.74 31.86
CA LEU E 24 0.10 4.49 31.80
C LEU E 24 -0.54 3.42 32.72
N GLN E 25 -1.70 3.70 33.32
CA GLN E 25 -2.40 2.70 34.10
C GLN E 25 -3.13 1.76 33.13
N ALA E 26 -3.74 2.36 32.07
CA ALA E 26 -4.12 1.60 30.89
C ALA E 26 -2.86 0.91 30.36
N SER E 27 -2.91 -0.44 30.26
CA SER E 27 -1.80 -1.24 29.76
C SER E 27 -1.65 -1.02 28.26
N GLN E 28 -0.61 -1.63 27.68
CA GLN E 28 -0.37 -1.46 26.26
C GLN E 28 -1.53 -2.08 25.49
N ASP E 29 -2.06 -3.21 26.00
CA ASP E 29 -3.14 -3.90 25.31
C ASP E 29 -4.43 -3.09 25.42
N GLU E 30 -4.70 -2.49 26.59
CA GLU E 30 -5.84 -1.59 26.76
C GLU E 30 -5.73 -0.49 25.70
N PHE E 31 -4.51 0.02 25.45
CA PHE E 31 -4.31 1.12 24.51
C PHE E 31 -4.55 0.67 23.06
N GLU E 32 -3.90 -0.43 22.64
CA GLU E 32 -4.08 -0.95 21.28
C GLU E 32 -5.56 -1.11 20.97
N ASN E 33 -6.33 -1.44 22.01
CA ASN E 33 -7.73 -1.77 21.86
C ASN E 33 -8.59 -0.50 21.73
N LEU E 34 -8.27 0.50 22.54
CA LEU E 34 -8.90 1.79 22.43
C LEU E 34 -8.64 2.35 21.05
N VAL E 35 -7.43 2.13 20.50
CA VAL E 35 -7.11 2.67 19.19
C VAL E 35 -7.94 1.96 18.13
N ARG E 36 -8.07 0.63 18.21
CA ARG E 36 -8.88 -0.14 17.30
C ARG E 36 -10.34 0.28 17.32
N ASN E 37 -10.84 0.71 18.48
CA ASN E 37 -12.27 0.82 18.66
C ASN E 37 -12.77 2.26 18.75
N VAL E 38 -11.87 3.27 18.71
CA VAL E 38 -12.30 4.62 19.02
C VAL E 38 -13.18 5.19 17.90
N ASP E 39 -13.01 4.66 16.69
CA ASP E 39 -13.75 5.16 15.53
C ASP E 39 -15.04 4.39 15.30
N VAL E 40 -15.44 3.49 16.22
CA VAL E 40 -16.59 2.62 15.99
C VAL E 40 -17.88 3.44 15.90
N LYS E 41 -18.05 4.49 16.74
CA LYS E 41 -19.19 5.38 16.66
C LYS E 41 -19.17 6.23 15.37
N SER E 42 -18.02 6.85 15.04
CA SER E 42 -17.83 7.52 13.75
C SER E 42 -18.43 6.72 12.60
N ARG E 43 -18.24 5.40 12.60
CA ARG E 43 -18.56 4.57 11.46
C ARG E 43 -20.04 4.26 11.38
N ILE E 44 -20.66 4.09 12.55
CA ILE E 44 -22.09 3.95 12.63
C ILE E 44 -22.73 5.25 12.17
N MET E 45 -22.14 6.38 12.56
CA MET E 45 -22.68 7.69 12.23
C MET E 45 -22.43 8.06 10.77
N ASP E 46 -21.42 7.48 10.17
CA ASP E 46 -21.13 7.65 8.74
C ASP E 46 -22.22 6.92 7.94
N GLN E 47 -22.63 5.75 8.45
CA GLN E 47 -23.77 5.02 7.92
C GLN E 47 -24.99 5.91 8.03
N TYR E 48 -25.21 6.45 9.24
CA TYR E 48 -26.36 7.29 9.52
C TYR E 48 -26.37 8.52 8.61
N ALA E 49 -25.25 9.23 8.45
CA ALA E 49 -25.15 10.35 7.53
C ALA E 49 -25.76 10.00 6.16
N ASP E 50 -25.52 8.78 5.65
CA ASP E 50 -26.05 8.34 4.35
C ASP E 50 -27.54 7.96 4.42
N TRP E 51 -27.97 7.38 5.54
CA TRP E 51 -29.18 6.56 5.62
C TRP E 51 -30.32 7.27 6.35
N LYS E 52 -29.97 8.10 7.34
CA LYS E 52 -30.75 9.24 7.86
C LYS E 52 -32.06 9.49 7.12
N GLY E 53 -33.18 9.19 7.77
CA GLY E 53 -34.49 9.65 7.32
C GLY E 53 -35.07 8.87 6.15
N VAL E 54 -34.54 7.66 5.91
CA VAL E 54 -35.02 6.76 4.88
C VAL E 54 -36.29 6.08 5.39
N ARG E 55 -37.21 5.75 4.47
CA ARG E 55 -38.54 5.25 4.81
C ARG E 55 -38.45 3.92 5.56
N TYR E 56 -39.51 3.54 6.27
CA TYR E 56 -39.71 2.15 6.69
C TYR E 56 -40.33 1.40 5.51
N ARG E 57 -40.01 0.11 5.37
CA ARG E 57 -40.78 -0.80 4.55
C ARG E 57 -40.41 -2.21 5.00
N LEU E 58 -41.41 -3.01 5.41
CA LEU E 58 -41.12 -4.36 5.83
C LEU E 58 -40.60 -5.12 4.60
N GLY E 59 -39.43 -5.74 4.75
CA GLY E 59 -38.82 -6.54 3.69
C GLY E 59 -37.97 -5.72 2.73
N GLY E 60 -37.70 -4.44 3.06
CA GLY E 60 -36.92 -3.55 2.21
C GLY E 60 -35.47 -3.44 2.68
N SER E 61 -34.53 -3.39 1.72
CA SER E 61 -33.10 -3.35 2.02
C SER E 61 -32.38 -2.30 1.18
N THR E 62 -33.12 -1.40 0.51
CA THR E 62 -32.51 -0.38 -0.31
C THR E 62 -32.84 0.99 0.30
N LYS E 63 -32.41 2.07 -0.37
CA LYS E 63 -32.54 3.41 0.16
C LYS E 63 -33.92 3.98 -0.17
N LYS E 64 -34.76 3.18 -0.87
CA LYS E 64 -36.14 3.56 -1.12
C LYS E 64 -36.99 3.29 0.13
N GLY E 65 -36.62 2.23 0.88
CA GLY E 65 -37.30 1.88 2.12
C GLY E 65 -36.68 0.65 2.76
N ILE E 66 -36.39 0.76 4.06
CA ILE E 66 -35.66 -0.26 4.81
C ILE E 66 -36.38 -0.53 6.13
N ASP E 67 -36.21 -1.76 6.65
CA ASP E 67 -36.72 -2.12 7.96
C ASP E 67 -35.55 -2.14 8.95
N CYS E 68 -35.82 -2.53 10.21
CA CYS E 68 -34.89 -2.35 11.33
C CYS E 68 -33.69 -3.30 11.22
N SER E 69 -34.00 -4.57 10.92
CA SER E 69 -33.03 -5.64 10.77
C SER E 69 -32.23 -5.48 9.48
N GLY E 70 -32.89 -4.97 8.45
CA GLY E 70 -32.27 -4.62 7.18
C GLY E 70 -31.22 -3.51 7.31
N PHE E 71 -31.50 -2.51 8.14
CA PHE E 71 -30.59 -1.38 8.32
C PHE E 71 -29.37 -1.80 9.15
N VAL E 72 -29.62 -2.59 10.19
CA VAL E 72 -28.57 -3.15 11.02
C VAL E 72 -27.66 -4.02 10.16
N GLN E 73 -28.24 -4.97 9.40
CA GLN E 73 -27.48 -5.90 8.59
C GLN E 73 -26.51 -5.20 7.63
N ARG E 74 -27.04 -4.12 7.04
CA ARG E 74 -26.37 -3.24 6.10
C ARG E 74 -25.25 -2.47 6.79
N THR E 75 -25.50 -1.97 7.99
CA THR E 75 -24.48 -1.20 8.72
C THR E 75 -23.27 -2.08 9.00
N PHE E 76 -23.51 -3.28 9.52
CA PHE E 76 -22.44 -4.18 9.92
C PHE E 76 -21.71 -4.65 8.67
N ARG E 77 -22.43 -4.89 7.57
CA ARG E 77 -21.76 -5.22 6.32
C ARG E 77 -20.84 -4.09 5.85
N GLU E 78 -21.39 -2.89 5.63
CA GLU E 78 -20.67 -1.78 5.04
C GLU E 78 -19.58 -1.28 5.99
N GLN E 79 -19.82 -1.22 7.31
CA GLN E 79 -18.90 -0.55 8.22
C GLN E 79 -17.92 -1.50 8.91
N PHE E 80 -18.33 -2.75 9.14
CA PHE E 80 -17.54 -3.67 9.95
C PHE E 80 -17.18 -4.95 9.17
N GLY E 81 -17.57 -5.07 7.90
CA GLY E 81 -17.28 -6.27 7.14
C GLY E 81 -17.75 -7.53 7.87
N LEU E 82 -18.99 -7.47 8.33
CA LEU E 82 -19.58 -8.45 9.23
C LEU E 82 -21.00 -8.72 8.75
N GLU E 83 -21.22 -9.95 8.26
CA GLU E 83 -22.43 -10.28 7.56
C GLU E 83 -23.43 -10.89 8.55
N LEU E 84 -24.45 -10.12 8.99
CA LEU E 84 -25.47 -10.64 9.90
C LEU E 84 -26.69 -11.13 9.14
N PRO E 85 -27.53 -11.99 9.75
CA PRO E 85 -28.73 -12.50 9.09
C PRO E 85 -29.80 -11.42 8.91
N ARG E 86 -30.74 -11.69 7.99
CA ARG E 86 -31.73 -10.72 7.54
C ARG E 86 -32.77 -10.41 8.62
N SER E 87 -33.30 -11.47 9.26
CA SER E 87 -34.42 -11.34 10.18
C SER E 87 -33.95 -10.95 11.58
N THR E 88 -34.85 -10.26 12.31
CA THR E 88 -34.65 -9.82 13.67
C THR E 88 -34.58 -11.02 14.61
N TYR E 89 -35.38 -12.06 14.32
CA TYR E 89 -35.35 -13.34 15.03
C TYR E 89 -33.90 -13.83 15.16
N GLU E 90 -33.18 -13.82 14.02
CA GLU E 90 -31.89 -14.48 13.88
C GLU E 90 -30.77 -13.58 14.38
N GLN E 91 -30.98 -12.25 14.32
CA GLN E 91 -30.01 -11.29 14.82
C GLN E 91 -29.96 -11.32 16.35
N GLN E 92 -31.04 -11.75 17.02
CA GLN E 92 -31.04 -11.94 18.47
C GLN E 92 -30.06 -13.04 18.90
N GLU E 93 -29.73 -13.98 18.00
CA GLU E 93 -28.93 -15.14 18.36
C GLU E 93 -27.44 -14.91 18.06
N MET E 94 -27.09 -13.72 17.57
CA MET E 94 -25.73 -13.44 17.14
C MET E 94 -24.89 -12.95 18.32
N GLY E 95 -23.57 -13.12 18.21
CA GLY E 95 -22.65 -12.72 19.26
C GLY E 95 -23.03 -13.32 20.63
N LYS E 96 -22.80 -12.53 21.68
CA LYS E 96 -23.04 -12.96 23.06
C LYS E 96 -23.99 -11.97 23.73
N SER E 97 -24.49 -12.36 24.91
CA SER E 97 -25.44 -11.57 25.64
C SER E 97 -24.72 -10.45 26.40
N VAL E 98 -25.43 -9.33 26.59
CA VAL E 98 -24.97 -8.17 27.33
C VAL E 98 -26.12 -7.67 28.23
N SER E 99 -25.79 -7.18 29.44
CA SER E 99 -26.76 -6.50 30.27
C SER E 99 -26.61 -4.98 30.11
N ARG E 100 -27.69 -4.25 30.45
CA ARG E 100 -27.77 -2.80 30.37
C ARG E 100 -26.54 -2.10 30.95
N SER E 101 -26.12 -2.50 32.16
CA SER E 101 -24.92 -1.96 32.81
C SER E 101 -23.77 -1.78 31.80
N ASN E 102 -23.60 -2.74 30.86
CA ASN E 102 -22.36 -2.92 30.12
C ASN E 102 -22.46 -2.57 28.63
N LEU E 103 -23.64 -2.11 28.16
CA LEU E 103 -23.82 -1.73 26.77
C LEU E 103 -22.63 -0.90 26.28
N ARG E 104 -22.08 -1.28 25.12
CA ARG E 104 -21.08 -0.52 24.38
C ARG E 104 -21.61 -0.10 23.02
N THR E 105 -21.06 0.98 22.49
CA THR E 105 -21.34 1.34 21.11
C THR E 105 -21.17 0.11 20.21
N GLY E 106 -22.14 -0.06 19.30
CA GLY E 106 -22.10 -1.10 18.28
C GLY E 106 -22.83 -2.35 18.72
N ASP E 107 -23.35 -2.33 19.95
CA ASP E 107 -24.13 -3.43 20.49
C ASP E 107 -25.54 -3.34 19.91
N LEU E 108 -26.10 -4.49 19.52
CA LEU E 108 -27.51 -4.56 19.16
C LEU E 108 -28.35 -4.42 20.42
N VAL E 109 -29.36 -3.55 20.36
CA VAL E 109 -30.34 -3.41 21.42
C VAL E 109 -31.67 -3.92 20.86
N LEU E 110 -32.39 -4.70 21.68
CA LEU E 110 -33.59 -5.40 21.26
C LEU E 110 -34.75 -4.97 22.15
N PHE E 111 -35.89 -4.74 21.50
CA PHE E 111 -37.09 -4.29 22.16
C PHE E 111 -38.24 -5.19 21.70
N ARG E 112 -39.33 -5.24 22.47
CA ARG E 112 -40.56 -5.89 22.03
C ARG E 112 -41.41 -4.86 21.29
N ALA E 113 -41.73 -5.11 20.00
CA ALA E 113 -42.49 -4.16 19.18
C ALA E 113 -43.20 -4.90 18.04
N GLY E 117 -43.90 -9.17 16.44
CA GLY E 117 -42.53 -8.72 16.12
C GLY E 117 -41.76 -8.32 17.37
N ARG E 118 -40.46 -8.08 17.17
CA ARG E 118 -39.57 -7.39 18.10
C ARG E 118 -38.64 -6.52 17.22
N HIS E 119 -37.74 -5.73 17.82
CA HIS E 119 -37.17 -4.58 17.14
C HIS E 119 -35.69 -4.44 17.48
N VAL E 120 -34.89 -4.01 16.48
CA VAL E 120 -33.43 -4.00 16.55
C VAL E 120 -32.87 -2.61 16.23
N GLY E 121 -32.09 -2.11 17.18
CA GLY E 121 -31.25 -0.96 16.92
C GLY E 121 -29.80 -1.22 17.27
N ILE E 122 -28.98 -0.15 17.17
CA ILE E 122 -27.57 -0.19 17.45
C ILE E 122 -27.22 0.86 18.49
N TYR E 123 -26.72 0.45 19.66
CA TYR E 123 -26.37 1.41 20.69
C TYR E 123 -25.22 2.28 20.21
N ILE E 124 -25.31 3.61 20.44
CA ILE E 124 -24.25 4.54 20.09
C ILE E 124 -23.75 5.33 21.31
N GLY E 125 -24.01 4.82 22.52
CA GLY E 125 -23.55 5.45 23.75
C GLY E 125 -24.59 6.40 24.30
N ASN E 126 -24.47 6.76 25.59
CA ASN E 126 -25.21 7.85 26.21
C ASN E 126 -26.72 7.64 26.10
N ASN E 127 -27.15 6.38 26.19
CA ASN E 127 -28.56 6.03 26.21
C ASN E 127 -29.25 6.35 24.89
N GLN E 128 -28.53 6.40 23.77
CA GLN E 128 -29.16 6.59 22.48
C GLN E 128 -28.76 5.48 21.52
N PHE E 129 -29.58 5.30 20.48
CA PHE E 129 -29.40 4.21 19.53
C PHE E 129 -29.93 4.60 18.16
N VAL E 130 -29.42 3.94 17.13
CA VAL E 130 -29.79 4.21 15.76
C VAL E 130 -30.61 3.05 15.25
N HIS E 131 -31.60 3.30 14.38
CA HIS E 131 -32.53 2.26 13.98
C HIS E 131 -33.51 2.78 12.93
N ALA E 132 -34.09 1.83 12.17
CA ALA E 132 -35.24 2.13 11.33
C ALA E 132 -36.52 1.92 12.14
N SER E 133 -37.19 3.04 12.48
CA SER E 133 -38.47 3.02 13.16
C SER E 133 -39.57 2.91 12.11
N THR E 134 -40.70 2.32 12.53
CA THR E 134 -41.80 1.99 11.64
C THR E 134 -42.54 3.27 11.27
N SER E 135 -42.38 4.30 12.12
CA SER E 135 -43.12 5.55 12.04
C SER E 135 -42.29 6.68 11.43
N SER E 136 -41.01 6.76 11.78
CA SER E 136 -40.21 7.93 11.44
C SER E 136 -38.99 7.62 10.56
N GLY E 137 -38.76 6.35 10.22
CA GLY E 137 -37.64 5.99 9.37
C GLY E 137 -36.36 5.77 10.19
N VAL E 138 -35.19 5.87 9.52
CA VAL E 138 -33.88 5.73 10.17
C VAL E 138 -33.60 6.96 11.03
N ILE E 139 -33.64 6.78 12.37
CA ILE E 139 -33.48 7.88 13.30
C ILE E 139 -32.58 7.46 14.46
N ILE E 140 -32.29 8.46 15.30
CA ILE E 140 -31.69 8.28 16.61
C ILE E 140 -32.81 8.46 17.65
N SER E 141 -32.83 7.55 18.64
CA SER E 141 -33.81 7.55 19.71
C SER E 141 -33.05 7.54 21.03
N SER E 142 -33.70 7.95 22.12
CA SER E 142 -33.15 7.74 23.45
C SER E 142 -33.74 6.45 24.01
N MET E 143 -32.92 5.69 24.76
CA MET E 143 -33.39 4.48 25.43
C MET E 143 -34.41 4.89 26.49
N ASN E 144 -34.29 6.13 26.98
CA ASN E 144 -35.12 6.62 28.09
C ASN E 144 -36.44 7.21 27.61
N GLU E 145 -36.67 7.37 26.30
CA GLU E 145 -38.02 7.61 25.79
C GLU E 145 -38.95 6.58 26.45
N PRO E 146 -40.11 6.98 27.02
CA PRO E 146 -40.90 6.06 27.82
C PRO E 146 -41.35 4.86 26.97
N TYR E 147 -41.74 5.14 25.72
CA TYR E 147 -42.15 4.09 24.80
C TYR E 147 -41.12 2.96 24.81
N TRP E 148 -39.84 3.34 24.68
CA TRP E 148 -38.81 2.38 24.39
C TRP E 148 -38.18 1.79 25.66
N LYS E 149 -38.34 2.52 26.76
CA LYS E 149 -37.73 2.11 28.00
C LYS E 149 -38.42 0.86 28.55
N LYS E 150 -39.74 0.81 28.42
CA LYS E 150 -40.50 -0.29 28.98
C LYS E 150 -40.48 -1.48 28.00
N ARG E 151 -40.00 -1.25 26.77
CA ARG E 151 -39.97 -2.31 25.77
C ARG E 151 -38.56 -2.89 25.57
N TYR E 152 -37.55 -2.41 26.31
CA TYR E 152 -36.21 -3.00 26.23
C TYR E 152 -36.29 -4.46 26.71
N ASN E 153 -35.49 -5.34 26.09
CA ASN E 153 -35.58 -6.79 26.20
C ASN E 153 -34.19 -7.37 26.54
N GLU E 154 -33.21 -7.20 25.63
CA GLU E 154 -31.84 -7.64 25.82
C GLU E 154 -30.91 -6.85 24.91
N ALA E 155 -29.62 -7.14 24.99
CA ALA E 155 -28.65 -6.63 24.04
C ALA E 155 -27.68 -7.73 23.58
N ARG E 156 -27.12 -7.58 22.38
CA ARG E 156 -26.11 -8.50 21.86
C ARG E 156 -24.85 -7.73 21.49
N ARG E 157 -23.69 -8.20 21.97
CA ARG E 157 -22.39 -7.75 21.47
C ARG E 157 -21.98 -8.66 20.31
N VAL E 158 -21.63 -8.09 19.14
CA VAL E 158 -21.29 -8.89 17.98
C VAL E 158 -19.95 -8.48 17.35
N LEU E 159 -19.17 -7.60 17.99
CA LEU E 159 -17.87 -7.18 17.48
C LEU E 159 -16.76 -7.86 18.29
N SER E 160 -15.76 -8.43 17.58
CA SER E 160 -14.83 -9.42 18.14
C SER E 160 -13.87 -8.77 19.13
N THR F 21 12.11 -17.21 -33.82
CA THR F 21 10.64 -17.13 -33.59
C THR F 21 10.35 -17.69 -32.19
N SER F 22 10.20 -16.77 -31.21
CA SER F 22 9.92 -17.07 -29.80
C SER F 22 9.99 -15.77 -29.00
N SER F 23 8.96 -15.47 -28.20
CA SER F 23 9.07 -14.43 -27.20
C SER F 23 10.03 -14.86 -26.07
N LEU F 24 10.54 -16.10 -26.18
CA LEU F 24 11.52 -16.65 -25.27
C LEU F 24 12.95 -16.44 -25.79
N GLN F 25 13.08 -15.90 -27.02
CA GLN F 25 14.37 -15.41 -27.53
C GLN F 25 14.78 -14.20 -26.68
N ALA F 26 13.82 -13.39 -26.24
CA ALA F 26 14.09 -12.40 -25.21
C ALA F 26 14.32 -13.13 -23.89
N SER F 27 15.43 -12.83 -23.22
CA SER F 27 15.72 -13.36 -21.90
C SER F 27 14.73 -12.80 -20.90
N GLN F 28 14.78 -13.35 -19.67
CA GLN F 28 13.99 -12.82 -18.56
C GLN F 28 14.41 -11.37 -18.27
N ASP F 29 15.69 -11.02 -18.34
CA ASP F 29 16.10 -9.63 -18.10
C ASP F 29 15.57 -8.70 -19.20
N GLU F 30 15.62 -9.13 -20.47
CA GLU F 30 15.11 -8.31 -21.56
C GLU F 30 13.63 -8.04 -21.27
N PHE F 31 12.92 -9.05 -20.78
CA PHE F 31 11.50 -8.94 -20.47
C PHE F 31 11.22 -7.99 -19.32
N GLU F 32 11.96 -8.12 -18.21
CA GLU F 32 11.77 -7.27 -17.05
C GLU F 32 11.99 -5.83 -17.49
N ASN F 33 12.90 -5.68 -18.45
CA ASN F 33 13.33 -4.37 -18.91
C ASN F 33 12.29 -3.74 -19.83
N LEU F 34 11.72 -4.56 -20.72
CA LEU F 34 10.62 -4.16 -21.56
C LEU F 34 9.43 -3.75 -20.69
N VAL F 35 9.20 -4.44 -19.58
CA VAL F 35 8.06 -4.12 -18.73
C VAL F 35 8.29 -2.77 -18.05
N ARG F 36 9.50 -2.56 -17.49
CA ARG F 36 9.84 -1.31 -16.84
C ARG F 36 9.62 -0.15 -17.81
N ASN F 37 10.13 -0.28 -19.05
CA ASN F 37 10.18 0.86 -19.97
C ASN F 37 9.01 0.97 -20.97
N VAL F 38 7.97 0.14 -20.91
CA VAL F 38 6.97 0.14 -21.98
C VAL F 38 6.10 1.39 -21.89
N ASP F 39 5.91 1.94 -20.68
CA ASP F 39 5.02 3.07 -20.48
C ASP F 39 5.76 4.40 -20.62
N VAL F 40 7.06 4.37 -20.95
CA VAL F 40 7.86 5.58 -20.94
C VAL F 40 7.33 6.61 -21.93
N LYS F 41 6.98 6.20 -23.14
CA LYS F 41 6.36 7.10 -24.11
C LYS F 41 5.04 7.67 -23.56
N SER F 42 4.25 6.82 -22.91
CA SER F 42 2.93 7.26 -22.50
C SER F 42 3.07 8.26 -21.35
N ARG F 43 4.20 8.22 -20.62
CA ARG F 43 4.38 9.12 -19.50
C ARG F 43 4.69 10.50 -20.05
N ILE F 44 5.51 10.52 -21.11
CA ILE F 44 5.89 11.77 -21.74
C ILE F 44 4.65 12.44 -22.33
N MET F 45 3.76 11.62 -22.90
CA MET F 45 2.53 12.10 -23.50
C MET F 45 1.46 12.47 -22.46
N ASP F 46 1.49 11.85 -21.27
CA ASP F 46 0.69 12.29 -20.13
C ASP F 46 1.07 13.73 -19.77
N GLN F 47 2.39 14.02 -19.82
CA GLN F 47 2.90 15.36 -19.61
C GLN F 47 2.45 16.27 -20.75
N TYR F 48 2.60 15.80 -21.99
CA TYR F 48 2.24 16.57 -23.17
C TYR F 48 0.77 17.00 -23.14
N ALA F 49 -0.13 16.07 -22.78
CA ALA F 49 -1.55 16.34 -22.75
C ALA F 49 -1.86 17.50 -21.80
N ASP F 50 -1.00 17.69 -20.80
CA ASP F 50 -1.14 18.74 -19.80
C ASP F 50 -0.54 20.06 -20.30
N TRP F 51 0.59 19.96 -21.00
CA TRP F 51 1.38 21.14 -21.33
C TRP F 51 1.16 21.57 -22.79
N LYS F 52 0.58 20.72 -23.65
CA LYS F 52 0.54 20.98 -25.08
C LYS F 52 -0.12 22.32 -25.36
N GLY F 53 0.54 23.16 -26.16
CA GLY F 53 0.05 24.48 -26.52
C GLY F 53 0.56 25.62 -25.63
N VAL F 54 1.17 25.30 -24.49
CA VAL F 54 1.57 26.32 -23.53
C VAL F 54 2.60 27.25 -24.20
N ARG F 55 2.41 28.55 -23.94
CA ARG F 55 3.14 29.62 -24.63
C ARG F 55 4.63 29.58 -24.27
N TYR F 56 5.44 30.23 -25.10
CA TYR F 56 6.87 30.31 -24.87
C TYR F 56 7.23 31.62 -24.18
N ARG F 57 7.77 31.56 -22.95
CA ARG F 57 8.48 32.69 -22.37
C ARG F 57 9.90 32.28 -22.01
N LEU F 58 10.88 33.18 -22.30
CA LEU F 58 12.28 32.93 -22.01
C LEU F 58 12.47 32.91 -20.49
N GLY F 59 12.99 31.79 -19.97
CA GLY F 59 13.09 31.57 -18.54
C GLY F 59 11.73 31.63 -17.84
N GLY F 60 10.87 30.64 -18.12
CA GLY F 60 9.64 30.40 -17.37
C GLY F 60 9.50 28.94 -16.96
N SER F 61 8.76 28.67 -15.88
CA SER F 61 8.61 27.31 -15.35
C SER F 61 7.15 27.10 -14.91
N THR F 62 6.25 27.74 -15.64
CA THR F 62 4.84 27.81 -15.29
C THR F 62 4.02 27.53 -16.57
N LYS F 63 2.71 27.29 -16.43
CA LYS F 63 1.82 27.03 -17.56
C LYS F 63 1.36 28.31 -18.25
N LYS F 64 1.70 29.47 -17.66
CA LYS F 64 1.60 30.78 -18.29
C LYS F 64 2.68 30.98 -19.34
N GLY F 65 3.81 30.27 -19.22
CA GLY F 65 4.86 30.31 -20.22
C GLY F 65 6.12 29.60 -19.75
N ILE F 66 6.78 28.90 -20.68
CA ILE F 66 7.89 28.00 -20.37
C ILE F 66 8.87 27.97 -21.55
N ASP F 67 10.19 27.85 -21.25
CA ASP F 67 11.22 27.71 -22.27
C ASP F 67 11.54 26.22 -22.48
N CYS F 68 12.48 25.91 -23.39
CA CYS F 68 12.64 24.55 -23.89
C CYS F 68 13.20 23.65 -22.79
N SER F 69 14.23 24.16 -22.09
CA SER F 69 14.89 23.48 -20.99
C SER F 69 13.98 23.38 -19.75
N GLY F 70 13.10 24.36 -19.54
CA GLY F 70 12.23 24.36 -18.39
C GLY F 70 11.13 23.31 -18.52
N PHE F 71 10.82 22.93 -19.76
CA PHE F 71 9.79 21.94 -20.07
C PHE F 71 10.34 20.52 -19.95
N VAL F 72 11.54 20.30 -20.53
CA VAL F 72 12.32 19.07 -20.36
C VAL F 72 12.55 18.81 -18.86
N GLN F 73 12.88 19.84 -18.09
CA GLN F 73 13.14 19.69 -16.67
C GLN F 73 11.88 19.26 -15.94
N ARG F 74 10.75 19.90 -16.27
CA ARG F 74 9.49 19.60 -15.63
C ARG F 74 9.06 18.17 -15.96
N THR F 75 9.20 17.76 -17.22
CA THR F 75 8.78 16.43 -17.64
C THR F 75 9.55 15.35 -16.87
N PHE F 76 10.87 15.49 -16.82
CA PHE F 76 11.71 14.52 -16.12
C PHE F 76 11.44 14.55 -14.62
N ARG F 77 11.13 15.72 -14.04
CA ARG F 77 10.73 15.78 -12.64
C ARG F 77 9.39 15.08 -12.36
N GLU F 78 8.35 15.37 -13.16
CA GLU F 78 6.99 15.00 -12.81
C GLU F 78 6.74 13.55 -13.22
N GLN F 79 7.50 13.06 -14.22
CA GLN F 79 7.22 11.77 -14.84
C GLN F 79 8.20 10.68 -14.42
N PHE F 80 9.48 11.03 -14.22
CA PHE F 80 10.52 10.05 -13.96
C PHE F 80 11.26 10.33 -12.64
N GLY F 81 10.81 11.28 -11.83
CA GLY F 81 11.47 11.57 -10.57
C GLY F 81 12.96 11.90 -10.69
N LEU F 82 13.33 12.64 -11.75
CA LEU F 82 14.72 12.95 -12.09
C LEU F 82 14.92 14.45 -12.14
N GLU F 83 15.90 14.96 -11.41
CA GLU F 83 16.05 16.39 -11.32
C GLU F 83 17.19 16.81 -12.25
N LEU F 84 16.81 17.41 -13.40
CA LEU F 84 17.75 17.95 -14.38
C LEU F 84 17.96 19.44 -14.12
N PRO F 85 19.08 20.03 -14.59
CA PRO F 85 19.36 21.46 -14.41
C PRO F 85 18.51 22.37 -15.29
N ARG F 86 18.59 23.67 -14.99
CA ARG F 86 17.64 24.62 -15.53
C ARG F 86 17.96 24.91 -16.98
N SER F 87 19.23 25.19 -17.30
CA SER F 87 19.59 25.67 -18.63
C SER F 87 19.87 24.52 -19.58
N THR F 88 19.79 24.84 -20.87
CA THR F 88 20.09 23.92 -21.95
C THR F 88 21.57 23.53 -21.94
N TYR F 89 22.45 24.48 -21.60
CA TYR F 89 23.89 24.24 -21.61
C TYR F 89 24.29 23.04 -20.74
N GLU F 90 23.66 22.94 -19.55
CA GLU F 90 23.99 21.93 -18.55
C GLU F 90 23.27 20.63 -18.86
N GLN F 91 22.01 20.69 -19.31
CA GLN F 91 21.29 19.52 -19.75
C GLN F 91 22.08 18.77 -20.82
N GLN F 92 22.99 19.49 -21.51
CA GLN F 92 23.76 18.94 -22.61
C GLN F 92 24.78 17.94 -22.08
N GLU F 93 25.19 18.12 -20.82
CA GLU F 93 26.23 17.30 -20.21
C GLU F 93 25.63 16.34 -19.19
N MET F 94 24.31 16.15 -19.21
CA MET F 94 23.68 15.12 -18.39
C MET F 94 23.72 13.81 -19.20
N GLY F 95 23.65 12.69 -18.49
CA GLY F 95 23.66 11.37 -19.11
C GLY F 95 24.92 11.13 -19.95
N LYS F 96 24.81 10.20 -20.90
CA LYS F 96 25.87 9.95 -21.87
C LYS F 96 25.31 10.16 -23.26
N SER F 97 26.18 10.52 -24.22
CA SER F 97 25.76 10.82 -25.57
C SER F 97 25.23 9.57 -26.25
N VAL F 98 24.37 9.77 -27.26
CA VAL F 98 23.85 8.70 -28.10
C VAL F 98 24.07 9.06 -29.57
N SER F 99 24.47 8.06 -30.36
CA SER F 99 24.44 8.13 -31.81
C SER F 99 23.00 8.34 -32.27
N ARG F 100 22.82 9.01 -33.41
CA ARG F 100 21.49 9.38 -33.88
C ARG F 100 20.70 8.13 -34.27
N SER F 101 21.39 7.06 -34.68
CA SER F 101 20.73 5.82 -35.09
C SER F 101 20.38 4.90 -33.91
N ASN F 102 20.70 5.32 -32.67
CA ASN F 102 20.40 4.56 -31.46
C ASN F 102 19.41 5.28 -30.56
N LEU F 103 18.91 6.47 -30.98
CA LEU F 103 17.94 7.23 -30.20
C LEU F 103 16.82 6.31 -29.73
N ARG F 104 16.43 6.44 -28.46
CA ARG F 104 15.23 5.77 -27.97
C ARG F 104 14.38 6.78 -27.21
N THR F 105 13.12 6.43 -26.99
CA THR F 105 12.20 7.32 -26.33
C THR F 105 12.82 7.73 -24.99
N GLY F 106 12.68 9.02 -24.67
CA GLY F 106 13.16 9.56 -23.40
C GLY F 106 14.50 10.29 -23.53
N ASP F 107 15.12 10.19 -24.70
CA ASP F 107 16.45 10.75 -24.94
C ASP F 107 16.30 12.24 -25.21
N LEU F 108 17.13 13.07 -24.56
CA LEU F 108 17.21 14.48 -24.93
C LEU F 108 17.83 14.58 -26.31
N VAL F 109 17.17 15.32 -27.22
CA VAL F 109 17.73 15.67 -28.52
C VAL F 109 18.05 17.15 -28.54
N LEU F 110 19.25 17.51 -29.02
CA LEU F 110 19.76 18.88 -29.01
C LEU F 110 19.90 19.41 -30.43
N PHE F 111 19.47 20.66 -30.62
CA PHE F 111 19.53 21.36 -31.90
C PHE F 111 20.20 22.72 -31.71
N ARG F 112 20.50 23.43 -32.80
CA ARG F 112 20.92 24.82 -32.71
C ARG F 112 19.69 25.73 -32.82
N ALA F 113 19.62 26.78 -31.97
CA ALA F 113 18.54 27.77 -32.03
C ALA F 113 18.96 29.07 -31.32
N THR F 116 20.63 31.48 -28.68
CA THR F 116 21.53 30.70 -27.78
C THR F 116 22.54 29.90 -28.62
N GLY F 117 22.03 29.16 -29.62
CA GLY F 117 22.79 28.14 -30.32
C GLY F 117 22.60 26.74 -29.72
N ARG F 118 21.60 26.60 -28.82
CA ARG F 118 21.22 25.34 -28.20
C ARG F 118 19.72 25.32 -27.88
N HIS F 119 19.02 24.28 -28.37
CA HIS F 119 17.61 24.05 -28.15
C HIS F 119 17.39 22.56 -27.94
N VAL F 120 16.57 22.20 -26.94
CA VAL F 120 16.48 20.84 -26.46
C VAL F 120 15.02 20.38 -26.50
N GLY F 121 14.81 19.14 -26.94
CA GLY F 121 13.53 18.48 -26.82
C GLY F 121 13.73 17.03 -26.41
N ILE F 122 12.62 16.27 -26.41
CA ILE F 122 12.58 14.90 -25.92
C ILE F 122 12.11 13.98 -27.04
N TYR F 123 12.90 12.95 -27.33
CA TYR F 123 12.59 12.04 -28.41
C TYR F 123 11.45 11.13 -27.98
N ILE F 124 10.57 10.79 -28.91
CA ILE F 124 9.43 9.94 -28.64
C ILE F 124 9.29 8.87 -29.73
N GLY F 125 10.21 8.84 -30.69
CA GLY F 125 10.26 7.74 -31.64
C GLY F 125 9.78 8.21 -33.00
N ASN F 126 10.04 7.41 -34.03
CA ASN F 126 9.50 7.68 -35.35
C ASN F 126 9.88 9.12 -35.74
N ASN F 127 11.11 9.52 -35.43
CA ASN F 127 11.64 10.84 -35.77
C ASN F 127 10.75 11.97 -35.26
N GLN F 128 10.19 11.81 -34.06
CA GLN F 128 9.31 12.80 -33.48
C GLN F 128 9.90 13.19 -32.14
N PHE F 129 9.81 14.48 -31.80
CA PHE F 129 10.18 14.92 -30.48
C PHE F 129 9.14 15.91 -29.94
N VAL F 130 9.18 16.08 -28.63
CA VAL F 130 8.33 17.03 -27.93
C VAL F 130 9.26 18.08 -27.33
N HIS F 131 8.80 19.35 -27.34
CA HIS F 131 9.63 20.49 -26.98
C HIS F 131 8.75 21.72 -26.90
N ALA F 132 9.21 22.73 -26.17
CA ALA F 132 8.59 24.06 -26.26
C ALA F 132 9.32 24.83 -27.36
N SER F 133 8.63 25.21 -28.46
CA SER F 133 9.23 25.98 -29.53
C SER F 133 9.01 27.47 -29.28
N THR F 134 9.97 28.29 -29.73
CA THR F 134 9.98 29.72 -29.46
C THR F 134 8.84 30.40 -30.23
N SER F 135 8.41 29.75 -31.32
CA SER F 135 7.37 30.22 -32.21
C SER F 135 5.98 29.81 -31.70
N SER F 136 5.75 28.49 -31.54
CA SER F 136 4.40 27.93 -31.44
C SER F 136 4.12 27.16 -30.14
N GLY F 137 5.02 27.20 -29.14
CA GLY F 137 4.71 26.69 -27.81
C GLY F 137 5.10 25.22 -27.66
N VAL F 138 4.43 24.48 -26.77
CA VAL F 138 4.76 23.07 -26.54
C VAL F 138 4.05 22.21 -27.59
N ILE F 139 4.86 21.51 -28.41
CA ILE F 139 4.36 20.82 -29.58
C ILE F 139 5.19 19.57 -29.83
N ILE F 140 4.63 18.70 -30.68
CA ILE F 140 5.36 17.61 -31.28
C ILE F 140 5.88 18.09 -32.63
N SER F 141 7.19 17.98 -32.84
CA SER F 141 7.76 18.23 -34.15
C SER F 141 8.32 16.95 -34.74
N SER F 142 8.69 17.01 -36.01
CA SER F 142 9.38 15.92 -36.65
C SER F 142 10.81 16.36 -36.91
N MET F 143 11.72 15.40 -36.79
CA MET F 143 13.13 15.66 -36.98
C MET F 143 13.46 15.67 -38.46
N ASN F 144 12.47 15.34 -39.31
CA ASN F 144 12.63 15.36 -40.76
C ASN F 144 12.05 16.65 -41.33
N GLU F 145 11.48 17.51 -40.49
CA GLU F 145 11.17 18.86 -40.94
C GLU F 145 12.50 19.46 -41.36
N PRO F 146 12.61 20.06 -42.57
CA PRO F 146 13.90 20.58 -43.04
C PRO F 146 14.58 21.43 -41.96
N TYR F 147 13.81 22.29 -41.30
CA TYR F 147 14.38 23.26 -40.39
C TYR F 147 15.21 22.54 -39.35
N TRP F 148 14.70 21.41 -38.85
CA TRP F 148 15.26 20.83 -37.64
C TRP F 148 16.25 19.71 -37.94
N LYS F 149 16.24 19.13 -39.15
CA LYS F 149 17.20 18.07 -39.43
C LYS F 149 18.54 18.68 -39.82
N LYS F 150 18.52 19.92 -40.33
CA LYS F 150 19.76 20.61 -40.69
C LYS F 150 20.40 21.21 -39.42
N ARG F 151 19.65 21.23 -38.31
CA ARG F 151 20.09 21.81 -37.05
C ARG F 151 20.39 20.75 -35.98
N TYR F 152 20.13 19.46 -36.26
CA TYR F 152 20.39 18.42 -35.28
C TYR F 152 21.88 18.41 -34.88
N ASN F 153 22.14 18.13 -33.60
CA ASN F 153 23.43 18.34 -32.97
C ASN F 153 23.88 17.03 -32.31
N GLU F 154 23.15 16.63 -31.27
CA GLU F 154 23.51 15.43 -30.55
C GLU F 154 22.33 15.02 -29.68
N ALA F 155 22.45 13.85 -29.04
CA ALA F 155 21.44 13.31 -28.15
C ALA F 155 22.10 12.88 -26.83
N ARG F 156 21.37 12.98 -25.71
CA ARG F 156 21.84 12.52 -24.42
C ARG F 156 20.89 11.44 -23.91
N ARG F 157 21.42 10.36 -23.32
CA ARG F 157 20.57 9.41 -22.64
C ARG F 157 20.73 9.63 -21.14
N VAL F 158 19.63 10.01 -20.45
CA VAL F 158 19.65 10.28 -19.03
C VAL F 158 18.88 9.19 -18.26
N LEU F 159 17.97 8.43 -18.88
CA LEU F 159 17.07 7.56 -18.14
C LEU F 159 17.77 6.28 -17.67
N SER F 160 18.21 5.44 -18.61
CA SER F 160 18.89 4.17 -18.29
C SER F 160 19.18 3.39 -19.57
N SER G 22 24.85 25.24 11.86
CA SER G 22 24.89 24.25 12.97
C SER G 22 23.48 23.86 13.44
N SER G 23 22.45 24.68 13.16
CA SER G 23 21.09 24.41 13.60
C SER G 23 20.33 23.55 12.58
N LEU G 24 20.90 23.42 11.38
CA LEU G 24 20.49 22.40 10.43
C LEU G 24 21.36 21.18 10.69
N GLN G 25 22.67 21.42 10.78
CA GLN G 25 23.68 20.39 10.86
C GLN G 25 23.57 19.64 12.20
N ALA G 26 23.00 20.26 13.24
CA ALA G 26 22.78 19.57 14.51
C ALA G 26 21.64 18.57 14.34
N SER G 27 20.54 19.03 13.72
CA SER G 27 19.42 18.18 13.34
C SER G 27 19.87 17.02 12.45
N GLN G 28 20.69 17.32 11.42
CA GLN G 28 21.16 16.34 10.47
C GLN G 28 22.06 15.31 11.16
N ASP G 29 22.93 15.77 12.08
CA ASP G 29 23.85 14.90 12.80
C ASP G 29 23.06 13.99 13.76
N GLU G 30 22.04 14.60 14.37
CA GLU G 30 21.14 13.91 15.27
C GLU G 30 20.38 12.85 14.48
N PHE G 31 19.93 13.21 13.28
CA PHE G 31 19.10 12.28 12.53
C PHE G 31 19.93 11.06 12.13
N GLU G 32 21.19 11.29 11.78
CA GLU G 32 22.10 10.24 11.37
C GLU G 32 22.37 9.29 12.54
N ASN G 33 22.67 9.85 13.73
CA ASN G 33 22.85 8.99 14.90
C ASN G 33 21.58 8.20 15.16
N LEU G 34 20.41 8.79 14.93
CA LEU G 34 19.21 8.12 15.37
C LEU G 34 18.77 7.03 14.40
N VAL G 35 19.04 7.12 13.09
CA VAL G 35 18.60 6.06 12.18
C VAL G 35 19.61 4.93 12.09
N ARG G 36 20.91 5.27 12.23
CA ARG G 36 22.01 4.34 11.95
C ARG G 36 22.08 3.26 13.03
N ASN G 37 21.77 2.01 12.66
CA ASN G 37 21.97 0.88 13.55
C ASN G 37 23.05 0.01 12.93
N VAL G 38 24.29 0.25 13.35
CA VAL G 38 25.45 -0.35 12.72
C VAL G 38 25.85 -1.58 13.54
N ASP G 39 26.48 -2.55 12.85
CA ASP G 39 27.05 -3.75 13.47
C ASP G 39 28.48 -3.43 13.87
N VAL G 40 28.67 -3.04 15.14
CA VAL G 40 29.91 -2.41 15.56
C VAL G 40 31.08 -3.38 15.38
N LYS G 41 30.91 -4.66 15.74
CA LYS G 41 32.05 -5.57 15.64
C LYS G 41 32.40 -5.77 14.18
N SER G 42 31.38 -5.98 13.35
CA SER G 42 31.55 -6.21 11.93
C SER G 42 32.38 -5.10 11.26
N ARG G 43 32.12 -3.86 11.67
CA ARG G 43 32.79 -2.71 11.07
C ARG G 43 34.26 -2.64 11.50
N ILE G 44 34.52 -3.00 12.75
CA ILE G 44 35.87 -3.00 13.29
C ILE G 44 36.70 -4.06 12.57
N MET G 45 36.08 -5.19 12.22
CA MET G 45 36.79 -6.30 11.60
C MET G 45 36.96 -6.03 10.11
N ASP G 46 36.08 -5.24 9.49
CA ASP G 46 36.34 -4.74 8.15
C ASP G 46 37.67 -3.99 8.14
N GLN G 47 37.85 -3.10 9.13
CA GLN G 47 39.04 -2.26 9.24
C GLN G 47 40.24 -3.14 9.53
N TYR G 48 40.08 -4.13 10.43
CA TYR G 48 41.19 -4.99 10.78
C TYR G 48 41.63 -5.85 9.61
N ALA G 49 40.70 -6.50 8.92
CA ALA G 49 41.00 -7.24 7.70
C ALA G 49 41.87 -6.41 6.77
N ASP G 50 41.51 -5.13 6.64
CA ASP G 50 42.14 -4.22 5.70
C ASP G 50 43.53 -3.79 6.20
N TRP G 51 43.72 -3.68 7.53
CA TRP G 51 44.91 -3.07 8.13
C TRP G 51 45.77 -4.10 8.85
N LYS G 52 45.38 -5.37 8.82
CA LYS G 52 46.07 -6.42 9.56
C LYS G 52 47.54 -6.45 9.16
N GLY G 53 48.44 -6.32 10.13
CA GLY G 53 49.86 -6.56 9.93
C GLY G 53 50.65 -5.34 9.44
N VAL G 54 50.00 -4.17 9.35
CA VAL G 54 50.69 -2.92 9.02
C VAL G 54 51.66 -2.55 10.14
N ARG G 55 52.83 -2.04 9.77
CA ARG G 55 53.94 -1.86 10.71
C ARG G 55 53.63 -0.76 11.71
N TYR G 56 54.44 -0.72 12.78
CA TYR G 56 54.46 0.39 13.74
C TYR G 56 55.32 1.52 13.17
N ARG G 57 54.73 2.71 13.08
CA ARG G 57 55.47 3.95 12.90
C ARG G 57 54.84 5.02 13.80
N LEU G 58 55.64 5.54 14.74
CA LEU G 58 55.18 6.57 15.66
C LEU G 58 54.81 7.79 14.83
N GLY G 59 53.60 8.30 15.08
CA GLY G 59 53.12 9.50 14.40
C GLY G 59 52.64 9.24 12.97
N GLY G 60 52.77 8.00 12.48
CA GLY G 60 52.29 7.65 11.17
C GLY G 60 50.78 7.45 11.20
N SER G 61 50.13 7.58 10.04
CA SER G 61 48.70 7.32 9.96
C SER G 61 48.30 6.84 8.57
N THR G 62 49.22 6.14 7.90
CA THR G 62 48.91 5.48 6.65
C THR G 62 49.27 4.01 6.77
N LYS G 63 49.21 3.34 5.63
CA LYS G 63 49.33 1.91 5.53
C LYS G 63 50.81 1.52 5.42
N LYS G 64 51.72 2.53 5.40
CA LYS G 64 53.17 2.32 5.49
C LYS G 64 53.63 2.25 6.94
N GLY G 65 52.79 2.73 7.86
CA GLY G 65 53.00 2.56 9.28
C GLY G 65 52.12 3.48 10.12
N ILE G 66 51.68 2.96 11.28
CA ILE G 66 50.65 3.58 12.11
C ILE G 66 50.94 3.26 13.57
N ASP G 67 50.64 4.21 14.46
CA ASP G 67 50.72 3.97 15.91
C ASP G 67 49.32 3.67 16.42
N CYS G 68 49.23 3.29 17.70
CA CYS G 68 48.02 2.71 18.28
C CYS G 68 46.83 3.66 18.20
N SER G 69 47.08 4.97 18.42
CA SER G 69 46.08 6.02 18.50
C SER G 69 45.78 6.63 17.14
N GLY G 70 46.73 6.58 16.22
CA GLY G 70 46.42 6.90 14.84
C GLY G 70 45.51 5.84 14.25
N PHE G 71 45.63 4.62 14.77
CA PHE G 71 44.85 3.50 14.26
C PHE G 71 43.41 3.65 14.75
N VAL G 72 43.25 3.92 16.05
CA VAL G 72 41.97 4.22 16.67
C VAL G 72 41.27 5.38 15.96
N GLN G 73 41.96 6.52 15.80
CA GLN G 73 41.40 7.75 15.23
C GLN G 73 40.84 7.48 13.84
N ARG G 74 41.64 6.77 13.06
CA ARG G 74 41.34 6.49 11.67
C ARG G 74 40.20 5.48 11.58
N THR G 75 40.09 4.58 12.55
CA THR G 75 39.10 3.52 12.56
C THR G 75 37.72 4.10 12.87
N PHE G 76 37.63 4.93 13.91
CA PHE G 76 36.36 5.49 14.32
C PHE G 76 35.85 6.49 13.28
N ARG G 77 36.74 7.10 12.50
CA ARG G 77 36.30 8.00 11.45
C ARG G 77 35.83 7.23 10.23
N GLU G 78 36.60 6.25 9.77
CA GLU G 78 36.24 5.58 8.51
C GLU G 78 35.00 4.71 8.71
N GLN G 79 34.76 4.22 9.93
CA GLN G 79 33.78 3.18 10.18
C GLN G 79 32.55 3.70 10.91
N PHE G 80 32.70 4.77 11.69
CA PHE G 80 31.60 5.30 12.46
C PHE G 80 31.42 6.82 12.26
N GLY G 81 32.19 7.46 11.37
CA GLY G 81 32.11 8.89 11.14
C GLY G 81 32.28 9.74 12.40
N LEU G 82 33.01 9.18 13.38
CA LEU G 82 33.19 9.78 14.70
C LEU G 82 34.59 10.37 14.78
N GLU G 83 34.65 11.62 15.25
CA GLU G 83 35.89 12.39 15.21
C GLU G 83 36.54 12.32 16.58
N LEU G 84 37.63 11.55 16.66
CA LEU G 84 38.41 11.46 17.88
C LEU G 84 39.66 12.29 17.73
N PRO G 85 40.22 12.77 18.86
CA PRO G 85 41.54 13.38 18.85
C PRO G 85 42.66 12.36 18.62
N ARG G 86 43.83 12.89 18.27
CA ARG G 86 45.01 12.12 17.89
C ARG G 86 45.77 11.69 19.15
N SER G 87 45.94 12.63 20.08
CA SER G 87 46.67 12.42 21.31
C SER G 87 46.00 11.30 22.10
N THR G 88 46.78 10.42 22.74
CA THR G 88 46.21 9.37 23.55
C THR G 88 45.71 9.95 24.87
N TYR G 89 46.45 10.94 25.42
CA TYR G 89 45.99 11.70 26.56
C TYR G 89 44.59 12.23 26.29
N GLU G 90 44.37 12.72 25.08
CA GLU G 90 43.09 13.30 24.71
C GLU G 90 42.06 12.20 24.47
N GLN G 91 42.46 11.07 23.88
CA GLN G 91 41.54 9.96 23.67
C GLN G 91 41.07 9.35 25.00
N GLN G 92 41.87 9.48 26.07
CA GLN G 92 41.55 8.90 27.38
C GLN G 92 40.54 9.76 28.15
N GLU G 93 40.04 10.85 27.55
CA GLU G 93 39.03 11.69 28.20
C GLU G 93 37.82 11.95 27.29
N MET G 94 37.61 11.08 26.28
CA MET G 94 36.45 11.11 25.39
C MET G 94 35.43 10.11 25.91
N GLY G 95 34.14 10.47 25.83
CA GLY G 95 33.07 9.60 26.28
C GLY G 95 33.15 9.29 27.77
N LYS G 96 32.32 8.35 28.23
CA LYS G 96 32.24 8.02 29.65
C LYS G 96 33.13 6.83 29.94
N SER G 97 33.69 6.77 31.15
CA SER G 97 34.51 5.64 31.54
C SER G 97 33.62 4.43 31.73
N VAL G 98 34.21 3.24 31.67
CA VAL G 98 33.47 1.99 31.64
C VAL G 98 34.21 1.06 32.59
N SER G 99 33.51 0.46 33.56
CA SER G 99 34.12 -0.57 34.39
C SER G 99 34.35 -1.82 33.53
N ARG G 100 35.17 -2.77 34.03
CA ARG G 100 35.64 -3.87 33.20
C ARG G 100 34.53 -4.86 32.86
N SER G 101 33.53 -5.00 33.75
CA SER G 101 32.47 -5.99 33.54
C SER G 101 31.41 -5.48 32.55
N ASN G 102 31.30 -4.15 32.30
CA ASN G 102 30.37 -3.59 31.32
C ASN G 102 31.04 -3.33 29.96
N LEU G 103 32.13 -4.00 29.65
CA LEU G 103 32.90 -3.70 28.46
C LEU G 103 32.10 -4.14 27.23
N ARG G 104 32.04 -3.30 26.20
CA ARG G 104 31.30 -3.59 24.98
C ARG G 104 32.23 -3.47 23.78
N THR G 105 31.87 -4.16 22.69
CA THR G 105 32.57 -3.96 21.44
C THR G 105 32.58 -2.47 21.10
N GLY G 106 33.72 -1.96 20.66
CA GLY G 106 33.84 -0.58 20.22
C GLY G 106 34.28 0.37 21.33
N ASP G 107 34.53 -0.17 22.54
CA ASP G 107 35.05 0.65 23.62
C ASP G 107 36.57 0.68 23.51
N LEU G 108 37.14 1.87 23.74
CA LEU G 108 38.58 2.03 23.80
C LEU G 108 39.09 1.45 25.12
N VAL G 109 40.08 0.56 25.02
CA VAL G 109 40.77 -0.02 26.17
C VAL G 109 42.13 0.66 26.27
N LEU G 110 42.49 1.07 27.50
CA LEU G 110 43.72 1.83 27.71
C LEU G 110 44.60 1.09 28.69
N PHE G 111 45.92 1.21 28.48
CA PHE G 111 46.90 0.42 29.20
C PHE G 111 48.10 1.29 29.54
N ARG G 112 48.69 1.03 30.73
CA ARG G 112 49.98 1.60 31.11
C ARG G 112 51.04 0.83 30.33
N ALA G 113 51.37 1.33 29.12
CA ALA G 113 52.26 0.67 28.18
C ALA G 113 52.55 1.59 27.00
N SER G 115 56.63 2.74 26.99
CA SER G 115 57.43 3.98 27.17
C SER G 115 56.55 5.22 26.99
N THR G 116 55.45 5.11 26.24
CA THR G 116 54.43 6.16 26.18
C THR G 116 53.85 6.46 27.58
N GLY G 117 53.77 5.43 28.44
CA GLY G 117 52.93 5.43 29.63
C GLY G 117 51.52 4.92 29.34
N ARG G 118 51.08 5.03 28.05
CA ARG G 118 49.67 5.04 27.62
C ARG G 118 49.49 4.50 26.18
N HIS G 119 48.69 3.44 26.05
CA HIS G 119 48.55 2.62 24.85
C HIS G 119 47.07 2.29 24.66
N VAL G 120 46.53 2.37 23.44
CA VAL G 120 45.09 2.28 23.29
C VAL G 120 44.72 1.28 22.18
N GLY G 121 43.71 0.45 22.51
CA GLY G 121 43.11 -0.44 21.54
C GLY G 121 41.60 -0.35 21.60
N ILE G 122 40.94 -1.24 20.85
CA ILE G 122 39.50 -1.26 20.72
C ILE G 122 39.02 -2.65 21.10
N TYR G 123 38.15 -2.74 22.13
CA TYR G 123 37.57 -4.01 22.52
C TYR G 123 36.72 -4.58 21.39
N ILE G 124 36.84 -5.90 21.15
CA ILE G 124 36.07 -6.58 20.12
C ILE G 124 35.43 -7.85 20.68
N GLY G 125 35.31 -7.98 22.01
CA GLY G 125 34.60 -9.11 22.63
C GLY G 125 35.47 -10.35 22.83
N ASN G 126 34.98 -11.25 23.70
CA ASN G 126 35.66 -12.49 24.09
C ASN G 126 37.04 -12.19 24.68
N ASN G 127 37.16 -11.04 25.37
CA ASN G 127 38.37 -10.58 26.03
C ASN G 127 39.48 -10.35 25.01
N GLN G 128 39.11 -9.86 23.81
CA GLN G 128 40.08 -9.53 22.77
C GLN G 128 40.00 -8.05 22.45
N PHE G 129 41.09 -7.50 21.92
CA PHE G 129 41.11 -6.11 21.49
C PHE G 129 42.06 -5.97 20.32
N VAL G 130 41.83 -4.94 19.50
CA VAL G 130 42.55 -4.69 18.26
C VAL G 130 43.38 -3.43 18.47
N HIS G 131 44.65 -3.49 18.09
CA HIS G 131 45.57 -2.39 18.33
C HIS G 131 46.74 -2.46 17.35
N ALA G 132 47.46 -1.35 17.27
CA ALA G 132 48.78 -1.31 16.66
C ALA G 132 49.81 -1.49 17.77
N SER G 133 50.53 -2.61 17.72
CA SER G 133 51.56 -2.91 18.69
C SER G 133 52.92 -2.64 18.06
N THR G 134 53.89 -2.42 18.94
CA THR G 134 55.29 -2.24 18.59
C THR G 134 55.82 -3.41 17.77
N SER G 135 55.68 -4.60 18.33
CA SER G 135 56.42 -5.75 17.83
C SER G 135 55.83 -6.27 16.52
N SER G 136 54.49 -6.24 16.39
CA SER G 136 53.77 -7.01 15.41
C SER G 136 52.96 -6.13 14.45
N GLY G 137 52.87 -4.82 14.72
CA GLY G 137 51.98 -3.95 13.97
C GLY G 137 50.54 -4.18 14.39
N VAL G 138 49.60 -4.04 13.45
CA VAL G 138 48.18 -4.11 13.76
C VAL G 138 47.77 -5.57 13.99
N ILE G 139 47.24 -5.86 15.19
CA ILE G 139 46.95 -7.23 15.62
C ILE G 139 45.75 -7.23 16.58
N ILE G 140 45.24 -8.45 16.78
CA ILE G 140 44.33 -8.80 17.86
C ILE G 140 45.12 -9.45 18.99
N SER G 141 44.90 -8.99 20.22
CA SER G 141 45.51 -9.60 21.38
C SER G 141 44.40 -9.98 22.35
N SER G 142 44.78 -10.78 23.34
CA SER G 142 43.91 -11.14 24.44
C SER G 142 44.23 -10.22 25.62
N MET G 143 43.18 -9.75 26.30
CA MET G 143 43.33 -8.92 27.50
C MET G 143 43.95 -9.76 28.62
N ASN G 144 43.79 -11.09 28.50
CA ASN G 144 44.28 -12.05 29.48
C ASN G 144 45.79 -12.29 29.36
N GLU G 145 46.37 -12.10 28.17
CA GLU G 145 47.81 -12.15 28.00
C GLU G 145 48.46 -11.44 29.19
N PRO G 146 49.31 -12.13 29.98
CA PRO G 146 49.87 -11.54 31.21
C PRO G 146 50.36 -10.07 31.15
N TYR G 147 51.01 -9.70 30.03
CA TYR G 147 51.55 -8.36 29.79
C TYR G 147 50.45 -7.28 29.82
N TRP G 148 49.27 -7.58 29.27
CA TRP G 148 48.22 -6.58 29.13
C TRP G 148 47.32 -6.55 30.36
N LYS G 149 47.16 -7.69 31.05
CA LYS G 149 46.30 -7.71 32.23
C LYS G 149 46.96 -6.89 33.33
N LYS G 150 48.29 -6.93 33.38
CA LYS G 150 49.04 -6.17 34.38
C LYS G 150 48.94 -4.69 34.06
N ARG G 151 48.79 -4.36 32.78
CA ARG G 151 48.92 -2.99 32.31
C ARG G 151 47.55 -2.35 32.07
N TYR G 152 46.47 -3.15 32.02
CA TYR G 152 45.11 -2.64 31.85
C TYR G 152 44.80 -1.56 32.89
N ASN G 153 44.22 -0.46 32.42
CA ASN G 153 44.26 0.81 33.09
C ASN G 153 42.85 1.38 33.20
N GLU G 154 42.11 1.45 32.07
CA GLU G 154 40.69 1.74 32.07
C GLU G 154 40.11 1.59 30.66
N ALA G 155 38.80 1.84 30.53
CA ALA G 155 38.14 1.87 29.22
C ALA G 155 37.27 3.12 29.10
N ARG G 156 36.93 3.48 27.86
CA ARG G 156 36.05 4.60 27.54
C ARG G 156 35.05 4.17 26.46
N ARG G 157 33.78 4.50 26.68
CA ARG G 157 32.73 4.39 25.68
C ARG G 157 32.68 5.70 24.90
N VAL G 158 32.79 5.62 23.57
CA VAL G 158 32.75 6.82 22.75
C VAL G 158 31.61 6.75 21.75
N LEU G 159 31.13 5.52 21.45
CA LEU G 159 29.91 5.27 20.70
C LEU G 159 28.74 5.20 21.68
N SER G 160 27.81 6.14 21.56
CA SER G 160 26.94 6.44 22.67
C SER G 160 25.88 7.39 22.15
N ARG G 161 24.64 6.89 22.06
CA ARG G 161 23.49 7.68 21.66
C ARG G 161 23.39 8.91 22.55
N SER G 162 23.55 10.12 21.99
CA SER G 162 23.65 11.30 22.84
C SER G 162 22.25 11.75 23.30
N HIS G 163 22.20 12.23 24.54
CA HIS G 163 21.01 12.24 25.39
C HIS G 163 20.28 13.56 25.15
N HIS G 164 18.97 13.60 25.44
CA HIS G 164 18.19 14.81 25.21
C HIS G 164 18.49 15.87 26.28
N HIS G 165 18.07 15.64 27.53
CA HIS G 165 18.35 16.54 28.65
C HIS G 165 19.44 15.94 29.55
N HIS G 166 20.28 16.80 30.17
CA HIS G 166 21.44 16.38 30.96
C HIS G 166 21.30 16.77 32.43
N HIS G 167 21.73 15.87 33.34
CA HIS G 167 21.71 16.16 34.78
C HIS G 167 22.95 16.96 35.15
N HIS G 168 22.96 17.55 36.34
CA HIS G 168 24.05 18.45 36.75
C HIS G 168 24.70 17.92 38.04
N SER H 22 -20.40 -31.12 -8.65
CA SER H 22 -18.98 -31.45 -8.38
C SER H 22 -18.06 -31.00 -9.52
N SER H 23 -18.57 -30.17 -10.44
CA SER H 23 -17.69 -29.48 -11.37
C SER H 23 -17.05 -28.28 -10.65
N LEU H 24 -17.84 -27.57 -9.83
CA LEU H 24 -17.33 -26.59 -8.89
C LEU H 24 -16.42 -27.26 -7.86
N GLN H 25 -16.84 -28.42 -7.35
CA GLN H 25 -16.07 -29.11 -6.35
C GLN H 25 -14.69 -29.43 -6.91
N ALA H 26 -14.60 -29.68 -8.22
CA ALA H 26 -13.32 -30.05 -8.83
C ALA H 26 -12.41 -28.84 -8.88
N SER H 27 -13.00 -27.69 -9.26
CA SER H 27 -12.34 -26.39 -9.20
C SER H 27 -11.84 -26.09 -7.80
N GLN H 28 -12.65 -26.43 -6.79
CA GLN H 28 -12.29 -26.12 -5.42
C GLN H 28 -11.21 -27.07 -4.93
N ASP H 29 -11.16 -28.29 -5.49
CA ASP H 29 -10.17 -29.27 -5.06
C ASP H 29 -8.81 -28.88 -5.63
N GLU H 30 -8.84 -28.41 -6.87
CA GLU H 30 -7.70 -27.93 -7.62
C GLU H 30 -7.07 -26.73 -6.92
N PHE H 31 -7.88 -25.70 -6.69
CA PHE H 31 -7.42 -24.50 -6.03
C PHE H 31 -6.88 -24.85 -4.65
N GLU H 32 -7.47 -25.80 -3.96
CA GLU H 32 -6.89 -26.13 -2.67
C GLU H 32 -5.50 -26.74 -2.90
N ASN H 33 -5.35 -27.57 -3.93
CA ASN H 33 -4.08 -28.24 -4.19
C ASN H 33 -2.98 -27.23 -4.49
N LEU H 34 -3.29 -26.24 -5.33
CA LEU H 34 -2.27 -25.32 -5.81
C LEU H 34 -1.88 -24.27 -4.76
N VAL H 35 -2.74 -23.86 -3.84
CA VAL H 35 -2.34 -22.79 -2.93
C VAL H 35 -1.58 -23.38 -1.76
N ARG H 36 -1.94 -24.60 -1.35
CA ARG H 36 -1.38 -25.22 -0.16
C ARG H 36 0.09 -25.59 -0.43
N ASN H 37 0.98 -25.13 0.46
CA ASN H 37 2.40 -25.44 0.40
C ASN H 37 2.73 -26.29 1.60
N VAL H 38 2.07 -27.44 1.68
CA VAL H 38 2.08 -28.24 2.90
C VAL H 38 3.52 -28.66 3.25
N ASP H 39 3.88 -28.57 4.54
CA ASP H 39 5.15 -29.10 5.03
C ASP H 39 4.98 -30.58 5.38
N VAL H 40 5.38 -31.49 4.48
CA VAL H 40 5.02 -32.89 4.60
C VAL H 40 5.62 -33.49 5.88
N LYS H 41 6.93 -33.35 6.07
CA LYS H 41 7.57 -33.94 7.24
C LYS H 41 6.90 -33.43 8.51
N SER H 42 6.76 -32.11 8.66
CA SER H 42 6.21 -31.53 9.86
C SER H 42 4.81 -32.09 10.18
N ARG H 43 3.93 -32.18 9.16
CA ARG H 43 2.56 -32.65 9.37
C ARG H 43 2.57 -34.11 9.80
N ILE H 44 3.47 -34.91 9.23
CA ILE H 44 3.63 -36.30 9.62
C ILE H 44 4.06 -36.37 11.07
N MET H 45 5.02 -35.53 11.48
CA MET H 45 5.57 -35.62 12.84
C MET H 45 4.58 -35.06 13.85
N ASP H 46 3.57 -34.31 13.38
CA ASP H 46 2.45 -33.88 14.20
C ASP H 46 1.55 -35.06 14.58
N GLN H 47 1.31 -35.94 13.60
CA GLN H 47 0.60 -37.18 13.85
C GLN H 47 1.42 -38.03 14.80
N TYR H 48 2.74 -38.12 14.55
CA TYR H 48 3.59 -39.00 15.34
C TYR H 48 3.54 -38.56 16.81
N ALA H 49 3.84 -37.28 17.06
CA ALA H 49 3.80 -36.70 18.39
C ALA H 49 2.53 -37.12 19.13
N ASP H 50 1.39 -36.97 18.46
CA ASP H 50 0.07 -37.27 18.98
C ASP H 50 -0.12 -38.79 19.19
N TRP H 51 0.44 -39.63 18.30
CA TRP H 51 0.13 -41.06 18.23
C TRP H 51 1.27 -41.95 18.75
N LYS H 52 2.42 -41.35 19.10
CA LYS H 52 3.61 -42.04 19.59
C LYS H 52 3.26 -43.06 20.66
N GLY H 53 3.67 -44.32 20.47
CA GLY H 53 3.55 -45.38 21.46
C GLY H 53 2.14 -45.96 21.62
N VAL H 54 1.16 -45.50 20.81
CA VAL H 54 -0.15 -46.12 20.77
C VAL H 54 0.04 -47.58 20.37
N ARG H 55 -0.64 -48.49 21.07
CA ARG H 55 -0.34 -49.91 20.94
C ARG H 55 -0.99 -50.47 19.67
N TYR H 56 -0.48 -51.64 19.23
CA TYR H 56 -0.96 -52.34 18.07
C TYR H 56 -2.31 -53.00 18.40
N ARG H 57 -3.22 -52.95 17.42
CA ARG H 57 -4.43 -53.74 17.43
C ARG H 57 -4.92 -53.89 16.01
N LEU H 58 -4.86 -55.13 15.52
CA LEU H 58 -5.34 -55.50 14.20
C LEU H 58 -6.76 -54.99 14.02
N GLY H 59 -6.94 -54.08 13.06
CA GLY H 59 -8.28 -53.66 12.66
C GLY H 59 -8.72 -52.36 13.32
N GLY H 60 -8.03 -51.98 14.41
CA GLY H 60 -8.39 -50.80 15.17
C GLY H 60 -7.99 -49.53 14.42
N SER H 61 -8.68 -48.41 14.76
CA SER H 61 -8.44 -47.12 14.12
C SER H 61 -8.36 -45.97 15.13
N THR H 62 -8.09 -46.29 16.41
CA THR H 62 -8.17 -45.31 17.48
C THR H 62 -6.89 -45.32 18.33
N LYS H 63 -6.90 -44.53 19.39
CA LYS H 63 -5.76 -44.37 20.28
C LYS H 63 -5.60 -45.57 21.20
N LYS H 64 -6.64 -46.40 21.34
CA LYS H 64 -6.60 -47.60 22.17
C LYS H 64 -5.90 -48.73 21.43
N GLY H 65 -5.82 -48.62 20.11
CA GLY H 65 -4.95 -49.47 19.32
C GLY H 65 -5.23 -49.35 17.83
N ILE H 66 -4.17 -49.51 17.05
CA ILE H 66 -4.18 -49.30 15.60
C ILE H 66 -3.09 -50.14 14.94
N ASP H 67 -3.39 -50.58 13.71
CA ASP H 67 -2.44 -51.34 12.92
C ASP H 67 -1.80 -50.38 11.92
N CYS H 68 -0.92 -50.92 11.07
CA CYS H 68 0.06 -50.14 10.34
C CYS H 68 -0.62 -49.37 9.21
N SER H 69 -1.67 -49.98 8.63
CA SER H 69 -2.45 -49.44 7.52
C SER H 69 -3.63 -48.58 8.01
N GLY H 70 -4.13 -48.83 9.22
CA GLY H 70 -5.02 -47.91 9.86
C GLY H 70 -4.32 -46.59 10.18
N PHE H 71 -3.07 -46.71 10.61
CA PHE H 71 -2.27 -45.55 10.94
C PHE H 71 -1.97 -44.74 9.68
N VAL H 72 -1.63 -45.44 8.59
CA VAL H 72 -1.33 -44.78 7.34
C VAL H 72 -2.60 -44.10 6.82
N GLN H 73 -3.72 -44.83 6.85
CA GLN H 73 -4.96 -44.28 6.35
C GLN H 73 -5.25 -42.99 7.08
N ARG H 74 -5.12 -43.02 8.41
CA ARG H 74 -5.63 -41.96 9.25
C ARG H 74 -4.71 -40.75 9.19
N THR H 75 -3.39 -40.99 9.08
CA THR H 75 -2.42 -39.91 8.92
C THR H 75 -2.71 -39.11 7.65
N PHE H 76 -2.94 -39.80 6.54
CA PHE H 76 -3.07 -39.08 5.27
C PHE H 76 -4.42 -38.36 5.17
N ARG H 77 -5.44 -38.91 5.83
CA ARG H 77 -6.73 -38.22 5.96
C ARG H 77 -6.52 -36.89 6.70
N GLU H 78 -5.93 -36.98 7.89
CA GLU H 78 -5.97 -35.89 8.85
C GLU H 78 -4.89 -34.85 8.56
N GLN H 79 -3.84 -35.21 7.85
CA GLN H 79 -2.77 -34.26 7.58
C GLN H 79 -2.91 -33.66 6.18
N PHE H 80 -3.40 -34.45 5.22
CA PHE H 80 -3.31 -34.09 3.81
C PHE H 80 -4.68 -34.08 3.11
N GLY H 81 -5.75 -34.41 3.86
CA GLY H 81 -7.07 -34.62 3.28
C GLY H 81 -7.11 -35.73 2.24
N LEU H 82 -6.16 -36.66 2.30
CA LEU H 82 -6.03 -37.65 1.23
C LEU H 82 -6.67 -38.96 1.66
N GLU H 83 -7.57 -39.47 0.81
CA GLU H 83 -8.39 -40.65 1.09
C GLU H 83 -7.68 -41.90 0.61
N LEU H 84 -7.08 -42.65 1.54
CA LEU H 84 -6.47 -43.94 1.21
C LEU H 84 -7.44 -45.06 1.55
N PRO H 85 -7.37 -46.21 0.83
CA PRO H 85 -8.14 -47.38 1.23
C PRO H 85 -7.55 -47.98 2.51
N ARG H 86 -8.39 -48.80 3.16
CA ARG H 86 -8.07 -49.41 4.44
C ARG H 86 -7.10 -50.59 4.27
N SER H 87 -7.32 -51.45 3.27
CA SER H 87 -6.52 -52.66 3.21
C SER H 87 -5.14 -52.33 2.67
N THR H 88 -4.12 -53.06 3.13
CA THR H 88 -2.76 -52.83 2.70
C THR H 88 -2.53 -53.31 1.27
N TYR H 89 -3.25 -54.35 0.88
CA TYR H 89 -3.23 -54.80 -0.50
C TYR H 89 -3.54 -53.59 -1.40
N GLU H 90 -4.57 -52.81 -1.05
CA GLU H 90 -5.07 -51.75 -1.90
C GLU H 90 -4.16 -50.53 -1.80
N GLN H 91 -3.60 -50.33 -0.61
CA GLN H 91 -2.69 -49.23 -0.34
C GLN H 91 -1.43 -49.39 -1.19
N GLN H 92 -1.02 -50.62 -1.46
CA GLN H 92 0.18 -50.84 -2.23
C GLN H 92 -0.09 -50.68 -3.72
N GLU H 93 -1.36 -50.48 -4.12
CA GLU H 93 -1.68 -50.13 -5.49
C GLU H 93 -2.07 -48.66 -5.65
N MET H 94 -2.00 -47.87 -4.58
CA MET H 94 -2.27 -46.44 -4.68
C MET H 94 -1.05 -45.75 -5.28
N GLY H 95 -1.30 -44.67 -6.04
CA GLY H 95 -0.28 -43.73 -6.49
C GLY H 95 0.68 -44.37 -7.49
N LYS H 96 1.97 -43.98 -7.45
CA LYS H 96 3.00 -44.44 -8.37
C LYS H 96 4.14 -45.08 -7.58
N SER H 97 4.79 -46.10 -8.16
CA SER H 97 5.88 -46.79 -7.49
C SER H 97 7.14 -45.93 -7.57
N VAL H 98 8.06 -46.13 -6.63
CA VAL H 98 9.17 -45.23 -6.37
C VAL H 98 10.42 -46.05 -6.02
N SER H 99 11.53 -45.80 -6.75
CA SER H 99 12.79 -46.47 -6.48
C SER H 99 13.40 -45.94 -5.18
N ARG H 100 14.22 -46.77 -4.50
CA ARG H 100 14.76 -46.43 -3.20
C ARG H 100 15.56 -45.12 -3.27
N SER H 101 16.33 -44.93 -4.36
CA SER H 101 17.10 -43.71 -4.52
C SER H 101 16.22 -42.47 -4.75
N ASN H 102 14.90 -42.65 -4.95
CA ASN H 102 13.97 -41.56 -5.23
C ASN H 102 12.93 -41.41 -4.13
N LEU H 103 13.19 -42.05 -3.00
CA LEU H 103 12.28 -41.97 -1.87
C LEU H 103 12.18 -40.52 -1.40
N ARG H 104 11.00 -40.13 -0.95
CA ARG H 104 10.72 -38.76 -0.58
C ARG H 104 9.81 -38.78 0.64
N THR H 105 9.99 -37.84 1.57
CA THR H 105 9.15 -37.78 2.76
C THR H 105 7.68 -37.83 2.35
N GLY H 106 6.90 -38.73 2.98
CA GLY H 106 5.48 -38.88 2.72
C GLY H 106 5.16 -40.06 1.81
N ASP H 107 6.21 -40.72 1.31
CA ASP H 107 6.03 -41.92 0.52
C ASP H 107 5.77 -43.09 1.45
N LEU H 108 4.96 -44.04 0.97
CA LEU H 108 4.64 -45.26 1.68
C LEU H 108 5.76 -46.26 1.40
N VAL H 109 6.41 -46.76 2.46
CA VAL H 109 7.38 -47.84 2.35
C VAL H 109 6.70 -49.17 2.69
N LEU H 110 6.89 -50.18 1.84
CA LEU H 110 6.26 -51.49 2.02
C LEU H 110 7.32 -52.54 2.34
N PHE H 111 6.92 -53.53 3.14
CA PHE H 111 7.84 -54.58 3.58
C PHE H 111 7.11 -55.91 3.58
N ARG H 112 7.87 -57.01 3.48
CA ARG H 112 7.34 -58.35 3.66
C ARG H 112 7.34 -58.71 5.15
N ALA H 113 6.23 -58.43 5.86
CA ALA H 113 6.08 -58.81 7.27
C ALA H 113 4.61 -58.74 7.75
N GLY H 114 4.17 -59.79 8.47
CA GLY H 114 2.85 -59.82 9.09
C GLY H 114 2.20 -61.18 8.94
N SER H 115 0.86 -61.18 8.97
CA SER H 115 0.08 -62.38 8.71
C SER H 115 -0.48 -62.38 7.27
N THR H 116 -0.03 -61.40 6.45
CA THR H 116 -0.07 -61.52 4.99
C THR H 116 1.25 -61.00 4.41
N GLY H 117 2.34 -61.12 5.17
CA GLY H 117 3.66 -60.64 4.75
C GLY H 117 3.61 -59.30 4.00
N ARG H 118 2.78 -58.34 4.47
CA ARG H 118 2.63 -57.00 3.89
C ARG H 118 2.51 -55.94 4.98
N HIS H 119 3.51 -55.06 5.13
CA HIS H 119 3.60 -54.10 6.21
C HIS H 119 3.96 -52.74 5.64
N VAL H 120 3.42 -51.67 6.24
CA VAL H 120 3.46 -50.36 5.58
C VAL H 120 3.80 -49.25 6.58
N GLY H 121 4.65 -48.32 6.16
CA GLY H 121 4.97 -47.16 6.97
C GLY H 121 5.18 -45.95 6.07
N ILE H 122 5.57 -44.83 6.68
CA ILE H 122 5.71 -43.58 5.95
C ILE H 122 7.15 -43.11 6.07
N TYR H 123 7.82 -42.92 4.91
CA TYR H 123 9.19 -42.44 4.89
C TYR H 123 9.22 -41.00 5.38
N ILE H 124 10.22 -40.65 6.21
CA ILE H 124 10.33 -39.31 6.76
C ILE H 124 11.76 -38.76 6.66
N GLY H 125 12.59 -39.34 5.78
CA GLY H 125 13.93 -38.85 5.54
C GLY H 125 14.95 -39.44 6.52
N ASN H 126 16.21 -39.49 6.07
CA ASN H 126 17.35 -39.97 6.83
C ASN H 126 17.32 -41.50 6.97
N ASN H 127 16.68 -42.19 6.02
CA ASN H 127 16.39 -43.62 6.15
C ASN H 127 15.54 -43.90 7.38
N GLN H 128 14.51 -43.08 7.63
CA GLN H 128 13.63 -43.32 8.76
C GLN H 128 12.19 -43.43 8.24
N PHE H 129 11.39 -44.29 8.90
CA PHE H 129 9.96 -44.40 8.61
C PHE H 129 9.20 -44.54 9.91
N VAL H 130 7.98 -44.00 9.94
CA VAL H 130 7.09 -44.10 11.09
C VAL H 130 6.06 -45.14 10.70
N HIS H 131 5.53 -45.87 11.68
CA HIS H 131 4.66 -47.00 11.39
C HIS H 131 4.12 -47.56 12.70
N ALA H 132 3.02 -48.31 12.62
CA ALA H 132 2.51 -49.01 13.78
C ALA H 132 3.09 -50.44 13.82
N SER H 133 3.98 -50.70 14.78
CA SER H 133 4.70 -51.97 14.84
C SER H 133 3.93 -52.88 15.77
N THR H 134 4.05 -54.21 15.55
CA THR H 134 3.29 -55.16 16.33
C THR H 134 3.82 -55.15 17.75
N SER H 135 5.13 -54.94 17.90
CA SER H 135 5.79 -55.20 19.17
C SER H 135 5.92 -53.93 20.01
N SER H 136 5.75 -52.74 19.39
CA SER H 136 6.06 -51.50 20.09
C SER H 136 5.06 -50.37 19.83
N GLY H 137 3.98 -50.64 19.09
CA GLY H 137 3.03 -49.59 18.74
C GLY H 137 3.60 -48.62 17.70
N VAL H 138 3.09 -47.38 17.66
CA VAL H 138 3.55 -46.37 16.71
C VAL H 138 4.95 -45.89 17.14
N ILE H 139 5.91 -46.01 16.22
CA ILE H 139 7.33 -45.94 16.54
C ILE H 139 8.05 -45.50 15.26
N ILE H 140 9.23 -44.91 15.41
CA ILE H 140 10.07 -44.55 14.28
C ILE H 140 11.20 -45.57 14.21
N SER H 141 11.47 -46.05 13.00
CA SER H 141 12.48 -47.08 12.79
C SER H 141 13.43 -46.62 11.70
N SER H 142 14.63 -47.22 11.73
CA SER H 142 15.58 -47.06 10.65
C SER H 142 15.27 -48.08 9.56
N MET H 143 15.44 -47.66 8.30
CA MET H 143 15.41 -48.55 7.14
C MET H 143 16.65 -49.43 7.12
N ASN H 144 17.67 -49.04 7.91
CA ASN H 144 18.93 -49.78 8.01
C ASN H 144 18.99 -50.54 9.33
N GLU H 145 17.86 -50.69 10.06
CA GLU H 145 17.73 -51.80 11.00
C GLU H 145 17.84 -53.05 10.14
N PRO H 146 18.76 -54.00 10.44
CA PRO H 146 18.92 -55.19 9.59
C PRO H 146 17.58 -55.91 9.34
N TYR H 147 16.68 -55.90 10.34
CA TYR H 147 15.37 -56.52 10.21
C TYR H 147 14.59 -55.98 9.02
N TRP H 148 14.43 -54.64 8.92
CA TRP H 148 13.60 -53.99 7.91
C TRP H 148 14.30 -53.97 6.55
N LYS H 149 15.64 -53.93 6.55
CA LYS H 149 16.43 -53.74 5.35
C LYS H 149 16.16 -54.87 4.35
N LYS H 150 16.13 -56.11 4.83
CA LYS H 150 15.99 -57.26 3.94
C LYS H 150 14.51 -57.54 3.65
N ARG H 151 13.61 -56.91 4.43
CA ARG H 151 12.18 -57.04 4.20
C ARG H 151 11.64 -55.92 3.31
N TYR H 152 12.41 -54.84 3.12
CA TYR H 152 11.99 -53.77 2.22
C TYR H 152 11.76 -54.37 0.84
N ASN H 153 10.73 -53.85 0.18
CA ASN H 153 10.03 -54.56 -0.89
C ASN H 153 9.65 -53.55 -1.98
N GLU H 154 8.97 -52.48 -1.58
CA GLU H 154 8.50 -51.48 -2.53
C GLU H 154 8.13 -50.20 -1.78
N ALA H 155 8.11 -49.07 -2.51
CA ALA H 155 7.54 -47.83 -2.01
C ALA H 155 6.52 -47.30 -3.02
N ARG H 156 5.59 -46.48 -2.54
CA ARG H 156 4.60 -45.81 -3.37
C ARG H 156 4.52 -44.34 -3.01
N ARG H 157 4.41 -43.50 -4.05
CA ARG H 157 4.18 -42.07 -3.87
C ARG H 157 2.69 -41.78 -4.03
N VAL H 158 2.07 -41.23 -3.00
CA VAL H 158 0.64 -41.00 -3.04
C VAL H 158 0.32 -39.51 -2.99
N LEU H 159 1.33 -38.65 -2.72
CA LEU H 159 1.15 -37.21 -2.70
C LEU H 159 1.72 -36.60 -3.98
N SER H 160 0.86 -36.36 -4.97
CA SER H 160 1.31 -35.73 -6.22
C SER H 160 0.32 -34.66 -6.66
N ARG H 161 0.88 -33.70 -7.39
CA ARG H 161 0.17 -32.63 -8.04
C ARG H 161 -0.44 -33.17 -9.35
N SER H 162 -1.75 -33.01 -9.53
CA SER H 162 -2.37 -33.30 -10.82
C SER H 162 -1.99 -32.24 -11.87
N HIS H 163 -2.03 -32.62 -13.15
CA HIS H 163 -1.84 -31.70 -14.27
C HIS H 163 -2.95 -31.91 -15.28
N HIS H 164 -3.29 -30.86 -16.05
CA HIS H 164 -4.53 -30.85 -16.83
C HIS H 164 -4.43 -31.91 -17.93
N HIS H 165 -3.33 -31.87 -18.70
CA HIS H 165 -3.20 -32.66 -19.91
C HIS H 165 -2.47 -33.99 -19.65
N HIS H 166 -2.81 -35.02 -20.44
CA HIS H 166 -2.33 -36.38 -20.22
C HIS H 166 -1.88 -37.02 -21.53
N HIS H 167 -0.79 -37.79 -21.44
CA HIS H 167 -0.26 -38.52 -22.58
C HIS H 167 -1.08 -39.79 -22.77
N HIS H 168 -1.05 -40.36 -23.97
CA HIS H 168 -1.77 -41.59 -24.27
C HIS H 168 -0.84 -42.57 -25.02
N THR I 21 6.71 28.77 20.32
CA THR I 21 6.95 30.24 20.44
C THR I 21 8.33 30.59 19.88
N SER I 22 9.29 29.64 19.88
CA SER I 22 10.56 29.79 19.18
C SER I 22 10.95 28.49 18.49
N SER I 23 9.95 27.61 18.31
CA SER I 23 9.85 26.79 17.12
C SER I 23 8.94 27.50 16.11
N LEU I 24 8.23 28.53 16.59
CA LEU I 24 7.37 29.37 15.76
C LEU I 24 8.16 30.56 15.24
N GLN I 25 9.42 30.69 15.68
CA GLN I 25 10.28 31.78 15.22
C GLN I 25 10.70 31.43 13.80
N ALA I 26 10.90 30.14 13.54
CA ALA I 26 10.96 29.60 12.19
C ALA I 26 9.56 29.64 11.58
N SER I 27 9.47 30.19 10.35
CA SER I 27 8.26 30.21 9.54
C SER I 27 7.87 28.80 9.11
N GLN I 28 6.62 28.63 8.64
CA GLN I 28 6.15 27.34 8.13
C GLN I 28 7.05 26.88 6.97
N ASP I 29 7.62 27.82 6.21
CA ASP I 29 8.47 27.47 5.08
C ASP I 29 9.83 26.96 5.54
N GLU I 30 10.42 27.66 6.50
CA GLU I 30 11.67 27.22 7.04
C GLU I 30 11.46 25.81 7.61
N PHE I 31 10.34 25.58 8.28
CA PHE I 31 9.99 24.28 8.84
C PHE I 31 9.90 23.22 7.73
N GLU I 32 9.10 23.52 6.70
CA GLU I 32 8.96 22.68 5.52
C GLU I 32 10.33 22.23 5.04
N ASN I 33 11.33 23.11 5.00
CA ASN I 33 12.56 22.69 4.34
C ASN I 33 13.55 22.11 5.34
N LEU I 34 13.38 22.38 6.64
CA LEU I 34 14.10 21.63 7.66
C LEU I 34 13.68 20.15 7.62
N VAL I 35 12.38 19.87 7.46
CA VAL I 35 11.89 18.51 7.39
C VAL I 35 12.45 17.84 6.13
N ARG I 36 12.53 18.60 5.04
CA ARG I 36 12.99 18.04 3.78
C ARG I 36 14.48 17.70 3.89
N ASN I 37 15.25 18.50 4.64
CA ASN I 37 16.70 18.45 4.54
C ASN I 37 17.34 17.82 5.78
N VAL I 38 16.56 17.48 6.81
CA VAL I 38 17.14 16.97 8.06
C VAL I 38 17.77 15.60 7.82
N ASP I 39 17.27 14.82 6.84
CA ASP I 39 17.75 13.45 6.64
C ASP I 39 18.88 13.38 5.60
N VAL I 40 19.42 14.54 5.18
CA VAL I 40 20.33 14.56 4.04
C VAL I 40 21.66 13.90 4.41
N LYS I 41 22.15 14.08 5.64
CA LYS I 41 23.37 13.40 6.05
C LYS I 41 23.16 11.89 6.16
N SER I 42 21.98 11.46 6.61
CA SER I 42 21.71 10.03 6.77
C SER I 42 21.58 9.36 5.40
N ARG I 43 21.22 10.14 4.37
CA ARG I 43 21.08 9.61 3.03
C ARG I 43 22.46 9.42 2.41
N ILE I 44 23.38 10.32 2.70
CA ILE I 44 24.73 10.22 2.16
C ILE I 44 25.42 9.03 2.82
N MET I 45 25.14 8.85 4.11
CA MET I 45 25.72 7.77 4.89
C MET I 45 25.09 6.42 4.54
N ASP I 46 23.82 6.41 4.12
CA ASP I 46 23.21 5.22 3.54
C ASP I 46 24.02 4.77 2.32
N GLN I 47 24.43 5.71 1.46
CA GLN I 47 25.27 5.44 0.30
C GLN I 47 26.63 4.91 0.79
N TYR I 48 27.19 5.54 1.81
CA TYR I 48 28.46 5.08 2.37
C TYR I 48 28.38 3.67 2.95
N ALA I 49 27.26 3.28 3.56
CA ALA I 49 27.12 1.95 4.13
C ALA I 49 27.39 0.86 3.09
N ASP I 50 26.95 1.12 1.85
CA ASP I 50 26.95 0.15 0.77
C ASP I 50 28.20 0.28 -0.12
N TRP I 51 28.81 1.47 -0.16
CA TRP I 51 29.93 1.72 -1.06
C TRP I 51 31.27 1.80 -0.31
N LYS I 52 31.25 1.65 1.02
CA LYS I 52 32.42 1.78 1.87
C LYS I 52 33.43 0.69 1.51
N GLY I 53 34.64 1.12 1.13
CA GLY I 53 35.78 0.24 0.85
C GLY I 53 35.92 -0.12 -0.63
N VAL I 54 35.03 0.39 -1.47
CA VAL I 54 35.09 0.16 -2.91
C VAL I 54 36.34 0.85 -3.46
N ARG I 55 37.10 0.10 -4.27
CA ARG I 55 38.40 0.50 -4.78
C ARG I 55 38.28 1.74 -5.67
N TYR I 56 39.38 2.52 -5.78
CA TYR I 56 39.55 3.51 -6.83
C TYR I 56 39.87 2.81 -8.15
N ARG I 57 39.15 3.16 -9.21
CA ARG I 57 39.55 2.79 -10.56
C ARG I 57 39.11 3.97 -11.43
N LEU I 58 40.08 4.56 -12.15
CA LEU I 58 39.85 5.76 -12.94
C LEU I 58 38.92 5.40 -14.10
N GLY I 59 37.81 6.14 -14.23
CA GLY I 59 36.84 5.96 -15.31
C GLY I 59 35.73 4.97 -14.97
N GLY I 60 35.71 4.50 -13.71
CA GLY I 60 34.83 3.41 -13.29
C GLY I 60 33.59 3.96 -12.57
N SER I 61 32.53 3.14 -12.52
CA SER I 61 31.24 3.58 -12.01
C SER I 61 30.51 2.48 -11.22
N THR I 62 31.21 1.40 -10.83
CA THR I 62 30.56 0.26 -10.20
C THR I 62 31.27 -0.11 -8.91
N LYS I 63 30.76 -1.13 -8.22
CA LYS I 63 31.34 -1.55 -6.96
C LYS I 63 32.56 -2.43 -7.22
N LYS I 64 32.84 -2.68 -8.52
CA LYS I 64 34.10 -3.22 -9.02
C LYS I 64 35.23 -2.21 -8.79
N GLY I 65 34.89 -0.92 -8.95
CA GLY I 65 35.79 0.20 -8.72
C GLY I 65 35.23 1.50 -9.31
N ILE I 66 35.48 2.62 -8.64
CA ILE I 66 34.86 3.90 -8.97
C ILE I 66 35.84 5.06 -8.72
N ASP I 67 35.71 6.13 -9.50
CA ASP I 67 36.48 7.36 -9.29
C ASP I 67 35.67 8.35 -8.44
N CYS I 68 36.31 9.48 -8.07
CA CYS I 68 35.73 10.44 -7.15
C CYS I 68 34.42 11.04 -7.71
N SER I 69 34.43 11.34 -9.02
CA SER I 69 33.31 12.00 -9.70
C SER I 69 32.12 11.05 -9.91
N GLY I 70 32.42 9.79 -10.25
CA GLY I 70 31.41 8.76 -10.38
C GLY I 70 30.72 8.46 -9.04
N PHE I 71 31.51 8.38 -7.96
CA PHE I 71 30.92 8.17 -6.65
C PHE I 71 29.98 9.32 -6.29
N VAL I 72 30.41 10.54 -6.64
CA VAL I 72 29.63 11.73 -6.35
C VAL I 72 28.36 11.75 -7.21
N GLN I 73 28.53 11.49 -8.50
CA GLN I 73 27.41 11.46 -9.44
C GLN I 73 26.34 10.46 -9.00
N ARG I 74 26.77 9.25 -8.55
CA ARG I 74 25.87 8.16 -8.21
C ARG I 74 25.15 8.46 -6.91
N THR I 75 25.84 9.13 -6.00
CA THR I 75 25.27 9.43 -4.71
C THR I 75 24.09 10.39 -4.89
N PHE I 76 24.28 11.42 -5.72
CA PHE I 76 23.25 12.44 -5.88
C PHE I 76 22.07 11.86 -6.65
N ARG I 77 22.36 10.93 -7.56
CA ARG I 77 21.30 10.29 -8.35
C ARG I 77 20.43 9.44 -7.43
N GLU I 78 21.03 8.46 -6.74
CA GLU I 78 20.31 7.48 -5.94
C GLU I 78 19.65 8.11 -4.71
N GLN I 79 20.35 9.00 -4.00
CA GLN I 79 19.83 9.48 -2.74
C GLN I 79 18.77 10.56 -2.95
N PHE I 80 18.95 11.42 -3.97
CA PHE I 80 18.16 12.63 -4.10
C PHE I 80 17.52 12.81 -5.49
N GLY I 81 17.86 11.99 -6.47
CA GLY I 81 17.33 12.12 -7.81
C GLY I 81 17.99 13.23 -8.62
N LEU I 82 19.22 13.63 -8.24
CA LEU I 82 19.92 14.77 -8.81
C LEU I 82 20.94 14.34 -9.87
N GLU I 83 20.65 14.70 -11.12
CA GLU I 83 21.56 14.44 -12.22
C GLU I 83 22.74 15.41 -12.14
N LEU I 84 23.95 14.85 -12.08
CA LEU I 84 25.17 15.63 -12.21
C LEU I 84 26.00 15.10 -13.38
N PRO I 85 26.90 15.95 -13.95
CA PRO I 85 27.83 15.53 -14.99
C PRO I 85 28.81 14.46 -14.50
N ARG I 86 29.45 13.78 -15.44
CA ARG I 86 30.37 12.69 -15.14
C ARG I 86 31.70 13.22 -14.60
N SER I 87 32.38 14.09 -15.36
CA SER I 87 33.73 14.54 -15.04
C SER I 87 33.72 15.53 -13.88
N THR I 88 34.85 15.57 -13.18
CA THR I 88 35.09 16.47 -12.07
C THR I 88 35.08 17.92 -12.58
N TYR I 89 35.58 18.11 -13.80
CA TYR I 89 35.68 19.42 -14.43
C TYR I 89 34.29 20.02 -14.72
N GLU I 90 33.28 19.19 -14.97
CA GLU I 90 31.95 19.68 -15.27
C GLU I 90 31.16 19.88 -13.98
N GLN I 91 31.48 19.06 -12.97
CA GLN I 91 30.79 19.08 -11.70
C GLN I 91 31.11 20.38 -10.97
N GLN I 92 32.38 20.78 -10.93
CA GLN I 92 32.77 21.96 -10.18
C GLN I 92 32.18 23.23 -10.79
N GLU I 93 31.67 23.13 -12.02
CA GLU I 93 31.01 24.23 -12.70
C GLU I 93 29.51 24.26 -12.39
N MET I 94 29.06 23.34 -11.52
CA MET I 94 27.65 23.21 -11.20
C MET I 94 27.32 24.10 -10.01
N GLY I 95 26.04 24.44 -9.87
CA GLY I 95 25.54 25.03 -8.63
C GLY I 95 26.20 26.38 -8.36
N LYS I 96 26.54 26.62 -7.09
CA LYS I 96 26.99 27.92 -6.64
C LYS I 96 28.18 27.79 -5.70
N SER I 97 29.17 28.67 -5.89
CA SER I 97 30.38 28.73 -5.11
C SER I 97 30.06 28.98 -3.63
N VAL I 98 30.81 28.32 -2.73
CA VAL I 98 30.62 28.39 -1.28
C VAL I 98 31.97 28.60 -0.58
N SER I 99 31.99 29.53 0.38
CA SER I 99 33.21 29.79 1.12
C SER I 99 33.32 28.76 2.23
N ARG I 100 34.52 28.58 2.78
CA ARG I 100 34.83 27.50 3.69
C ARG I 100 33.90 27.49 4.92
N SER I 101 33.63 28.69 5.48
CA SER I 101 32.90 28.75 6.75
C SER I 101 31.38 28.73 6.53
N ASN I 102 30.92 28.49 5.28
CA ASN I 102 29.50 28.44 4.96
C ASN I 102 29.11 27.06 4.46
N LEU I 103 30.08 26.14 4.42
CA LEU I 103 29.88 24.74 4.03
C LEU I 103 28.71 24.12 4.78
N ARG I 104 27.98 23.27 4.06
CA ARG I 104 26.73 22.66 4.51
C ARG I 104 26.71 21.22 4.01
N THR I 105 26.03 20.30 4.72
CA THR I 105 26.07 18.90 4.29
C THR I 105 25.46 18.76 2.90
N GLY I 106 26.19 18.10 1.99
CA GLY I 106 25.79 17.93 0.60
C GLY I 106 26.65 18.73 -0.39
N ASP I 107 27.49 19.60 0.16
CA ASP I 107 28.29 20.47 -0.67
C ASP I 107 29.42 19.62 -1.27
N LEU I 108 29.66 19.80 -2.58
CA LEU I 108 30.87 19.28 -3.17
C LEU I 108 32.05 20.07 -2.60
N VAL I 109 33.15 19.36 -2.33
CA VAL I 109 34.37 19.97 -1.88
C VAL I 109 35.42 19.54 -2.90
N LEU I 110 36.17 20.54 -3.38
CA LEU I 110 37.08 20.37 -4.51
C LEU I 110 38.50 20.55 -3.99
N PHE I 111 39.38 19.60 -4.35
CA PHE I 111 40.81 19.69 -4.08
C PHE I 111 41.56 19.57 -5.40
N ARG I 112 42.81 20.04 -5.44
CA ARG I 112 43.71 19.72 -6.54
C ARG I 112 44.43 18.42 -6.19
N ALA I 113 44.16 17.34 -6.94
CA ALA I 113 44.93 16.11 -6.86
C ALA I 113 46.26 16.33 -7.59
N GLY I 114 46.21 16.38 -8.92
CA GLY I 114 47.43 16.30 -9.72
C GLY I 114 47.76 14.85 -10.09
N SER I 115 46.73 13.99 -10.03
CA SER I 115 46.73 12.68 -10.69
C SER I 115 46.08 12.83 -12.06
N THR I 116 44.90 13.49 -12.09
CA THR I 116 44.38 14.15 -13.28
C THR I 116 44.66 15.65 -13.17
N GLY I 117 44.35 16.22 -12.01
CA GLY I 117 44.53 17.65 -11.72
C GLY I 117 43.40 18.22 -10.87
N ARG I 118 42.52 17.35 -10.33
CA ARG I 118 41.24 17.76 -9.80
C ARG I 118 40.57 16.58 -9.07
N HIS I 119 40.15 16.80 -7.81
CA HIS I 119 39.58 15.76 -6.93
C HIS I 119 38.42 16.30 -6.11
N VAL I 120 37.34 15.50 -6.00
CA VAL I 120 36.05 15.96 -5.54
C VAL I 120 35.48 14.99 -4.50
N GLY I 121 34.77 15.54 -3.51
CA GLY I 121 34.10 14.76 -2.49
C GLY I 121 32.88 15.49 -1.96
N ILE I 122 32.13 14.84 -1.04
CA ILE I 122 30.90 15.38 -0.49
C ILE I 122 31.09 15.71 1.00
N TYR I 123 30.86 16.98 1.36
CA TYR I 123 30.94 17.41 2.74
C TYR I 123 29.76 16.85 3.52
N ILE I 124 30.02 16.36 4.75
CA ILE I 124 29.00 15.83 5.64
C ILE I 124 29.05 16.51 7.01
N GLY I 125 29.56 17.75 7.07
CA GLY I 125 29.61 18.52 8.30
C GLY I 125 30.80 18.10 9.16
N ASN I 126 31.08 18.91 10.21
CA ASN I 126 32.06 18.62 11.25
C ASN I 126 33.45 18.35 10.66
N ASN I 127 33.77 19.09 9.59
CA ASN I 127 35.07 19.07 8.92
C ASN I 127 35.37 17.72 8.25
N GLN I 128 34.33 16.94 7.93
CA GLN I 128 34.58 15.66 7.29
C GLN I 128 33.85 15.62 5.95
N PHE I 129 34.40 14.84 5.02
CA PHE I 129 33.77 14.58 3.74
C PHE I 129 33.92 13.10 3.35
N VAL I 130 33.00 12.63 2.50
CA VAL I 130 33.07 11.30 1.91
C VAL I 130 33.61 11.46 0.51
N HIS I 131 34.31 10.44 0.02
CA HIS I 131 34.85 10.46 -1.32
C HIS I 131 35.48 9.12 -1.66
N ALA I 132 35.65 8.88 -2.96
CA ALA I 132 36.49 7.78 -3.42
C ALA I 132 37.94 8.27 -3.50
N SER I 133 38.73 7.92 -2.46
CA SER I 133 40.13 8.32 -2.41
C SER I 133 40.97 7.39 -3.27
N THR I 134 42.05 7.96 -3.80
CA THR I 134 42.94 7.25 -4.70
C THR I 134 43.66 6.12 -3.95
N SER I 135 43.91 6.31 -2.64
CA SER I 135 44.74 5.44 -1.85
C SER I 135 43.93 4.38 -1.10
N SER I 136 42.82 4.77 -0.49
CA SER I 136 42.13 3.92 0.49
C SER I 136 40.72 3.52 0.03
N GLY I 137 40.36 3.80 -1.24
CA GLY I 137 38.99 3.58 -1.69
C GLY I 137 38.00 4.59 -1.10
N VAL I 138 36.71 4.23 -1.06
CA VAL I 138 35.64 5.11 -0.61
C VAL I 138 35.71 5.23 0.90
N ILE I 139 35.97 6.45 1.41
CA ILE I 139 36.13 6.65 2.84
C ILE I 139 35.60 8.01 3.27
N ILE I 140 35.50 8.15 4.59
CA ILE I 140 35.40 9.43 5.26
C ILE I 140 36.82 9.95 5.56
N SER I 141 36.96 11.27 5.47
CA SER I 141 38.22 11.96 5.71
C SER I 141 37.94 13.30 6.38
N SER I 142 38.99 13.90 6.96
CA SER I 142 38.91 15.22 7.56
C SER I 142 39.50 16.27 6.59
N MET I 143 38.86 17.45 6.56
CA MET I 143 39.33 18.63 5.86
C MET I 143 40.59 19.18 6.53
N ASN I 144 40.87 18.72 7.76
CA ASN I 144 42.01 19.16 8.55
C ASN I 144 43.17 18.17 8.50
N GLU I 145 43.00 17.02 7.83
CA GLU I 145 44.14 16.16 7.53
C GLU I 145 45.11 16.99 6.70
N PRO I 146 46.33 17.28 7.20
CA PRO I 146 47.28 18.13 6.49
C PRO I 146 47.22 18.00 4.96
N TYR I 147 47.16 16.76 4.46
CA TYR I 147 47.19 16.48 3.03
C TYR I 147 46.13 17.27 2.27
N TRP I 148 44.94 17.42 2.88
CA TRP I 148 43.76 17.94 2.20
C TRP I 148 43.47 19.40 2.57
N LYS I 149 44.07 19.89 3.66
CA LYS I 149 43.98 21.30 4.01
C LYS I 149 44.85 22.11 3.05
N LYS I 150 45.93 21.48 2.57
CA LYS I 150 46.90 22.09 1.68
C LYS I 150 46.36 22.20 0.25
N ARG I 151 45.49 21.26 -0.15
CA ARG I 151 45.04 21.13 -1.53
C ARG I 151 43.59 21.57 -1.72
N TYR I 152 42.91 22.03 -0.67
CA TYR I 152 41.57 22.58 -0.79
C TYR I 152 41.59 23.72 -1.81
N ASN I 153 40.45 23.92 -2.48
CA ASN I 153 40.41 24.78 -3.63
C ASN I 153 39.13 25.61 -3.58
N GLU I 154 37.98 24.92 -3.55
CA GLU I 154 36.69 25.57 -3.51
C GLU I 154 35.62 24.57 -3.06
N ALA I 155 34.38 25.07 -2.97
CA ALA I 155 33.25 24.23 -2.62
C ALA I 155 32.03 24.62 -3.47
N ARG I 156 31.19 23.65 -3.83
CA ARG I 156 30.04 23.91 -4.67
C ARG I 156 28.78 23.44 -3.96
N ARG I 157 27.79 24.33 -3.87
CA ARG I 157 26.45 23.93 -3.46
C ARG I 157 25.63 23.61 -4.69
N VAL I 158 25.37 22.31 -4.91
CA VAL I 158 24.66 21.87 -6.11
C VAL I 158 23.22 21.47 -5.79
N LEU I 159 22.88 21.32 -4.48
CA LEU I 159 21.57 20.88 -4.04
C LEU I 159 20.83 21.99 -3.30
N SER I 160 19.67 22.40 -3.83
CA SER I 160 18.89 23.48 -3.23
C SER I 160 18.02 22.91 -2.11
N ARG I 161 17.54 23.81 -1.24
CA ARG I 161 16.64 23.50 -0.12
C ARG I 161 15.47 22.61 -0.56
N SER I 162 14.93 22.80 -1.79
CA SER I 162 13.78 22.06 -2.28
C SER I 162 14.18 20.79 -3.05
N HIS I 163 15.49 20.50 -3.05
CA HIS I 163 16.12 19.33 -3.65
C HIS I 163 16.12 19.44 -5.18
N HIS I 164 16.15 20.68 -5.67
CA HIS I 164 16.37 20.96 -7.09
C HIS I 164 17.84 21.30 -7.25
N HIS I 165 18.28 21.59 -8.47
CA HIS I 165 19.59 22.17 -8.71
C HIS I 165 19.65 23.59 -8.13
N HIS I 166 20.79 23.95 -7.49
CA HIS I 166 20.96 25.26 -6.86
C HIS I 166 21.30 26.29 -7.93
N HIS I 167 20.73 27.51 -7.80
CA HIS I 167 20.86 28.57 -8.78
C HIS I 167 22.29 29.13 -8.73
N HIS I 168 22.75 29.73 -9.84
CA HIS I 168 24.12 30.20 -9.97
C HIS I 168 24.26 31.57 -9.30
N SER J 22 -16.27 3.37 29.25
CA SER J 22 -16.57 4.79 28.95
C SER J 22 -15.30 5.68 29.02
N SER J 23 -14.16 5.11 29.46
CA SER J 23 -12.88 5.60 28.98
C SER J 23 -12.86 5.52 27.46
N LEU J 24 -13.43 4.43 26.94
CA LEU J 24 -13.59 4.17 25.51
C LEU J 24 -14.69 5.04 24.91
N GLN J 25 -15.91 4.92 25.43
CA GLN J 25 -17.05 5.66 24.89
C GLN J 25 -16.83 7.18 24.86
N ALA J 26 -16.08 7.74 25.81
CA ALA J 26 -15.68 9.15 25.76
C ALA J 26 -14.88 9.44 24.50
N SER J 27 -13.80 8.67 24.28
CA SER J 27 -12.94 8.79 23.11
C SER J 27 -13.75 8.66 21.82
N GLN J 28 -14.66 7.67 21.80
CA GLN J 28 -15.54 7.42 20.66
C GLN J 28 -16.38 8.66 20.36
N ASP J 29 -16.94 9.21 21.44
CA ASP J 29 -17.75 10.43 21.41
C ASP J 29 -16.90 11.61 20.93
N GLU J 30 -15.67 11.76 21.44
CA GLU J 30 -14.75 12.80 21.00
C GLU J 30 -14.46 12.67 19.51
N PHE J 31 -14.09 11.46 19.09
CA PHE J 31 -13.65 11.19 17.73
C PHE J 31 -14.79 11.50 16.75
N GLU J 32 -16.00 10.98 17.04
CA GLU J 32 -17.18 11.32 16.25
C GLU J 32 -17.32 12.85 16.17
N ASN J 33 -17.17 13.58 17.29
CA ASN J 33 -17.30 15.03 17.25
C ASN J 33 -16.23 15.65 16.34
N LEU J 34 -14.97 15.25 16.46
CA LEU J 34 -13.97 16.00 15.74
C LEU J 34 -13.91 15.56 14.26
N VAL J 35 -14.49 14.41 13.94
CA VAL J 35 -14.39 13.87 12.58
C VAL J 35 -15.57 14.33 11.75
N ARG J 36 -16.71 14.54 12.40
CA ARG J 36 -17.93 14.99 11.73
C ARG J 36 -17.81 16.50 11.46
N ASN J 37 -18.04 16.88 10.20
CA ASN J 37 -18.12 18.29 9.85
C ASN J 37 -19.53 18.49 9.29
N VAL J 38 -20.51 18.60 10.18
CA VAL J 38 -21.91 18.48 9.81
C VAL J 38 -22.39 19.76 9.12
N ASP J 39 -23.35 19.64 8.18
CA ASP J 39 -23.95 20.80 7.53
C ASP J 39 -25.26 21.16 8.22
N VAL J 40 -25.20 22.13 9.13
CA VAL J 40 -26.27 22.42 10.09
C VAL J 40 -27.55 22.79 9.33
N LYS J 41 -27.48 23.85 8.50
CA LYS J 41 -28.65 24.34 7.81
C LYS J 41 -29.36 23.20 7.06
N SER J 42 -28.59 22.33 6.37
CA SER J 42 -29.21 21.40 5.44
C SER J 42 -29.80 20.18 6.17
N ARG J 43 -29.24 19.82 7.35
CA ARG J 43 -29.77 18.75 8.18
C ARG J 43 -31.09 19.17 8.83
N ILE J 44 -31.18 20.44 9.23
CA ILE J 44 -32.43 21.04 9.72
C ILE J 44 -33.47 21.02 8.62
N MET J 45 -33.05 21.33 7.39
CA MET J 45 -33.98 21.41 6.27
C MET J 45 -34.38 20.01 5.79
N ASP J 46 -33.59 18.97 6.12
CA ASP J 46 -34.00 17.59 5.95
C ASP J 46 -35.16 17.28 6.90
N GLN J 47 -35.01 17.70 8.15
CA GLN J 47 -36.03 17.55 9.16
C GLN J 47 -37.32 18.25 8.70
N TYR J 48 -37.22 19.55 8.38
CA TYR J 48 -38.38 20.34 7.97
C TYR J 48 -39.01 19.77 6.69
N ALA J 49 -38.20 19.20 5.78
CA ALA J 49 -38.74 18.52 4.62
C ALA J 49 -39.69 17.42 5.08
N ASP J 50 -39.20 16.61 6.03
CA ASP J 50 -39.87 15.41 6.47
C ASP J 50 -41.12 15.78 7.30
N TRP J 51 -41.09 16.92 8.00
CA TRP J 51 -42.07 17.25 9.03
C TRP J 51 -43.04 18.36 8.64
N LYS J 52 -42.75 19.12 7.56
CA LYS J 52 -43.59 20.25 7.21
C LYS J 52 -45.06 19.80 7.17
N GLY J 53 -45.94 20.67 7.70
CA GLY J 53 -47.38 20.47 7.70
C GLY J 53 -47.90 19.65 8.87
N VAL J 54 -47.02 19.09 9.71
CA VAL J 54 -47.42 18.19 10.77
C VAL J 54 -48.22 18.99 11.81
N ARG J 55 -49.40 18.47 12.18
CA ARG J 55 -50.40 19.19 12.99
C ARG J 55 -49.78 19.61 14.31
N TYR J 56 -50.33 20.64 14.94
CA TYR J 56 -50.01 20.94 16.32
C TYR J 56 -50.77 20.02 17.26
N ARG J 57 -50.07 19.48 18.28
CA ARG J 57 -50.70 18.77 19.37
C ARG J 57 -49.88 18.97 20.64
N LEU J 58 -50.44 19.66 21.64
CA LEU J 58 -49.76 19.96 22.89
C LEU J 58 -49.31 18.67 23.57
N GLY J 59 -47.98 18.58 23.76
CA GLY J 59 -47.31 17.47 24.42
C GLY J 59 -47.11 16.26 23.51
N GLY J 60 -47.39 16.43 22.21
CA GLY J 60 -47.26 15.34 21.26
C GLY J 60 -45.84 15.34 20.73
N SER J 61 -45.41 14.19 20.17
CA SER J 61 -44.08 14.12 19.60
C SER J 61 -44.00 13.13 18.45
N THR J 62 -45.05 13.08 17.63
CA THR J 62 -45.12 12.15 16.53
C THR J 62 -45.59 12.90 15.29
N LYS J 63 -45.59 12.19 14.16
CA LYS J 63 -45.94 12.81 12.89
C LYS J 63 -47.45 13.02 12.83
N LYS J 64 -48.18 12.52 13.85
CA LYS J 64 -49.64 12.70 13.93
C LYS J 64 -49.96 13.98 14.68
N GLY J 65 -49.02 14.45 15.50
CA GLY J 65 -49.10 15.77 16.09
C GLY J 65 -47.92 16.07 17.00
N ILE J 66 -47.45 17.34 16.97
CA ILE J 66 -46.28 17.80 17.71
C ILE J 66 -46.37 19.29 18.01
N ASP J 67 -45.91 19.67 19.21
CA ASP J 67 -45.82 21.07 19.64
C ASP J 67 -44.38 21.56 19.41
N CYS J 68 -44.05 22.79 19.82
CA CYS J 68 -42.93 23.51 19.21
C CYS J 68 -41.61 23.09 19.82
N SER J 69 -41.65 22.72 21.10
CA SER J 69 -40.49 22.23 21.84
C SER J 69 -40.26 20.74 21.54
N GLY J 70 -41.36 19.98 21.45
CA GLY J 70 -41.28 18.62 20.96
C GLY J 70 -40.56 18.54 19.62
N PHE J 71 -40.79 19.53 18.74
CA PHE J 71 -40.19 19.51 17.41
C PHE J 71 -38.70 19.83 17.51
N VAL J 72 -38.38 20.82 18.33
CA VAL J 72 -37.01 21.19 18.62
C VAL J 72 -36.27 19.98 19.17
N GLN J 73 -36.89 19.24 20.09
CA GLN J 73 -36.19 18.16 20.77
C GLN J 73 -35.83 17.04 19.81
N ARG J 74 -36.77 16.70 18.91
CA ARG J 74 -36.57 15.64 17.95
C ARG J 74 -35.61 16.06 16.85
N THR J 75 -35.52 17.37 16.58
CA THR J 75 -34.64 17.87 15.51
C THR J 75 -33.18 17.75 15.95
N PHE J 76 -32.89 18.31 17.12
CA PHE J 76 -31.54 18.25 17.67
C PHE J 76 -31.13 16.81 18.00
N ARG J 77 -32.06 15.95 18.44
CA ARG J 77 -31.72 14.56 18.69
C ARG J 77 -31.39 13.87 17.36
N GLU J 78 -32.33 13.86 16.41
CA GLU J 78 -32.19 13.03 15.22
C GLU J 78 -31.12 13.59 14.28
N GLN J 79 -30.97 14.93 14.23
CA GLN J 79 -30.03 15.52 13.27
C GLN J 79 -28.66 15.75 13.89
N PHE J 80 -28.55 15.89 15.22
CA PHE J 80 -27.25 16.23 15.80
C PHE J 80 -26.85 15.31 16.95
N GLY J 81 -27.70 14.35 17.34
CA GLY J 81 -27.45 13.54 18.52
C GLY J 81 -27.31 14.35 19.82
N LEU J 82 -27.70 15.63 19.81
CA LEU J 82 -27.75 16.42 21.03
C LEU J 82 -29.07 16.15 21.74
N GLU J 83 -29.02 15.96 23.06
CA GLU J 83 -30.18 15.66 23.87
C GLU J 83 -30.64 16.92 24.61
N LEU J 84 -31.78 17.47 24.20
CA LEU J 84 -32.37 18.62 24.85
C LEU J 84 -33.51 18.15 25.75
N PRO J 85 -33.78 18.88 26.86
CA PRO J 85 -34.99 18.63 27.66
C PRO J 85 -36.24 19.06 26.90
N ARG J 86 -37.40 18.61 27.38
CA ARG J 86 -38.68 18.82 26.71
C ARG J 86 -39.28 20.16 27.16
N SER J 87 -39.29 20.41 28.49
CA SER J 87 -39.75 21.68 29.04
C SER J 87 -39.11 22.84 28.27
N THR J 88 -39.94 23.78 27.83
CA THR J 88 -39.49 24.93 27.08
C THR J 88 -38.70 25.87 27.98
N TYR J 89 -38.99 25.81 29.28
CA TYR J 89 -38.28 26.58 30.27
C TYR J 89 -36.83 26.07 30.37
N GLU J 90 -36.65 24.75 30.41
CA GLU J 90 -35.33 24.16 30.51
C GLU J 90 -34.55 24.35 29.21
N GLN J 91 -35.25 24.25 28.07
CA GLN J 91 -34.62 24.37 26.77
C GLN J 91 -33.95 25.74 26.62
N GLN J 92 -34.48 26.77 27.29
CA GLN J 92 -33.97 28.13 27.16
C GLN J 92 -32.87 28.42 28.17
N GLU J 93 -32.52 27.43 29.00
CA GLU J 93 -31.33 27.55 29.83
C GLU J 93 -30.30 26.51 29.42
N MET J 94 -30.51 25.90 28.26
CA MET J 94 -29.46 25.14 27.60
C MET J 94 -28.57 26.11 26.85
N GLY J 95 -27.35 25.66 26.55
CA GLY J 95 -26.34 26.42 25.82
C GLY J 95 -25.99 27.74 26.51
N LYS J 96 -25.78 28.78 25.69
CA LYS J 96 -25.48 30.11 26.16
C LYS J 96 -26.33 31.09 25.34
N SER J 97 -26.62 32.28 25.92
CA SER J 97 -27.48 33.25 25.26
C SER J 97 -26.74 33.94 24.12
N VAL J 98 -27.52 34.40 23.14
CA VAL J 98 -27.01 35.00 21.91
C VAL J 98 -27.83 36.25 21.66
N SER J 99 -27.15 37.39 21.38
CA SER J 99 -27.84 38.62 21.01
C SER J 99 -28.34 38.51 19.56
N ARG J 100 -29.48 39.17 19.31
CA ARG J 100 -30.22 39.00 18.06
C ARG J 100 -29.35 39.40 16.86
N SER J 101 -28.42 40.34 17.07
CA SER J 101 -27.38 40.68 16.10
C SER J 101 -26.67 39.44 15.56
N ASN J 102 -26.31 38.51 16.46
CA ASN J 102 -25.23 37.56 16.24
C ASN J 102 -25.77 36.15 15.94
N LEU J 103 -27.00 36.07 15.40
CA LEU J 103 -27.70 34.81 15.16
C LEU J 103 -27.06 33.99 14.05
N ARG J 104 -26.98 32.67 14.28
CA ARG J 104 -26.34 31.74 13.37
C ARG J 104 -27.30 30.56 13.18
N THR J 105 -27.25 29.90 12.02
CA THR J 105 -28.15 28.79 11.75
C THR J 105 -28.00 27.74 12.85
N GLY J 106 -29.15 27.34 13.43
CA GLY J 106 -29.19 26.28 14.41
C GLY J 106 -29.27 26.80 15.83
N ASP J 107 -29.47 28.12 15.95
CA ASP J 107 -29.75 28.67 17.26
C ASP J 107 -31.24 28.58 17.53
N LEU J 108 -31.58 28.29 18.78
CA LEU J 108 -32.94 28.38 19.27
C LEU J 108 -33.34 29.85 19.35
N VAL J 109 -34.51 30.17 18.80
CA VAL J 109 -35.14 31.47 18.98
C VAL J 109 -36.34 31.27 19.90
N LEU J 110 -36.64 32.27 20.73
CA LEU J 110 -37.70 32.11 21.72
C LEU J 110 -38.61 33.33 21.76
N PHE J 111 -39.82 33.13 22.31
CA PHE J 111 -40.89 34.11 22.25
C PHE J 111 -41.81 33.98 23.48
N ARG J 112 -42.30 35.13 23.97
CA ARG J 112 -43.04 35.26 25.23
C ARG J 112 -44.29 34.38 25.24
N ALA J 113 -44.52 33.70 26.39
CA ALA J 113 -45.63 32.78 26.57
C ALA J 113 -46.97 33.44 26.24
N GLY J 114 -47.71 32.78 25.33
CA GLY J 114 -49.14 32.93 25.21
C GLY J 114 -49.83 31.61 25.56
N SER J 115 -51.05 31.44 25.06
CA SER J 115 -51.94 30.40 25.56
C SER J 115 -51.51 29.01 25.09
N THR J 116 -50.28 28.87 24.58
CA THR J 116 -49.73 27.54 24.39
C THR J 116 -48.30 27.48 24.95
N GLY J 117 -47.99 28.37 25.90
CA GLY J 117 -46.69 28.39 26.57
C GLY J 117 -45.71 29.32 25.87
N ARG J 118 -44.45 29.33 26.34
CA ARG J 118 -43.37 30.00 25.63
C ARG J 118 -43.26 29.38 24.24
N HIS J 119 -42.79 30.15 23.25
CA HIS J 119 -42.63 29.65 21.91
C HIS J 119 -41.14 29.53 21.62
N VAL J 120 -40.76 28.47 20.90
CA VAL J 120 -39.39 28.20 20.52
C VAL J 120 -39.38 27.66 19.10
N GLY J 121 -38.49 28.22 18.27
CA GLY J 121 -38.15 27.64 16.99
C GLY J 121 -36.63 27.58 16.78
N ILE J 122 -36.23 27.14 15.59
CA ILE J 122 -34.85 27.01 15.20
C ILE J 122 -34.55 27.96 14.04
N TYR J 123 -33.45 28.71 14.15
CA TYR J 123 -33.07 29.69 13.14
C TYR J 123 -32.47 28.96 11.94
N ILE J 124 -32.92 29.31 10.72
CA ILE J 124 -32.39 28.74 9.50
C ILE J 124 -31.76 29.83 8.62
N GLY J 125 -31.44 30.99 9.21
CA GLY J 125 -30.75 32.05 8.50
C GLY J 125 -31.68 32.83 7.57
N ASN J 126 -31.31 34.09 7.32
CA ASN J 126 -32.01 35.03 6.46
C ASN J 126 -33.28 35.55 7.13
N ASN J 127 -33.28 35.60 8.47
CA ASN J 127 -34.40 36.05 9.29
C ASN J 127 -35.57 35.07 9.15
N GLN J 128 -35.25 33.80 8.91
CA GLN J 128 -36.25 32.76 8.82
C GLN J 128 -36.01 31.73 9.93
N PHE J 129 -37.07 31.34 10.63
CA PHE J 129 -36.99 30.24 11.58
C PHE J 129 -37.99 29.17 11.16
N VAL J 130 -37.83 27.99 11.74
CA VAL J 130 -38.73 26.87 11.49
C VAL J 130 -39.23 26.42 12.85
N HIS J 131 -40.54 26.13 12.95
CA HIS J 131 -41.16 25.85 14.23
C HIS J 131 -42.47 25.11 14.01
N ALA J 132 -42.89 24.32 15.00
CA ALA J 132 -44.27 23.84 15.07
C ALA J 132 -45.14 25.01 15.51
N SER J 133 -46.16 25.34 14.71
CA SER J 133 -47.03 26.48 14.97
C SER J 133 -48.44 25.99 15.29
N THR J 134 -49.16 26.79 16.06
CA THR J 134 -50.50 26.44 16.48
C THR J 134 -51.43 26.43 15.25
N SER J 135 -51.17 27.37 14.34
CA SER J 135 -52.09 27.73 13.27
C SER J 135 -51.82 26.91 12.01
N SER J 136 -50.57 26.57 11.73
CA SER J 136 -50.25 26.00 10.43
C SER J 136 -49.49 24.67 10.51
N GLY J 137 -49.19 24.15 11.71
CA GLY J 137 -48.29 23.01 11.82
C GLY J 137 -46.82 23.44 11.69
N VAL J 138 -45.91 22.52 11.37
CA VAL J 138 -44.53 22.96 11.25
C VAL J 138 -44.38 23.65 9.89
N ILE J 139 -43.82 24.88 9.94
CA ILE J 139 -43.67 25.76 8.78
C ILE J 139 -42.46 26.64 9.05
N ILE J 140 -42.01 27.30 7.98
CA ILE J 140 -40.99 28.33 8.04
C ILE J 140 -41.68 29.69 8.16
N SER J 141 -41.17 30.54 9.05
CA SER J 141 -41.68 31.87 9.29
C SER J 141 -40.57 32.89 9.16
N SER J 142 -40.94 34.17 9.03
CA SER J 142 -40.00 35.27 9.09
C SER J 142 -40.01 35.87 10.49
N MET J 143 -38.83 36.19 11.02
CA MET J 143 -38.67 36.89 12.29
C MET J 143 -39.31 38.26 12.19
N ASN J 144 -39.46 38.74 10.94
CA ASN J 144 -39.88 40.10 10.62
C ASN J 144 -41.39 40.19 10.43
N GLU J 145 -42.08 39.03 10.38
CA GLU J 145 -43.51 38.99 10.63
C GLU J 145 -43.76 39.67 11.96
N PRO J 146 -44.69 40.65 12.04
CA PRO J 146 -44.78 41.52 13.21
C PRO J 146 -45.36 40.87 14.47
N TYR J 147 -46.08 39.74 14.31
CA TYR J 147 -46.51 38.96 15.47
C TYR J 147 -45.28 38.58 16.31
N TRP J 148 -44.17 38.32 15.60
CA TRP J 148 -43.03 37.67 16.21
C TRP J 148 -41.93 38.63 16.63
N LYS J 149 -41.96 39.87 16.10
CA LYS J 149 -41.05 40.92 16.50
C LYS J 149 -41.39 41.41 17.90
N LYS J 150 -42.69 41.51 18.20
CA LYS J 150 -43.13 41.93 19.53
C LYS J 150 -42.87 40.81 20.53
N ARG J 151 -43.05 39.56 20.09
CA ARG J 151 -43.01 38.44 21.02
C ARG J 151 -41.57 37.94 21.20
N TYR J 152 -40.62 38.37 20.36
CA TYR J 152 -39.25 37.88 20.45
C TYR J 152 -38.69 38.17 21.84
N ASN J 153 -37.86 37.26 22.35
CA ASN J 153 -37.42 37.30 23.74
C ASN J 153 -35.92 36.99 23.84
N GLU J 154 -35.52 35.75 23.55
CA GLU J 154 -34.13 35.34 23.72
C GLU J 154 -33.74 34.36 22.62
N ALA J 155 -32.43 34.13 22.47
CA ALA J 155 -31.91 33.05 21.65
C ALA J 155 -30.90 32.24 22.47
N ARG J 156 -30.68 30.97 22.07
CA ARG J 156 -29.72 30.09 22.72
C ARG J 156 -28.91 29.34 21.67
N ARG J 157 -27.59 29.24 21.87
CA ARG J 157 -26.75 28.43 21.00
C ARG J 157 -26.44 27.14 21.75
N VAL J 158 -26.68 26.01 21.09
CA VAL J 158 -26.58 24.73 21.76
C VAL J 158 -25.65 23.81 20.96
N LEU J 159 -24.81 24.39 20.10
CA LEU J 159 -23.98 23.62 19.17
C LEU J 159 -22.51 24.06 19.24
N SER J 160 -21.65 23.12 19.67
CA SER J 160 -20.25 22.96 19.28
C SER J 160 -19.49 22.13 20.33
N HIS J 165 -10.34 22.12 27.27
CA HIS J 165 -10.00 23.00 28.41
C HIS J 165 -10.98 24.18 28.46
N HIS J 166 -11.86 24.24 29.48
CA HIS J 166 -12.84 25.32 29.64
C HIS J 166 -12.24 26.45 30.49
N HIS J 167 -12.41 27.71 30.05
CA HIS J 167 -12.08 28.88 30.88
C HIS J 167 -13.08 28.97 32.03
N HIS J 168 -12.66 29.56 33.16
CA HIS J 168 -13.47 29.65 34.39
C HIS J 168 -13.53 31.12 34.86
N SER K 22 -17.84 -24.12 -24.38
CA SER K 22 -17.39 -22.71 -24.21
C SER K 22 -17.10 -22.39 -22.74
N SER K 23 -16.14 -21.48 -22.54
CA SER K 23 -16.04 -20.65 -21.35
C SER K 23 -17.20 -19.65 -21.26
N LEU K 24 -17.83 -19.39 -22.43
CA LEU K 24 -18.83 -18.35 -22.57
C LEU K 24 -20.23 -18.95 -22.41
N GLN K 25 -20.29 -20.24 -22.08
CA GLN K 25 -21.58 -20.90 -21.88
C GLN K 25 -22.07 -20.53 -20.47
N ALA K 26 -21.12 -20.37 -19.54
CA ALA K 26 -21.35 -19.63 -18.31
C ALA K 26 -21.50 -18.16 -18.64
N SER K 27 -22.54 -17.52 -18.09
CA SER K 27 -22.73 -16.07 -18.18
C SER K 27 -21.63 -15.38 -17.37
N GLN K 28 -21.61 -14.04 -17.42
CA GLN K 28 -20.69 -13.24 -16.62
C GLN K 28 -21.01 -13.41 -15.14
N ASP K 29 -22.30 -13.50 -14.80
CA ASP K 29 -22.72 -13.73 -13.43
C ASP K 29 -22.20 -15.05 -12.89
N GLU K 30 -22.36 -16.16 -13.65
CA GLU K 30 -21.90 -17.46 -13.20
C GLU K 30 -20.40 -17.33 -12.90
N PHE K 31 -19.67 -16.66 -13.81
CA PHE K 31 -18.24 -16.47 -13.71
C PHE K 31 -17.86 -15.74 -12.41
N GLU K 32 -18.52 -14.60 -12.14
CA GLU K 32 -18.27 -13.83 -10.93
C GLU K 32 -18.50 -14.70 -9.69
N ASN K 33 -19.46 -15.65 -9.73
CA ASN K 33 -19.70 -16.55 -8.61
C ASN K 33 -18.63 -17.64 -8.52
N LEU K 34 -18.27 -18.26 -9.65
CA LEU K 34 -17.23 -19.25 -9.64
C LEU K 34 -15.97 -18.61 -9.04
N VAL K 35 -15.61 -17.41 -9.51
CA VAL K 35 -14.43 -16.70 -9.02
C VAL K 35 -14.54 -16.49 -7.51
N ARG K 36 -15.71 -16.12 -7.01
CA ARG K 36 -15.83 -15.85 -5.59
C ARG K 36 -15.76 -17.16 -4.78
N ASN K 37 -16.24 -18.26 -5.35
CA ASN K 37 -16.46 -19.45 -4.54
C ASN K 37 -15.38 -20.49 -4.80
N VAL K 38 -14.41 -20.21 -5.68
CA VAL K 38 -13.48 -21.25 -6.10
C VAL K 38 -12.50 -21.57 -4.96
N ASP K 39 -12.25 -20.57 -4.11
CA ASP K 39 -11.24 -20.71 -3.07
C ASP K 39 -11.85 -21.12 -1.73
N VAL K 40 -13.11 -21.56 -1.73
CA VAL K 40 -13.82 -21.75 -0.49
C VAL K 40 -13.23 -22.95 0.26
N LYS K 41 -12.95 -24.03 -0.45
CA LYS K 41 -12.32 -25.14 0.24
C LYS K 41 -11.00 -24.68 0.86
N SER K 42 -10.22 -23.94 0.08
CA SER K 42 -8.87 -23.59 0.50
C SER K 42 -8.90 -22.67 1.71
N ARG K 43 -9.98 -21.90 1.89
CA ARG K 43 -10.09 -21.01 3.04
C ARG K 43 -10.43 -21.82 4.29
N ILE K 44 -11.35 -22.77 4.14
CA ILE K 44 -11.65 -23.71 5.21
C ILE K 44 -10.40 -24.45 5.65
N MET K 45 -9.51 -24.77 4.71
CA MET K 45 -8.31 -25.54 5.00
C MET K 45 -7.23 -24.64 5.61
N ASP K 46 -7.28 -23.35 5.30
CA ASP K 46 -6.50 -22.33 5.99
C ASP K 46 -6.87 -22.34 7.49
N GLN K 47 -8.17 -22.39 7.79
CA GLN K 47 -8.57 -22.50 9.17
C GLN K 47 -7.97 -23.76 9.77
N TYR K 48 -8.14 -24.91 9.07
CA TYR K 48 -7.62 -26.20 9.53
C TYR K 48 -6.10 -26.17 9.78
N ALA K 49 -5.33 -25.54 8.90
CA ALA K 49 -3.88 -25.42 9.11
C ALA K 49 -3.54 -24.86 10.49
N ASP K 50 -4.33 -23.90 11.00
CA ASP K 50 -4.05 -23.24 12.28
C ASP K 50 -4.73 -23.95 13.44
N TRP K 51 -5.75 -24.76 13.13
CA TRP K 51 -6.64 -25.26 14.15
C TRP K 51 -6.52 -26.76 14.32
N LYS K 52 -5.78 -27.43 13.42
CA LYS K 52 -5.73 -28.89 13.45
C LYS K 52 -5.05 -29.35 14.73
N GLY K 53 -5.72 -30.25 15.46
CA GLY K 53 -5.14 -30.90 16.63
C GLY K 53 -5.48 -30.20 17.94
N VAL K 54 -6.09 -29.00 17.86
CA VAL K 54 -6.64 -28.33 19.02
C VAL K 54 -7.68 -29.30 19.64
N ARG K 55 -7.63 -29.44 20.97
CA ARG K 55 -8.39 -30.48 21.66
C ARG K 55 -9.86 -30.07 21.82
N TYR K 56 -10.73 -31.04 22.13
CA TYR K 56 -12.10 -30.78 22.50
C TYR K 56 -12.13 -30.19 23.92
N ARG K 57 -12.89 -29.09 24.11
CA ARG K 57 -13.40 -28.74 25.43
C ARG K 57 -14.85 -28.29 25.25
N LEU K 58 -15.75 -28.81 26.09
CA LEU K 58 -17.16 -28.44 26.05
C LEU K 58 -17.29 -26.98 26.45
N GLY K 59 -17.87 -26.17 25.55
CA GLY K 59 -18.08 -24.75 25.78
C GLY K 59 -16.82 -23.91 25.55
N GLY K 60 -15.81 -24.49 24.88
CA GLY K 60 -14.59 -23.78 24.53
C GLY K 60 -14.74 -23.07 23.20
N SER K 61 -14.04 -21.92 23.07
CA SER K 61 -14.02 -21.11 21.84
C SER K 61 -12.58 -20.73 21.46
N THR K 62 -11.60 -21.41 22.06
CA THR K 62 -10.23 -20.95 22.16
C THR K 62 -9.30 -22.03 21.60
N LYS K 63 -8.01 -21.70 21.47
CA LYS K 63 -7.02 -22.61 20.93
C LYS K 63 -6.53 -23.61 21.98
N LYS K 64 -6.83 -23.34 23.25
CA LYS K 64 -6.53 -24.29 24.30
C LYS K 64 -7.65 -25.33 24.40
N GLY K 65 -8.75 -25.12 23.65
CA GLY K 65 -9.79 -26.13 23.52
C GLY K 65 -11.09 -25.53 22.99
N ILE K 66 -11.73 -26.26 22.05
CA ILE K 66 -12.92 -25.80 21.36
C ILE K 66 -13.88 -26.99 21.16
N ASP K 67 -15.17 -26.70 20.97
CA ASP K 67 -16.19 -27.72 20.72
C ASP K 67 -16.66 -27.60 19.28
N CYS K 68 -17.66 -28.42 18.89
CA CYS K 68 -17.96 -28.64 17.49
C CYS K 68 -18.54 -27.38 16.85
N SER K 69 -19.44 -26.72 17.58
CA SER K 69 -20.17 -25.54 17.13
C SER K 69 -19.28 -24.30 17.19
N GLY K 70 -18.39 -24.29 18.20
CA GLY K 70 -17.40 -23.23 18.37
C GLY K 70 -16.44 -23.16 17.20
N PHE K 71 -16.01 -24.33 16.69
CA PHE K 71 -15.12 -24.39 15.55
C PHE K 71 -15.83 -23.89 14.30
N VAL K 72 -17.10 -24.27 14.17
CA VAL K 72 -17.88 -23.89 13.02
C VAL K 72 -18.09 -22.37 12.98
N GLN K 73 -18.50 -21.81 14.12
CA GLN K 73 -18.79 -20.39 14.23
C GLN K 73 -17.54 -19.59 13.86
N ARG K 74 -16.43 -19.98 14.49
CA ARG K 74 -15.15 -19.32 14.39
C ARG K 74 -14.64 -19.38 12.95
N THR K 75 -14.93 -20.47 12.24
CA THR K 75 -14.40 -20.68 10.91
C THR K 75 -15.11 -19.75 9.92
N PHE K 76 -16.44 -19.75 10.03
CA PHE K 76 -17.29 -18.98 9.14
C PHE K 76 -17.08 -17.49 9.39
N ARG K 77 -16.86 -17.10 10.65
CA ARG K 77 -16.60 -15.69 10.91
C ARG K 77 -15.25 -15.27 10.31
N GLU K 78 -14.19 -16.04 10.58
CA GLU K 78 -12.86 -15.62 10.18
C GLU K 78 -12.65 -15.79 8.69
N GLN K 79 -13.26 -16.78 8.05
CA GLN K 79 -12.88 -17.02 6.66
C GLN K 79 -13.80 -16.25 5.72
N PHE K 80 -15.09 -16.12 6.05
CA PHE K 80 -16.06 -15.56 5.12
C PHE K 80 -16.72 -14.28 5.64
N GLY K 81 -16.55 -13.93 6.92
CA GLY K 81 -17.19 -12.76 7.50
C GLY K 81 -18.58 -13.04 8.06
N LEU K 82 -19.01 -14.32 7.97
CA LEU K 82 -20.37 -14.75 8.22
C LEU K 82 -20.60 -15.01 9.71
N GLU K 83 -21.60 -14.33 10.28
CA GLU K 83 -21.95 -14.49 11.67
C GLU K 83 -22.88 -15.69 11.81
N LEU K 84 -22.55 -16.61 12.72
CA LEU K 84 -23.40 -17.74 13.05
C LEU K 84 -23.62 -17.74 14.55
N PRO K 85 -24.71 -18.38 15.06
CA PRO K 85 -24.93 -18.53 16.50
C PRO K 85 -23.98 -19.52 17.18
N ARG K 86 -23.91 -19.49 18.51
CA ARG K 86 -22.95 -20.27 19.28
C ARG K 86 -23.28 -21.75 19.25
N SER K 87 -24.55 -22.08 19.53
CA SER K 87 -24.92 -23.46 19.84
C SER K 87 -25.13 -24.25 18.56
N THR K 88 -24.98 -25.57 18.70
CA THR K 88 -25.14 -26.47 17.58
C THR K 88 -26.64 -26.50 17.25
N TYR K 89 -27.46 -26.31 18.29
CA TYR K 89 -28.91 -26.21 18.18
C TYR K 89 -29.38 -25.11 17.21
N GLU K 90 -28.81 -23.90 17.29
CA GLU K 90 -29.32 -22.79 16.49
C GLU K 90 -28.71 -22.77 15.08
N GLN K 91 -27.49 -23.30 14.96
CA GLN K 91 -26.83 -23.43 13.68
C GLN K 91 -27.61 -24.39 12.78
N GLN K 92 -28.28 -25.40 13.35
CA GLN K 92 -28.99 -26.39 12.54
C GLN K 92 -30.24 -25.75 11.91
N GLU K 93 -30.77 -24.68 12.53
CA GLU K 93 -31.98 -24.04 12.05
C GLU K 93 -31.64 -22.96 11.02
N MET K 94 -30.33 -22.72 10.79
CA MET K 94 -29.81 -21.67 9.94
C MET K 94 -29.70 -22.16 8.50
N GLY K 95 -29.96 -21.25 7.56
CA GLY K 95 -29.88 -21.58 6.15
C GLY K 95 -30.87 -22.68 5.74
N LYS K 96 -30.64 -23.21 4.54
CA LYS K 96 -31.52 -24.14 3.83
C LYS K 96 -31.08 -25.59 4.07
N SER K 97 -32.06 -26.51 4.12
CA SER K 97 -31.76 -27.92 4.28
C SER K 97 -31.21 -28.50 2.97
N VAL K 98 -30.39 -29.56 3.08
CA VAL K 98 -29.71 -30.12 1.93
C VAL K 98 -29.71 -31.64 2.01
N SER K 99 -30.02 -32.26 0.86
CA SER K 99 -30.00 -33.71 0.76
C SER K 99 -28.57 -34.12 0.46
N ARG K 100 -28.26 -35.40 0.68
CA ARG K 100 -26.88 -35.82 0.78
C ARG K 100 -26.17 -35.73 -0.57
N SER K 101 -26.91 -35.79 -1.69
CA SER K 101 -26.30 -35.79 -3.02
C SER K 101 -26.22 -34.40 -3.66
N ASN K 102 -26.52 -33.30 -2.94
CA ASN K 102 -26.20 -31.96 -3.42
C ASN K 102 -25.32 -31.24 -2.40
N LEU K 103 -24.77 -31.99 -1.43
CA LEU K 103 -23.79 -31.45 -0.49
C LEU K 103 -22.69 -30.78 -1.28
N ARG K 104 -22.15 -29.70 -0.70
CA ARG K 104 -21.27 -28.78 -1.38
C ARG K 104 -20.29 -28.24 -0.35
N THR K 105 -19.07 -27.92 -0.74
CA THR K 105 -18.11 -27.47 0.27
C THR K 105 -18.64 -26.25 1.01
N GLY K 106 -18.61 -26.30 2.34
CA GLY K 106 -19.06 -25.19 3.18
C GLY K 106 -20.44 -25.41 3.79
N ASP K 107 -21.10 -26.50 3.36
CA ASP K 107 -22.33 -26.96 3.98
C ASP K 107 -21.98 -27.48 5.37
N LEU K 108 -22.80 -27.15 6.37
CA LEU K 108 -22.76 -27.82 7.67
C LEU K 108 -23.39 -29.20 7.56
N VAL K 109 -22.77 -30.17 8.26
CA VAL K 109 -23.26 -31.54 8.34
C VAL K 109 -23.49 -31.86 9.80
N LEU K 110 -24.59 -32.57 10.11
CA LEU K 110 -25.04 -32.74 11.47
C LEU K 110 -25.23 -34.23 11.76
N PHE K 111 -24.77 -34.66 12.95
CA PHE K 111 -24.79 -36.05 13.38
C PHE K 111 -25.53 -36.15 14.71
N ARG K 112 -25.43 -37.30 15.42
CA ARG K 112 -26.15 -37.54 16.66
C ARG K 112 -25.24 -38.21 17.69
N GLY K 117 -27.22 -34.01 22.32
CA GLY K 117 -28.08 -33.94 21.12
C GLY K 117 -27.29 -34.21 19.85
N ARG K 118 -26.67 -33.15 19.30
CA ARG K 118 -26.15 -33.18 17.94
C ARG K 118 -24.70 -32.74 17.89
N HIS K 119 -24.05 -33.03 16.76
CA HIS K 119 -22.67 -32.70 16.50
C HIS K 119 -22.61 -32.10 15.11
N VAL K 120 -21.78 -31.06 14.94
CA VAL K 120 -21.70 -30.37 13.66
C VAL K 120 -20.27 -30.37 13.13
N GLY K 121 -20.16 -30.49 11.80
CA GLY K 121 -18.93 -30.18 11.08
C GLY K 121 -19.21 -29.48 9.75
N ILE K 122 -18.13 -29.21 9.02
CA ILE K 122 -18.19 -28.53 7.72
C ILE K 122 -17.77 -29.54 6.64
N TYR K 123 -18.63 -29.72 5.64
CA TYR K 123 -18.33 -30.60 4.51
C TYR K 123 -17.29 -29.93 3.63
N ILE K 124 -16.41 -30.72 3.00
CA ILE K 124 -15.33 -30.19 2.17
C ILE K 124 -15.16 -30.97 0.84
N GLY K 125 -16.13 -31.81 0.47
CA GLY K 125 -16.08 -32.58 -0.76
C GLY K 125 -15.63 -34.01 -0.50
N ASN K 126 -15.91 -34.92 -1.44
CA ASN K 126 -15.27 -36.24 -1.45
C ASN K 126 -15.56 -37.00 -0.15
N ASN K 127 -16.78 -36.77 0.38
CA ASN K 127 -17.32 -37.43 1.56
C ASN K 127 -16.46 -37.13 2.80
N GLN K 128 -15.86 -35.93 2.88
CA GLN K 128 -15.03 -35.55 3.99
C GLN K 128 -15.61 -34.35 4.74
N PHE K 129 -15.27 -34.21 6.03
CA PHE K 129 -15.66 -33.02 6.78
C PHE K 129 -14.64 -32.70 7.88
N VAL K 130 -14.46 -31.40 8.13
CA VAL K 130 -13.64 -30.89 9.22
C VAL K 130 -14.56 -30.71 10.41
N HIS K 131 -14.05 -30.97 11.60
CA HIS K 131 -14.86 -30.83 12.78
C HIS K 131 -13.96 -30.96 13.99
N ALA K 132 -14.49 -30.48 15.13
CA ALA K 132 -13.80 -30.66 16.39
C ALA K 132 -14.43 -31.89 17.05
N SER K 133 -13.72 -33.02 16.98
CA SER K 133 -14.24 -34.30 17.45
C SER K 133 -14.00 -34.39 18.95
N THR K 134 -14.83 -35.18 19.66
CA THR K 134 -14.79 -35.19 21.12
C THR K 134 -13.61 -36.02 21.61
N SER K 135 -13.00 -36.81 20.72
CA SER K 135 -11.94 -37.75 21.06
C SER K 135 -10.57 -37.30 20.53
N SER K 136 -10.54 -36.58 19.41
CA SER K 136 -9.30 -36.41 18.66
C SER K 136 -8.97 -34.94 18.39
N GLY K 137 -9.81 -34.00 18.82
CA GLY K 137 -9.62 -32.60 18.49
C GLY K 137 -10.16 -32.26 17.10
N VAL K 138 -9.65 -31.17 16.51
CA VAL K 138 -10.03 -30.74 15.17
C VAL K 138 -9.32 -31.63 14.16
N ILE K 139 -10.10 -32.31 13.30
CA ILE K 139 -9.60 -33.29 12.35
C ILE K 139 -10.47 -33.30 11.09
N ILE K 140 -9.99 -34.02 10.07
CA ILE K 140 -10.81 -34.40 8.94
C ILE K 140 -11.29 -35.84 9.13
N SER K 141 -12.62 -36.03 9.05
CA SER K 141 -13.22 -37.34 9.07
C SER K 141 -13.86 -37.61 7.73
N SER K 142 -14.13 -38.89 7.47
CA SER K 142 -14.93 -39.29 6.31
C SER K 142 -16.31 -39.63 6.82
N MET K 143 -17.31 -39.43 5.96
CA MET K 143 -18.70 -39.60 6.32
C MET K 143 -19.15 -41.03 6.07
N ASN K 144 -18.23 -41.85 5.56
CA ASN K 144 -18.40 -43.28 5.40
C ASN K 144 -17.73 -44.04 6.54
N GLU K 145 -16.88 -43.38 7.34
CA GLU K 145 -16.44 -43.98 8.59
C GLU K 145 -17.69 -44.48 9.31
N PRO K 146 -17.82 -45.82 9.57
CA PRO K 146 -19.02 -46.38 10.18
C PRO K 146 -19.70 -45.54 11.28
N TYR K 147 -18.90 -45.04 12.22
CA TYR K 147 -19.40 -44.32 13.38
C TYR K 147 -20.26 -43.11 12.97
N TRP K 148 -19.89 -42.48 11.85
CA TRP K 148 -20.50 -41.26 11.37
C TRP K 148 -21.53 -41.47 10.26
N LYS K 149 -21.40 -42.58 9.54
CA LYS K 149 -22.36 -42.98 8.52
C LYS K 149 -23.72 -43.25 9.16
N LYS K 150 -23.73 -43.99 10.28
CA LYS K 150 -24.94 -44.27 11.06
C LYS K 150 -25.70 -42.99 11.41
N ARG K 151 -24.98 -41.98 11.92
CA ARG K 151 -25.59 -40.92 12.70
C ARG K 151 -25.89 -39.69 11.84
N TYR K 152 -25.43 -39.68 10.56
CA TYR K 152 -25.66 -38.53 9.70
C TYR K 152 -27.15 -38.24 9.66
N ASN K 153 -27.55 -37.08 10.20
CA ASN K 153 -28.95 -36.72 10.37
C ASN K 153 -29.38 -35.76 9.25
N GLU K 154 -28.60 -34.69 9.04
CA GLU K 154 -29.05 -33.54 8.25
C GLU K 154 -27.84 -32.73 7.81
N ALA K 155 -28.08 -31.85 6.82
CA ALA K 155 -27.10 -30.88 6.34
C ALA K 155 -27.78 -29.56 6.01
N ARG K 156 -27.08 -28.43 6.30
CA ARG K 156 -27.59 -27.08 6.14
C ARG K 156 -26.65 -26.23 5.30
N ARG K 157 -27.16 -25.60 4.24
CA ARG K 157 -26.38 -24.61 3.51
C ARG K 157 -26.58 -23.24 4.15
N VAL K 158 -25.48 -22.59 4.56
CA VAL K 158 -25.56 -21.38 5.36
C VAL K 158 -24.96 -20.20 4.60
N LEU K 159 -24.02 -20.49 3.69
CA LEU K 159 -23.30 -19.47 2.93
C LEU K 159 -23.87 -19.38 1.52
N SER K 160 -24.39 -18.22 1.11
CA SER K 160 -24.96 -18.08 -0.22
C SER K 160 -23.83 -17.91 -1.23
N ARG K 161 -24.16 -17.91 -2.52
CA ARG K 161 -23.16 -17.79 -3.57
C ARG K 161 -22.43 -16.44 -3.50
N SER K 162 -23.12 -15.39 -3.04
CA SER K 162 -22.48 -14.10 -2.83
C SER K 162 -21.93 -13.95 -1.41
N HIS K 163 -21.83 -15.08 -0.67
CA HIS K 163 -21.33 -15.17 0.70
C HIS K 163 -22.08 -14.25 1.64
N HIS K 164 -23.40 -14.16 1.46
CA HIS K 164 -24.33 -13.69 2.47
C HIS K 164 -24.82 -14.96 3.15
N HIS K 165 -25.90 -14.90 3.92
CA HIS K 165 -26.49 -16.13 4.44
C HIS K 165 -27.54 -16.68 3.47
N HIS K 166 -27.52 -18.00 3.26
CA HIS K 166 -28.45 -18.66 2.36
C HIS K 166 -29.88 -18.50 2.87
N HIS K 167 -30.84 -18.42 1.93
CA HIS K 167 -32.24 -18.17 2.21
C HIS K 167 -32.84 -19.39 2.92
N HIS K 168 -34.07 -19.23 3.39
CA HIS K 168 -34.84 -20.35 3.90
C HIS K 168 -35.85 -20.78 2.82
N SER L 22 12.78 -1.27 -32.86
CA SER L 22 13.09 -2.16 -31.70
C SER L 22 11.81 -2.82 -31.21
N SER L 23 11.99 -3.89 -30.44
CA SER L 23 10.88 -4.46 -29.71
C SER L 23 10.30 -3.36 -28.80
N LEU L 24 11.19 -2.56 -28.20
CA LEU L 24 10.75 -1.63 -27.18
C LEU L 24 9.96 -0.46 -27.78
N GLN L 25 10.45 0.16 -28.85
CA GLN L 25 9.75 1.33 -29.38
C GLN L 25 8.36 0.96 -29.88
N ALA L 26 8.23 -0.22 -30.47
CA ALA L 26 6.95 -0.68 -30.99
C ALA L 26 5.98 -0.88 -29.84
N SER L 27 6.51 -1.38 -28.71
CA SER L 27 5.75 -1.65 -27.50
C SER L 27 5.33 -0.36 -26.81
N GLN L 28 6.18 0.66 -26.91
CA GLN L 28 5.87 1.94 -26.30
C GLN L 28 4.79 2.65 -27.11
N ASP L 29 4.94 2.58 -28.44
CA ASP L 29 3.97 3.11 -29.39
C ASP L 29 2.62 2.42 -29.22
N GLU L 30 2.61 1.09 -29.14
CA GLU L 30 1.38 0.35 -28.91
C GLU L 30 0.75 0.75 -27.57
N PHE L 31 1.57 0.94 -26.53
CA PHE L 31 1.06 1.19 -25.18
C PHE L 31 0.41 2.57 -25.11
N GLU L 32 1.07 3.57 -25.69
CA GLU L 32 0.55 4.92 -25.76
C GLU L 32 -0.81 4.96 -26.47
N ASN L 33 -0.98 4.16 -27.52
CA ASN L 33 -2.25 4.07 -28.21
C ASN L 33 -3.33 3.50 -27.29
N LEU L 34 -3.01 2.43 -26.55
CA LEU L 34 -3.95 1.76 -25.66
C LEU L 34 -4.51 2.70 -24.60
N VAL L 35 -3.63 3.47 -23.95
CA VAL L 35 -3.95 4.11 -22.68
C VAL L 35 -4.50 5.53 -22.90
N ARG L 36 -4.05 6.19 -23.98
CA ARG L 36 -4.52 7.51 -24.36
C ARG L 36 -5.93 7.43 -24.92
N ASN L 37 -6.91 7.87 -24.15
CA ASN L 37 -8.28 7.94 -24.63
C ASN L 37 -8.48 9.37 -25.15
N VAL L 38 -8.03 9.61 -26.40
CA VAL L 38 -7.94 10.95 -26.98
C VAL L 38 -9.33 11.58 -27.13
N ASP L 39 -9.45 12.89 -26.80
CA ASP L 39 -10.69 13.63 -27.04
C ASP L 39 -10.53 14.47 -28.31
N VAL L 40 -11.08 13.94 -29.42
CA VAL L 40 -10.69 14.35 -30.76
C VAL L 40 -11.16 15.79 -31.00
N LYS L 41 -12.43 16.08 -30.68
CA LYS L 41 -12.96 17.42 -30.89
C LYS L 41 -12.21 18.41 -30.01
N SER L 42 -12.17 18.11 -28.71
CA SER L 42 -11.57 19.03 -27.76
C SER L 42 -10.12 19.37 -28.13
N ARG L 43 -9.44 18.47 -28.86
CA ARG L 43 -8.04 18.71 -29.24
C ARG L 43 -7.96 19.59 -30.50
N ILE L 44 -8.90 19.40 -31.43
CA ILE L 44 -8.98 20.20 -32.64
C ILE L 44 -9.28 21.65 -32.24
N MET L 45 -10.15 21.80 -31.23
CA MET L 45 -10.60 23.13 -30.80
C MET L 45 -9.52 23.81 -29.95
N ASP L 46 -8.56 23.04 -29.42
CA ASP L 46 -7.38 23.62 -28.80
C ASP L 46 -6.49 24.22 -29.87
N GLN L 47 -6.33 23.49 -31.00
CA GLN L 47 -5.56 24.01 -32.13
C GLN L 47 -6.26 25.25 -32.68
N TYR L 48 -7.57 25.15 -32.95
CA TYR L 48 -8.34 26.25 -33.48
C TYR L 48 -8.23 27.49 -32.62
N ALA L 49 -8.38 27.30 -31.29
CA ALA L 49 -8.36 28.43 -30.38
C ALA L 49 -7.00 29.11 -30.43
N ASP L 50 -5.93 28.34 -30.64
CA ASP L 50 -4.58 28.87 -30.70
C ASP L 50 -4.30 29.52 -32.07
N TRP L 51 -4.95 29.02 -33.14
CA TRP L 51 -4.66 29.39 -34.50
C TRP L 51 -5.74 30.30 -35.11
N LYS L 52 -6.79 30.70 -34.37
CA LYS L 52 -7.81 31.61 -34.90
C LYS L 52 -7.19 32.70 -35.76
N GLY L 53 -7.84 33.01 -36.89
CA GLY L 53 -7.57 34.21 -37.65
C GLY L 53 -6.13 34.37 -38.14
N VAL L 54 -5.31 33.32 -38.08
CA VAL L 54 -3.96 33.34 -38.64
C VAL L 54 -4.08 33.39 -40.15
N ARG L 55 -3.29 34.27 -40.77
CA ARG L 55 -3.53 34.72 -42.14
C ARG L 55 -3.13 33.61 -43.10
N TYR L 56 -3.77 33.60 -44.27
CA TYR L 56 -3.36 32.76 -45.37
C TYR L 56 -2.00 33.18 -45.92
N ARG L 57 -1.11 32.21 -46.08
CA ARG L 57 0.04 32.31 -46.97
C ARG L 57 0.19 30.96 -47.65
N LEU L 58 0.36 30.98 -48.96
CA LEU L 58 0.42 29.74 -49.74
C LEU L 58 1.76 29.07 -49.47
N GLY L 59 1.67 27.80 -49.09
CA GLY L 59 2.85 27.01 -48.75
C GLY L 59 3.44 27.40 -47.40
N GLY L 60 2.76 28.27 -46.65
CA GLY L 60 3.22 28.63 -45.34
C GLY L 60 2.88 27.52 -44.35
N SER L 61 3.60 27.45 -43.24
CA SER L 61 3.14 26.60 -42.15
C SER L 61 3.68 27.09 -40.83
N THR L 62 3.59 28.40 -40.62
CA THR L 62 3.92 29.03 -39.35
C THR L 62 2.73 29.89 -38.96
N LYS L 63 2.88 30.58 -37.83
CA LYS L 63 1.79 31.32 -37.23
C LYS L 63 1.71 32.72 -37.86
N LYS L 64 2.63 32.99 -38.80
CA LYS L 64 2.60 34.23 -39.56
C LYS L 64 2.18 33.96 -41.01
N GLY L 65 1.55 32.80 -41.26
CA GLY L 65 0.92 32.50 -42.54
C GLY L 65 0.88 31.00 -42.83
N ILE L 66 -0.33 30.45 -43.07
CA ILE L 66 -0.52 29.02 -43.28
C ILE L 66 -1.65 28.77 -44.28
N ASP L 67 -1.46 27.74 -45.12
CA ASP L 67 -2.50 27.31 -46.04
C ASP L 67 -3.23 26.11 -45.44
N CYS L 68 -4.32 25.72 -46.10
CA CYS L 68 -5.29 24.78 -45.54
C CYS L 68 -4.66 23.41 -45.28
N SER L 69 -3.80 22.95 -46.21
CA SER L 69 -3.15 21.64 -46.12
C SER L 69 -2.03 21.67 -45.08
N GLY L 70 -1.33 22.81 -45.00
CA GLY L 70 -0.30 23.04 -43.99
C GLY L 70 -0.88 23.04 -42.58
N PHE L 71 -2.09 23.55 -42.43
CA PHE L 71 -2.74 23.63 -41.12
C PHE L 71 -3.26 22.25 -40.73
N VAL L 72 -3.75 21.48 -41.71
CA VAL L 72 -4.13 20.09 -41.49
C VAL L 72 -2.93 19.31 -40.95
N GLN L 73 -1.80 19.37 -41.67
CA GLN L 73 -0.62 18.60 -41.34
C GLN L 73 -0.18 18.87 -39.91
N ARG L 74 -0.13 20.15 -39.53
CA ARG L 74 0.27 20.57 -38.21
C ARG L 74 -0.77 20.14 -37.18
N THR L 75 -2.06 20.22 -37.51
CA THR L 75 -3.09 19.87 -36.54
C THR L 75 -2.94 18.40 -36.15
N PHE L 76 -2.71 17.55 -37.13
CA PHE L 76 -2.65 16.12 -36.87
C PHE L 76 -1.35 15.77 -36.14
N ARG L 77 -0.22 16.36 -36.54
CA ARG L 77 1.04 16.08 -35.87
C ARG L 77 0.98 16.51 -34.42
N GLU L 78 0.48 17.72 -34.16
CA GLU L 78 0.65 18.31 -32.83
C GLU L 78 -0.41 17.78 -31.85
N GLN L 79 -1.54 17.27 -32.35
CA GLN L 79 -2.61 16.86 -31.46
C GLN L 79 -2.79 15.34 -31.48
N PHE L 80 -2.14 14.64 -32.42
CA PHE L 80 -2.36 13.22 -32.57
C PHE L 80 -1.06 12.48 -32.89
N GLY L 81 0.07 13.19 -32.98
CA GLY L 81 1.32 12.61 -33.44
C GLY L 81 1.18 11.79 -34.72
N LEU L 82 0.22 12.18 -35.57
CA LEU L 82 0.04 11.55 -36.87
C LEU L 82 0.71 12.44 -37.91
N GLU L 83 1.62 11.84 -38.67
CA GLU L 83 2.42 12.59 -39.61
C GLU L 83 1.77 12.50 -40.97
N LEU L 84 1.15 13.58 -41.42
CA LEU L 84 0.58 13.54 -42.76
C LEU L 84 1.58 14.16 -43.73
N PRO L 85 1.45 13.87 -45.04
CA PRO L 85 2.22 14.58 -46.07
C PRO L 85 1.65 15.98 -46.24
N ARG L 86 2.33 16.79 -47.05
CA ARG L 86 2.11 18.22 -47.04
C ARG L 86 1.24 18.65 -48.22
N SER L 87 1.45 18.07 -49.40
CA SER L 87 0.64 18.35 -50.58
C SER L 87 -0.77 17.77 -50.42
N THR L 88 -1.78 18.43 -51.00
CA THR L 88 -3.16 17.99 -50.84
C THR L 88 -3.48 16.83 -51.78
N TYR L 89 -2.58 16.57 -52.74
CA TYR L 89 -2.68 15.41 -53.61
C TYR L 89 -2.35 14.14 -52.81
N GLU L 90 -1.32 14.19 -51.94
CA GLU L 90 -1.00 13.06 -51.09
C GLU L 90 -1.99 12.95 -49.94
N GLN L 91 -2.55 14.08 -49.49
CA GLN L 91 -3.52 14.10 -48.41
C GLN L 91 -4.93 13.69 -48.86
N GLN L 92 -5.28 13.91 -50.14
CA GLN L 92 -6.58 13.47 -50.65
C GLN L 92 -6.63 11.95 -50.78
N GLU L 93 -5.47 11.29 -50.67
CA GLU L 93 -5.36 9.84 -50.73
C GLU L 93 -4.63 9.28 -49.50
N MET L 94 -4.61 10.05 -48.40
CA MET L 94 -4.15 9.51 -47.13
C MET L 94 -5.35 8.85 -46.48
N GLY L 95 -5.12 7.68 -45.89
CA GLY L 95 -6.13 6.97 -45.10
C GLY L 95 -7.24 6.39 -45.97
N LYS L 96 -8.47 6.51 -45.46
CA LYS L 96 -9.60 5.71 -45.90
C LYS L 96 -10.70 6.64 -46.42
N SER L 97 -11.15 6.44 -47.68
CA SER L 97 -12.17 7.30 -48.26
C SER L 97 -13.50 7.05 -47.56
N VAL L 98 -14.41 8.03 -47.63
CA VAL L 98 -15.58 8.07 -46.78
C VAL L 98 -16.63 8.97 -47.44
N SER L 99 -17.87 8.49 -47.55
CA SER L 99 -18.99 9.34 -47.91
C SER L 99 -19.70 9.76 -46.62
N ARG L 100 -20.58 10.78 -46.77
CA ARG L 100 -20.99 11.67 -45.68
C ARG L 100 -21.90 11.00 -44.64
N SER L 101 -22.58 9.89 -45.01
CA SER L 101 -23.47 9.16 -44.11
C SER L 101 -22.75 8.82 -42.80
N ASN L 102 -21.48 8.40 -42.89
CA ASN L 102 -20.61 8.37 -41.73
C ASN L 102 -19.61 9.52 -41.85
N LEU L 103 -19.37 10.19 -40.71
CA LEU L 103 -18.57 11.42 -40.62
C LEU L 103 -18.41 11.75 -39.13
N ARG L 104 -17.33 11.24 -38.53
CA ARG L 104 -17.02 11.57 -37.16
C ARG L 104 -16.16 12.83 -37.18
N THR L 105 -16.12 13.52 -36.04
CA THR L 105 -15.10 14.50 -35.77
C THR L 105 -13.75 13.98 -36.22
N GLY L 106 -12.95 14.84 -36.87
CA GLY L 106 -11.56 14.51 -37.15
C GLY L 106 -11.33 14.04 -38.59
N ASP L 107 -12.42 13.70 -39.30
CA ASP L 107 -12.30 13.37 -40.71
C ASP L 107 -11.92 14.61 -41.49
N LEU L 108 -11.12 14.43 -42.54
CA LEU L 108 -10.77 15.51 -43.46
C LEU L 108 -11.92 15.68 -44.45
N VAL L 109 -12.18 16.94 -44.82
CA VAL L 109 -13.21 17.26 -45.79
C VAL L 109 -12.57 17.98 -46.97
N LEU L 110 -12.72 17.41 -48.17
CA LEU L 110 -12.12 17.94 -49.38
C LEU L 110 -13.19 18.69 -50.17
N PHE L 111 -12.76 19.78 -50.82
CA PHE L 111 -13.61 20.54 -51.71
C PHE L 111 -12.82 20.80 -53.00
N ARG L 112 -13.53 21.01 -54.11
CA ARG L 112 -12.90 21.01 -55.42
C ARG L 112 -12.02 22.25 -55.58
N ALA L 113 -11.00 22.09 -56.44
CA ALA L 113 -9.96 23.07 -56.75
C ALA L 113 -10.53 24.37 -57.34
N GLY L 114 -10.19 25.49 -56.69
CA GLY L 114 -10.33 26.82 -57.27
C GLY L 114 -8.94 27.43 -57.48
N SER L 115 -8.85 28.76 -57.47
CA SER L 115 -7.59 29.41 -57.78
C SER L 115 -6.63 29.37 -56.59
N THR L 116 -6.63 28.29 -55.81
CA THR L 116 -5.55 28.05 -54.86
C THR L 116 -5.11 26.57 -54.84
N GLY L 117 -5.88 25.68 -55.50
CA GLY L 117 -5.41 24.31 -55.72
C GLY L 117 -6.52 23.28 -55.54
N ARG L 118 -6.89 23.02 -54.26
CA ARG L 118 -7.95 22.11 -53.84
C ARG L 118 -8.12 22.25 -52.33
N HIS L 119 -9.32 22.63 -51.86
CA HIS L 119 -9.46 23.03 -50.46
C HIS L 119 -9.60 21.81 -49.56
N VAL L 120 -9.20 21.93 -48.28
CA VAL L 120 -9.27 20.84 -47.32
C VAL L 120 -9.40 21.39 -45.89
N GLY L 121 -10.41 20.90 -45.17
CA GLY L 121 -10.59 21.23 -43.77
C GLY L 121 -10.83 19.99 -42.89
N ILE L 122 -11.13 20.25 -41.61
CA ILE L 122 -11.25 19.20 -40.62
C ILE L 122 -12.65 19.28 -40.04
N TYR L 123 -13.43 18.19 -40.17
CA TYR L 123 -14.76 18.11 -39.59
C TYR L 123 -14.68 18.20 -38.08
N ILE L 124 -15.62 18.96 -37.49
CA ILE L 124 -15.53 19.36 -36.09
C ILE L 124 -16.85 19.01 -35.39
N GLY L 125 -17.75 18.31 -36.11
CA GLY L 125 -19.04 17.92 -35.56
C GLY L 125 -20.08 19.04 -35.67
N ASN L 126 -21.34 18.63 -35.89
CA ASN L 126 -22.47 19.55 -35.86
C ASN L 126 -22.45 20.43 -37.12
N ASN L 127 -22.04 19.83 -38.27
CA ASN L 127 -22.10 20.42 -39.61
C ASN L 127 -21.01 21.49 -39.85
N GLN L 128 -19.94 21.50 -39.05
CA GLN L 128 -18.93 22.56 -39.16
C GLN L 128 -17.57 21.95 -39.50
N PHE L 129 -16.63 22.80 -39.94
CA PHE L 129 -15.25 22.39 -40.18
C PHE L 129 -14.28 23.55 -39.92
N VAL L 130 -13.06 23.21 -39.48
CA VAL L 130 -11.97 24.16 -39.37
C VAL L 130 -11.13 24.06 -40.62
N HIS L 131 -10.63 25.21 -41.08
CA HIS L 131 -9.78 25.27 -42.25
C HIS L 131 -9.08 26.62 -42.27
N ALA L 132 -8.03 26.72 -43.10
CA ALA L 132 -7.42 28.00 -43.42
C ALA L 132 -8.04 28.56 -44.70
N SER L 133 -8.98 29.51 -44.53
CA SER L 133 -9.60 30.23 -45.64
C SER L 133 -8.63 31.28 -46.15
N THR L 134 -8.80 31.66 -47.42
CA THR L 134 -7.97 32.72 -47.99
C THR L 134 -8.49 34.09 -47.51
N SER L 135 -9.76 34.14 -47.11
CA SER L 135 -10.45 35.40 -46.94
C SER L 135 -10.48 35.83 -45.47
N SER L 136 -10.34 34.87 -44.53
CA SER L 136 -10.39 35.19 -43.11
C SER L 136 -9.30 34.49 -42.30
N GLY L 137 -8.38 33.77 -42.97
CA GLY L 137 -7.40 32.94 -42.28
C GLY L 137 -8.01 31.69 -41.67
N VAL L 138 -7.53 31.26 -40.50
CA VAL L 138 -8.05 30.06 -39.86
C VAL L 138 -9.39 30.38 -39.17
N ILE L 139 -10.43 29.61 -39.54
CA ILE L 139 -11.79 29.84 -39.07
C ILE L 139 -12.56 28.54 -39.08
N ILE L 140 -13.64 28.53 -38.28
CA ILE L 140 -14.72 27.56 -38.39
C ILE L 140 -15.74 28.10 -39.39
N SER L 141 -16.35 27.19 -40.15
CA SER L 141 -17.36 27.51 -41.14
C SER L 141 -18.48 26.49 -40.96
N SER L 142 -19.47 26.46 -41.86
CA SER L 142 -20.36 25.31 -41.90
C SER L 142 -20.45 24.77 -43.33
N MET L 143 -20.90 23.51 -43.46
CA MET L 143 -20.94 22.83 -44.73
C MET L 143 -22.22 23.23 -45.46
N ASN L 144 -23.14 23.89 -44.73
CA ASN L 144 -24.47 24.29 -45.22
C ASN L 144 -24.45 25.68 -45.87
N GLU L 145 -23.38 26.47 -45.63
CA GLU L 145 -23.13 27.71 -46.35
C GLU L 145 -23.01 27.39 -47.85
N PRO L 146 -23.91 27.90 -48.74
CA PRO L 146 -23.96 27.48 -50.16
C PRO L 146 -22.70 27.43 -51.04
N TYR L 147 -21.65 28.19 -50.71
CA TYR L 147 -20.41 28.12 -51.47
C TYR L 147 -19.80 26.71 -51.38
N TRP L 148 -19.69 26.21 -50.13
CA TRP L 148 -19.06 24.96 -49.80
C TRP L 148 -19.93 23.73 -50.08
N LYS L 149 -21.23 23.84 -49.78
CA LYS L 149 -22.19 22.79 -50.07
C LYS L 149 -22.01 22.33 -51.53
N LYS L 150 -21.84 23.30 -52.44
CA LYS L 150 -21.69 23.03 -53.85
C LYS L 150 -20.31 22.44 -54.14
N ARG L 151 -19.28 23.04 -53.51
CA ARG L 151 -17.89 22.68 -53.75
C ARG L 151 -17.55 21.36 -53.03
N TYR L 152 -18.34 20.99 -52.01
CA TYR L 152 -18.09 19.78 -51.26
C TYR L 152 -17.94 18.60 -52.22
N ASN L 153 -16.94 17.77 -51.92
CA ASN L 153 -16.49 16.72 -52.81
C ASN L 153 -16.45 15.42 -52.00
N GLU L 154 -15.50 15.33 -51.06
CA GLU L 154 -15.06 14.04 -50.55
C GLU L 154 -14.53 14.18 -49.12
N ALA L 155 -14.53 13.07 -48.39
CA ALA L 155 -13.92 12.98 -47.06
C ALA L 155 -12.84 11.90 -47.05
N ARG L 156 -11.96 11.99 -46.04
CA ARG L 156 -10.99 10.95 -45.71
C ARG L 156 -10.94 10.85 -44.19
N ARG L 157 -10.91 9.61 -43.67
CA ARG L 157 -10.66 9.34 -42.26
C ARG L 157 -9.18 8.97 -42.09
N VAL L 158 -8.52 9.58 -41.12
CA VAL L 158 -7.09 9.32 -40.98
C VAL L 158 -6.76 8.94 -39.54
N LEU L 159 -7.64 9.28 -38.58
CA LEU L 159 -7.54 8.74 -37.24
C LEU L 159 -8.23 7.38 -37.19
N SER L 160 -7.59 6.42 -36.53
CA SER L 160 -8.20 5.13 -36.32
C SER L 160 -7.37 4.35 -35.30
N ARG L 161 -8.05 3.36 -34.70
CA ARG L 161 -7.44 2.36 -33.85
C ARG L 161 -6.87 1.27 -34.77
N SER L 162 -5.53 1.25 -34.94
CA SER L 162 -4.89 0.25 -35.79
C SER L 162 -4.84 -1.09 -35.05
N HIS L 163 -4.98 -2.19 -35.81
CA HIS L 163 -5.25 -3.51 -35.24
C HIS L 163 -4.00 -4.38 -35.37
N HIS L 164 -3.97 -5.45 -34.55
CA HIS L 164 -2.85 -6.39 -34.51
C HIS L 164 -2.96 -7.37 -35.69
N HIS L 165 -4.03 -8.19 -35.72
CA HIS L 165 -4.31 -9.10 -36.83
C HIS L 165 -5.00 -8.32 -37.95
N HIS L 166 -4.67 -8.63 -39.22
CA HIS L 166 -5.15 -7.88 -40.37
C HIS L 166 -5.86 -8.82 -41.34
N HIS L 167 -7.09 -8.46 -41.73
CA HIS L 167 -7.83 -9.20 -42.75
C HIS L 167 -7.19 -8.91 -44.12
N HIS L 168 -7.34 -9.89 -45.05
CA HIS L 168 -6.67 -9.91 -46.36
C HIS L 168 -7.69 -10.25 -47.46
#